data_5L26
#
_entry.id   5L26
#
_cell.length_a   115.220
_cell.length_b   115.220
_cell.length_c   264.028
_cell.angle_alpha   90.00
_cell.angle_beta   90.00
_cell.angle_gamma   120.00
#
_symmetry.space_group_name_H-M   'P 61'
#
loop_
_entity.id
_entity.type
_entity.pdbx_description
1 polymer 'Nucleoside permease'
2 non-polymer '2-{[(4-O-alpha-D-glucopyranosyl-beta-D-glucopyranosyl)oxy]methyl}-2-octyldecyl 4-O-alpha-D-glucopyranosyl-beta-D-glucopyranoside'
3 non-polymer URIDINE
4 non-polymer 'SODIUM ION'
5 water water
#
_entity_poly.entity_id   1
_entity_poly.type   'polypeptide(L)'
_entity_poly.pdbx_seq_one_letter_code
;GPAVPRMVVLHSLLGMAVLIAIAVLLSTDRKAINIRTVAGAFLIQVALGALVLYVPQGRDMLGEASKTISNVIAYGNNGV
DFLFGGLVSEKMFEVFGGGGFVFALRVLPMIVFFSSLMAVLYYIGVMQLLIKVIGGFLQKMLGTSKAESMSAAANIFVGQ
TEAPLVVRPYIRRMTESELFAVMSGGLASVAGSVLAGYVQMGVPLPYLIAASFMAAPGGLLFAKLLVPETERTQNDAEVL
AENEDEKPTNVIDAAASGAVTGAQIAIAVGASLLAFVALIAMINGIIGGVGGWFGHGDLTLQAILGWLFSPLAWVIGVPW
SEAGIAGSLIGQKVVINEFVAYSEFVKYLKPEAAVQLSDTTKAIISFALCGFANLGSIAVLVGGLSIMAPKRRKDVARLG
IKAVVAGSLSNLMSAVIAGLFTGLSGASVLG
;
_entity_poly.pdbx_strand_id   A,B,C
#
loop_
_chem_comp.id
_chem_comp.type
_chem_comp.name
_chem_comp.formula
6ZL non-polymer '2-{[(4-O-alpha-D-glucopyranosyl-beta-D-glucopyranosyl)oxy]methyl}-2-octyldecyl 4-O-alpha-D-glucopyranosyl-beta-D-glucopyranoside' 'C43 H80 O22'
NA non-polymer 'SODIUM ION' 'Na 1'
URI non-polymer URIDINE 'C9 H12 N2 O6'
#
# COMPACT_ATOMS: atom_id res chain seq x y z
N PRO A 5 -15.26 -46.36 -20.42
CA PRO A 5 -14.66 -47.63 -20.04
C PRO A 5 -13.36 -47.87 -20.80
N ARG A 6 -12.28 -47.27 -20.31
CA ARG A 6 -10.95 -47.38 -20.92
C ARG A 6 -10.93 -46.90 -22.37
N MET A 7 -11.92 -46.10 -22.75
CA MET A 7 -11.91 -45.43 -24.03
C MET A 7 -11.37 -44.02 -23.79
N VAL A 8 -11.22 -43.70 -22.52
CA VAL A 8 -10.66 -42.43 -22.08
C VAL A 8 -9.27 -42.22 -22.68
N VAL A 9 -8.52 -43.32 -22.80
CA VAL A 9 -7.19 -43.27 -23.40
C VAL A 9 -7.25 -42.82 -24.85
N LEU A 10 -8.30 -43.21 -25.55
CA LEU A 10 -8.49 -42.79 -26.93
C LEU A 10 -8.84 -41.32 -27.00
N HIS A 11 -9.76 -40.90 -26.12
CA HIS A 11 -10.20 -39.51 -26.06
C HIS A 11 -9.07 -38.60 -25.58
N SER A 12 -8.21 -39.14 -24.72
CA SER A 12 -7.08 -38.37 -24.19
C SER A 12 -5.97 -38.23 -25.22
N LEU A 13 -5.58 -39.35 -25.83
CA LEU A 13 -4.55 -39.34 -26.86
C LEU A 13 -4.97 -38.50 -28.05
N LEU A 14 -6.27 -38.44 -28.30
CA LEU A 14 -6.82 -37.56 -29.33
C LEU A 14 -6.53 -36.11 -28.96
N GLY A 15 -6.86 -35.75 -27.72
CA GLY A 15 -6.62 -34.41 -27.23
C GLY A 15 -5.16 -34.05 -27.25
N MET A 16 -4.31 -34.99 -26.86
CA MET A 16 -2.87 -34.81 -26.91
C MET A 16 -2.40 -34.55 -28.34
N ALA A 17 -2.92 -35.34 -29.27
CA ALA A 17 -2.57 -35.21 -30.68
C ALA A 17 -2.98 -33.86 -31.24
N VAL A 18 -4.17 -33.39 -30.84
CA VAL A 18 -4.67 -32.10 -31.30
C VAL A 18 -3.80 -30.95 -30.80
N LEU A 19 -3.46 -30.99 -29.51
CA LEU A 19 -2.65 -29.94 -28.90
C LEU A 19 -1.26 -29.85 -29.55
N ILE A 20 -0.64 -31.00 -29.80
CA ILE A 20 0.67 -31.03 -30.44
C ILE A 20 0.54 -30.58 -31.90
N ALA A 21 -0.58 -30.93 -32.53
CA ALA A 21 -0.85 -30.53 -33.91
C ALA A 21 -0.90 -29.01 -34.05
N ILE A 22 -1.71 -28.37 -33.21
CA ILE A 22 -1.84 -26.92 -33.21
C ILE A 22 -0.48 -26.24 -33.04
N ALA A 23 0.36 -26.82 -32.20
CA ALA A 23 1.71 -26.29 -31.96
C ALA A 23 2.56 -26.37 -33.22
N VAL A 24 2.58 -27.55 -33.85
CA VAL A 24 3.37 -27.77 -35.05
C VAL A 24 2.91 -26.87 -36.19
N LEU A 25 1.60 -26.70 -36.31
CA LEU A 25 1.03 -25.85 -37.35
C LEU A 25 1.39 -24.38 -37.14
N LEU A 26 1.61 -24.00 -35.87
CA LEU A 26 1.96 -22.63 -35.53
C LEU A 26 3.47 -22.45 -35.38
N SER A 27 4.22 -23.48 -35.73
CA SER A 27 5.67 -23.45 -35.59
C SER A 27 6.33 -22.52 -36.61
N THR A 28 7.51 -22.03 -36.27
CA THR A 28 8.27 -21.16 -37.17
C THR A 28 9.05 -21.99 -38.19
N ASP A 29 9.67 -23.07 -37.70
CA ASP A 29 10.41 -23.98 -38.56
C ASP A 29 10.13 -25.43 -38.18
N ARG A 30 9.19 -26.05 -38.88
CA ARG A 30 8.76 -27.41 -38.56
C ARG A 30 9.85 -28.45 -38.81
N LYS A 31 10.70 -28.20 -39.79
CA LYS A 31 11.76 -29.14 -40.14
C LYS A 31 12.95 -29.02 -39.20
N ALA A 32 12.92 -28.01 -38.33
CA ALA A 32 14.01 -27.78 -37.39
C ALA A 32 13.68 -28.31 -36.00
N ILE A 33 12.52 -28.95 -35.86
CA ILE A 33 12.08 -29.48 -34.58
C ILE A 33 12.94 -30.65 -34.12
N ASN A 34 13.54 -30.52 -32.94
CA ASN A 34 14.31 -31.61 -32.35
C ASN A 34 13.37 -32.62 -31.70
N ILE A 35 13.20 -33.77 -32.35
CA ILE A 35 12.28 -34.80 -31.89
C ILE A 35 12.68 -35.34 -30.52
N ARG A 36 13.98 -35.55 -30.31
CA ARG A 36 14.49 -36.07 -29.04
C ARG A 36 14.16 -35.13 -27.89
N THR A 37 13.94 -33.85 -28.19
CA THR A 37 13.60 -32.86 -27.18
C THR A 37 12.12 -32.89 -26.86
N VAL A 38 11.28 -32.83 -27.89
CA VAL A 38 9.84 -32.74 -27.70
C VAL A 38 9.22 -34.09 -27.29
N ALA A 39 9.82 -35.18 -27.73
CA ALA A 39 9.35 -36.50 -27.33
C ALA A 39 9.76 -36.79 -25.90
N GLY A 40 10.89 -36.21 -25.50
CA GLY A 40 11.38 -36.34 -24.14
C GLY A 40 10.52 -35.53 -23.18
N ALA A 41 10.17 -34.32 -23.57
CA ALA A 41 9.34 -33.45 -22.73
C ALA A 41 7.94 -34.01 -22.57
N PHE A 42 7.36 -34.47 -23.67
CA PHE A 42 6.04 -35.09 -23.64
C PHE A 42 6.04 -36.35 -22.78
N LEU A 43 7.12 -37.13 -22.88
CA LEU A 43 7.23 -38.38 -22.13
C LEU A 43 7.42 -38.10 -20.64
N ILE A 44 8.19 -37.07 -20.33
CA ILE A 44 8.42 -36.68 -18.93
C ILE A 44 7.14 -36.14 -18.30
N GLN A 45 6.45 -35.27 -19.03
CA GLN A 45 5.22 -34.66 -18.53
C GLN A 45 4.14 -35.70 -18.26
N VAL A 46 4.03 -36.69 -19.14
CA VAL A 46 3.04 -37.75 -18.96
C VAL A 46 3.52 -38.75 -17.92
N ALA A 47 4.84 -38.81 -17.70
CA ALA A 47 5.39 -39.70 -16.68
C ALA A 47 5.15 -39.14 -15.30
N LEU A 48 5.49 -37.87 -15.10
CA LEU A 48 5.19 -37.17 -13.86
C LEU A 48 3.68 -37.20 -13.60
N GLY A 49 2.90 -36.90 -14.62
CA GLY A 49 1.45 -36.88 -14.52
C GLY A 49 0.87 -38.21 -14.07
N ALA A 50 1.31 -39.28 -14.73
CA ALA A 50 0.91 -40.63 -14.33
C ALA A 50 1.35 -40.93 -12.90
N LEU A 51 2.65 -40.84 -12.64
CA LEU A 51 3.24 -41.17 -11.34
C LEU A 51 2.47 -40.58 -10.15
N VAL A 52 2.19 -39.29 -10.17
CA VAL A 52 1.54 -38.64 -9.01
C VAL A 52 0.05 -38.96 -8.88
N LEU A 53 -0.62 -39.25 -10.00
CA LEU A 53 -2.05 -39.53 -9.97
C LEU A 53 -2.37 -41.03 -9.93
N TYR A 54 -1.57 -41.82 -10.64
CA TYR A 54 -1.90 -43.20 -10.97
C TYR A 54 -1.39 -44.22 -9.95
N VAL A 55 -0.08 -44.32 -9.81
CA VAL A 55 0.49 -45.34 -8.94
C VAL A 55 0.45 -44.90 -7.48
N PRO A 56 0.20 -45.88 -6.58
CA PRO A 56 0.05 -45.63 -5.14
C PRO A 56 1.25 -44.95 -4.49
N GLN A 57 2.45 -45.30 -4.92
CA GLN A 57 3.67 -44.71 -4.37
C GLN A 57 3.75 -43.21 -4.69
N GLY A 58 3.28 -42.85 -5.88
CA GLY A 58 3.30 -41.46 -6.31
C GLY A 58 2.26 -40.60 -5.60
N ARG A 59 1.08 -41.19 -5.39
CA ARG A 59 0.01 -40.50 -4.67
C ARG A 59 0.43 -40.18 -3.25
N ASP A 60 1.21 -41.08 -2.65
CA ASP A 60 1.69 -40.92 -1.29
C ASP A 60 2.67 -39.75 -1.20
N MET A 61 3.54 -39.63 -2.20
CA MET A 61 4.51 -38.55 -2.24
C MET A 61 3.83 -37.20 -2.47
N LEU A 62 2.83 -37.20 -3.34
CA LEU A 62 2.05 -36.00 -3.60
C LEU A 62 1.23 -35.64 -2.37
N GLY A 63 0.78 -36.66 -1.65
CA GLY A 63 0.03 -36.47 -0.42
C GLY A 63 0.92 -35.99 0.72
N GLU A 64 2.15 -36.51 0.75
CA GLU A 64 3.13 -36.09 1.74
C GLU A 64 3.52 -34.63 1.51
N ALA A 65 3.68 -34.26 0.25
CA ALA A 65 4.01 -32.89 -0.11
C ALA A 65 2.84 -31.96 0.17
N SER A 66 1.63 -32.47 -0.05
CA SER A 66 0.42 -31.71 0.22
C SER A 66 0.29 -31.40 1.71
N LYS A 67 0.47 -32.43 2.53
CA LYS A 67 0.39 -32.27 3.98
C LYS A 67 1.47 -31.32 4.51
N THR A 68 2.64 -31.36 3.87
CA THR A 68 3.74 -30.49 4.26
C THR A 68 3.38 -29.02 4.01
N ILE A 69 3.00 -28.72 2.77
CA ILE A 69 2.66 -27.36 2.37
C ILE A 69 1.38 -26.89 3.07
N SER A 70 0.46 -27.82 3.32
CA SER A 70 -0.76 -27.50 4.05
C SER A 70 -0.42 -26.99 5.45
N ASN A 71 0.63 -27.55 6.05
CA ASN A 71 1.11 -27.08 7.34
C ASN A 71 1.78 -25.73 7.21
N VAL A 72 2.47 -25.51 6.10
CA VAL A 72 3.12 -24.23 5.83
C VAL A 72 2.09 -23.13 5.70
N ILE A 73 1.03 -23.40 4.95
CA ILE A 73 -0.08 -22.47 4.80
C ILE A 73 -0.74 -22.20 6.15
N ALA A 74 -0.79 -23.23 6.99
CA ALA A 74 -1.33 -23.09 8.34
C ALA A 74 -0.45 -22.16 9.18
N TYR A 75 0.87 -22.32 9.05
CA TYR A 75 1.82 -21.46 9.75
C TYR A 75 1.64 -20.01 9.32
N GLY A 76 1.39 -19.81 8.03
CA GLY A 76 1.17 -18.49 7.50
C GLY A 76 -0.10 -17.86 8.04
N ASN A 77 -1.11 -18.71 8.28
CA ASN A 77 -2.38 -18.24 8.81
C ASN A 77 -2.27 -17.75 10.24
N ASN A 78 -1.24 -18.22 10.94
CA ASN A 78 -0.95 -17.73 12.28
C ASN A 78 -0.58 -16.25 12.25
N GLY A 79 0.19 -15.87 11.24
CA GLY A 79 0.56 -14.48 11.03
C GLY A 79 -0.64 -13.66 10.59
N VAL A 80 -1.51 -14.28 9.80
CA VAL A 80 -2.73 -13.63 9.34
C VAL A 80 -3.68 -13.41 10.51
N ASP A 81 -3.81 -14.42 11.36
CA ASP A 81 -4.65 -14.32 12.56
C ASP A 81 -4.11 -13.25 13.51
N PHE A 82 -2.79 -13.09 13.53
CA PHE A 82 -2.16 -12.09 14.38
C PHE A 82 -2.44 -10.68 13.88
N LEU A 83 -2.27 -10.48 12.57
CA LEU A 83 -2.37 -9.15 11.98
C LEU A 83 -3.80 -8.64 11.88
N PHE A 84 -4.71 -9.50 11.42
CA PHE A 84 -6.08 -9.08 11.16
C PHE A 84 -7.07 -9.57 12.22
N GLY A 85 -6.55 -10.21 13.26
CA GLY A 85 -7.36 -10.60 14.40
C GLY A 85 -8.54 -11.51 14.11
N GLY A 86 -9.74 -11.00 14.40
CA GLY A 86 -10.95 -11.79 14.30
C GLY A 86 -11.74 -11.59 13.02
N LEU A 87 -11.21 -10.76 12.11
CA LEU A 87 -11.86 -10.58 10.82
C LEU A 87 -11.60 -11.76 9.91
N VAL A 88 -10.74 -12.66 10.38
CA VAL A 88 -10.46 -13.91 9.68
C VAL A 88 -10.82 -15.09 10.57
N SER A 89 -11.59 -14.83 11.61
CA SER A 89 -11.98 -15.86 12.57
C SER A 89 -13.14 -16.70 12.06
N GLU A 90 -13.60 -17.63 12.89
CA GLU A 90 -14.66 -18.55 12.51
C GLU A 90 -16.04 -17.90 12.54
N LYS A 91 -16.26 -17.00 13.48
CA LYS A 91 -17.57 -16.38 13.66
C LYS A 91 -17.90 -15.39 12.55
N MET A 92 -16.96 -15.21 11.62
CA MET A 92 -17.22 -14.39 10.43
C MET A 92 -18.29 -15.04 9.56
N PHE A 93 -18.31 -16.37 9.57
CA PHE A 93 -19.30 -17.12 8.80
C PHE A 93 -20.62 -17.20 9.55
N GLU A 94 -20.56 -17.21 10.88
CA GLU A 94 -21.76 -17.25 11.71
C GLU A 94 -22.49 -15.91 11.64
N VAL A 95 -21.80 -14.88 11.18
CA VAL A 95 -22.38 -13.55 11.07
C VAL A 95 -22.70 -13.17 9.63
N PHE A 96 -21.70 -13.24 8.76
CA PHE A 96 -21.86 -12.78 7.38
C PHE A 96 -22.24 -13.91 6.42
N GLY A 97 -22.12 -15.15 6.87
CA GLY A 97 -22.42 -16.29 6.03
C GLY A 97 -21.29 -16.61 5.07
N GLY A 98 -21.61 -16.67 3.79
CA GLY A 98 -20.61 -16.94 2.77
C GLY A 98 -19.66 -15.78 2.59
N GLY A 99 -20.13 -14.59 2.95
CA GLY A 99 -19.33 -13.37 2.84
C GLY A 99 -18.29 -13.24 3.94
N GLY A 100 -18.30 -14.20 4.87
CA GLY A 100 -17.32 -14.21 5.94
C GLY A 100 -15.93 -14.45 5.42
N PHE A 101 -15.84 -14.98 4.20
CA PHE A 101 -14.57 -15.17 3.52
C PHE A 101 -14.14 -13.89 2.82
N VAL A 102 -13.24 -13.13 3.44
CA VAL A 102 -12.75 -11.90 2.87
C VAL A 102 -11.46 -12.14 2.07
N PHE A 103 -11.58 -12.04 0.74
CA PHE A 103 -10.48 -12.36 -0.17
C PHE A 103 -9.20 -11.58 0.15
N ALA A 104 -9.34 -10.30 0.48
CA ALA A 104 -8.19 -9.46 0.76
C ALA A 104 -7.47 -9.87 2.03
N LEU A 105 -8.19 -10.56 2.92
CA LEU A 105 -7.63 -10.94 4.20
C LEU A 105 -7.29 -12.43 4.26
N ARG A 106 -7.88 -13.20 3.36
CA ARG A 106 -7.67 -14.65 3.34
C ARG A 106 -6.59 -15.07 2.34
N VAL A 107 -6.46 -14.32 1.26
CA VAL A 107 -5.59 -14.72 0.15
C VAL A 107 -4.31 -13.90 0.05
N LEU A 108 -4.46 -12.60 -0.13
CA LEU A 108 -3.33 -11.69 -0.34
C LEU A 108 -2.22 -11.77 0.74
N PRO A 109 -2.59 -11.96 2.02
CA PRO A 109 -1.50 -12.14 2.99
C PRO A 109 -0.62 -13.37 2.73
N MET A 110 -1.16 -14.39 2.07
CA MET A 110 -0.38 -15.59 1.76
C MET A 110 0.73 -15.26 0.76
N ILE A 111 0.48 -14.27 -0.09
CA ILE A 111 1.49 -13.79 -1.03
C ILE A 111 2.65 -13.18 -0.25
N VAL A 112 2.32 -12.46 0.81
CA VAL A 112 3.34 -11.83 1.65
C VAL A 112 4.22 -12.85 2.35
N PHE A 113 3.60 -13.82 3.00
CA PHE A 113 4.32 -14.83 3.77
C PHE A 113 5.24 -15.69 2.90
N PHE A 114 4.71 -16.18 1.78
CA PHE A 114 5.48 -17.04 0.89
C PHE A 114 6.58 -16.29 0.17
N SER A 115 6.38 -15.00 -0.07
CA SER A 115 7.41 -14.18 -0.68
C SER A 115 8.58 -14.00 0.28
N SER A 116 8.27 -13.96 1.57
CA SER A 116 9.29 -13.87 2.60
C SER A 116 9.93 -15.23 2.84
N LEU A 117 9.12 -16.29 2.75
CA LEU A 117 9.61 -17.65 2.92
C LEU A 117 10.59 -18.02 1.83
N MET A 118 10.22 -17.75 0.58
CA MET A 118 11.09 -18.03 -0.56
C MET A 118 12.36 -17.20 -0.48
N ALA A 119 12.25 -16.01 0.10
CA ALA A 119 13.41 -15.14 0.30
C ALA A 119 14.40 -15.78 1.25
N VAL A 120 13.88 -16.50 2.25
CA VAL A 120 14.72 -17.20 3.22
C VAL A 120 15.35 -18.43 2.58
N LEU A 121 14.55 -19.14 1.80
CA LEU A 121 15.02 -20.37 1.14
C LEU A 121 16.10 -20.07 0.10
N TYR A 122 15.99 -18.93 -0.57
CA TYR A 122 17.03 -18.49 -1.50
C TYR A 122 18.27 -18.06 -0.73
N TYR A 123 18.07 -17.61 0.50
CA TYR A 123 19.17 -17.12 1.33
C TYR A 123 19.98 -18.26 1.93
N ILE A 124 19.30 -19.29 2.41
CA ILE A 124 19.97 -20.47 2.97
C ILE A 124 20.73 -21.21 1.88
N GLY A 125 20.17 -21.24 0.68
CA GLY A 125 20.79 -21.90 -0.45
C GLY A 125 20.01 -23.13 -0.90
N VAL A 126 18.82 -23.29 -0.34
CA VAL A 126 17.99 -24.45 -0.61
C VAL A 126 17.44 -24.45 -2.04
N MET A 127 16.84 -23.33 -2.44
CA MET A 127 16.16 -23.24 -3.72
C MET A 127 17.12 -23.27 -4.91
N GLN A 128 18.32 -22.71 -4.73
CA GLN A 128 19.35 -22.76 -5.77
C GLN A 128 19.73 -24.21 -6.06
N LEU A 129 19.70 -25.04 -5.03
CA LEU A 129 20.06 -26.45 -5.15
C LEU A 129 18.97 -27.23 -5.89
N LEU A 130 17.72 -27.04 -5.48
CA LEU A 130 16.59 -27.70 -6.11
C LEU A 130 16.51 -27.37 -7.60
N ILE A 131 16.71 -26.09 -7.92
CA ILE A 131 16.72 -25.63 -9.29
C ILE A 131 17.89 -26.23 -10.06
N LYS A 132 19.05 -26.28 -9.40
CA LYS A 132 20.24 -26.87 -10.01
C LYS A 132 20.05 -28.35 -10.31
N VAL A 133 19.31 -29.04 -9.44
CA VAL A 133 19.06 -30.47 -9.62
C VAL A 133 18.04 -30.71 -10.72
N ILE A 134 16.86 -30.10 -10.59
CA ILE A 134 15.79 -30.27 -11.57
C ILE A 134 16.19 -29.69 -12.93
N GLY A 135 16.83 -28.53 -12.90
CA GLY A 135 17.31 -27.90 -14.12
C GLY A 135 18.33 -28.76 -14.83
N GLY A 136 19.21 -29.40 -14.04
CA GLY A 136 20.21 -30.29 -14.59
C GLY A 136 19.60 -31.54 -15.18
N PHE A 137 18.50 -32.01 -14.58
CA PHE A 137 17.79 -33.18 -15.07
C PHE A 137 17.15 -32.90 -16.43
N LEU A 138 16.72 -31.66 -16.63
CA LEU A 138 16.02 -31.29 -17.85
C LEU A 138 16.98 -31.04 -19.00
N GLN A 139 18.19 -30.59 -18.70
CA GLN A 139 19.18 -30.35 -19.75
C GLN A 139 19.84 -31.65 -20.17
N LYS A 140 19.73 -32.68 -19.32
CA LYS A 140 20.30 -33.99 -19.61
C LYS A 140 19.36 -34.81 -20.48
N MET A 141 18.07 -34.75 -20.17
CA MET A 141 17.07 -35.56 -20.87
C MET A 141 16.55 -34.88 -22.13
N LEU A 142 16.31 -33.58 -22.06
CA LEU A 142 15.70 -32.84 -23.17
C LEU A 142 16.74 -32.24 -24.11
N GLY A 143 17.96 -32.08 -23.62
CA GLY A 143 19.04 -31.52 -24.41
C GLY A 143 18.94 -30.01 -24.53
N THR A 144 18.07 -29.41 -23.74
CA THR A 144 17.92 -27.96 -23.72
C THR A 144 19.13 -27.32 -23.04
N SER A 145 19.35 -26.03 -23.30
CA SER A 145 20.50 -25.33 -22.75
C SER A 145 20.40 -25.21 -21.23
N LYS A 146 21.50 -24.83 -20.59
CA LYS A 146 21.56 -24.74 -19.14
C LYS A 146 20.65 -23.64 -18.59
N ALA A 147 20.66 -22.50 -19.27
CA ALA A 147 19.90 -21.32 -18.83
C ALA A 147 18.39 -21.57 -18.82
N GLU A 148 17.86 -22.03 -19.94
CA GLU A 148 16.42 -22.25 -20.08
C GLU A 148 15.95 -23.41 -19.21
N SER A 149 16.89 -24.28 -18.83
CA SER A 149 16.57 -25.39 -17.94
C SER A 149 16.42 -24.91 -16.51
N MET A 150 17.32 -24.04 -16.08
CA MET A 150 17.25 -23.45 -14.75
C MET A 150 15.99 -22.61 -14.60
N SER A 151 15.67 -21.84 -15.64
CA SER A 151 14.50 -20.98 -15.64
C SER A 151 13.21 -21.78 -15.54
N ALA A 152 13.10 -22.84 -16.33
CA ALA A 152 11.93 -23.69 -16.32
C ALA A 152 11.77 -24.38 -14.97
N ALA A 153 12.88 -24.83 -14.40
CA ALA A 153 12.88 -25.49 -13.11
C ALA A 153 12.56 -24.51 -11.99
N ALA A 154 13.00 -23.26 -12.17
CA ALA A 154 12.76 -22.22 -11.18
C ALA A 154 11.28 -21.82 -11.15
N ASN A 155 10.67 -21.77 -12.32
CA ASN A 155 9.28 -21.35 -12.46
C ASN A 155 8.29 -22.23 -11.70
N ILE A 156 8.74 -23.41 -11.31
CA ILE A 156 7.92 -24.32 -10.51
C ILE A 156 7.59 -23.69 -9.16
N PHE A 157 8.56 -23.01 -8.57
CA PHE A 157 8.42 -22.47 -7.22
C PHE A 157 8.14 -20.97 -7.21
N VAL A 158 8.83 -20.20 -8.05
CA VAL A 158 8.72 -18.75 -8.04
C VAL A 158 7.98 -18.19 -9.25
N GLY A 159 7.85 -16.87 -9.29
CA GLY A 159 7.12 -16.20 -10.35
C GLY A 159 7.85 -16.15 -11.67
N GLN A 160 7.15 -15.66 -12.70
CA GLN A 160 7.70 -15.62 -14.06
C GLN A 160 8.78 -14.57 -14.23
N THR A 161 8.79 -13.57 -13.35
CA THR A 161 9.77 -12.50 -13.41
C THR A 161 10.93 -12.77 -12.45
N GLU A 162 10.65 -13.56 -11.42
CA GLU A 162 11.66 -13.88 -10.41
C GLU A 162 12.49 -15.08 -10.82
N ALA A 163 11.91 -15.96 -11.63
CA ALA A 163 12.59 -17.17 -12.07
C ALA A 163 13.84 -16.94 -12.92
N PRO A 164 13.76 -16.05 -13.93
CA PRO A 164 14.96 -15.90 -14.77
C PRO A 164 16.09 -15.14 -14.11
N LEU A 165 15.93 -14.75 -12.85
CA LEU A 165 16.95 -14.00 -12.13
C LEU A 165 18.19 -14.84 -11.85
N VAL A 166 18.02 -16.16 -11.86
CA VAL A 166 19.14 -17.06 -11.62
C VAL A 166 19.97 -17.27 -12.88
N VAL A 167 19.43 -16.86 -14.02
CA VAL A 167 20.12 -16.99 -15.29
C VAL A 167 20.21 -15.65 -16.01
N ARG A 168 20.11 -14.56 -15.26
CA ARG A 168 20.09 -13.22 -15.85
C ARG A 168 21.39 -12.82 -16.60
N PRO A 169 22.55 -13.42 -16.28
CA PRO A 169 23.63 -13.04 -17.19
C PRO A 169 23.55 -13.75 -18.55
N TYR A 170 22.72 -14.78 -18.64
CA TYR A 170 22.55 -15.52 -19.90
C TYR A 170 21.50 -14.88 -20.79
N ILE A 171 20.52 -14.22 -20.18
CA ILE A 171 19.36 -13.69 -20.89
C ILE A 171 19.72 -12.67 -21.96
N ARG A 172 20.73 -11.86 -21.67
CA ARG A 172 21.14 -10.78 -22.58
C ARG A 172 21.45 -11.26 -23.99
N ARG A 173 22.10 -12.42 -24.11
CA ARG A 173 22.59 -12.89 -25.40
C ARG A 173 22.02 -14.25 -25.81
N MET A 174 21.00 -14.72 -25.11
CA MET A 174 20.39 -15.99 -25.46
C MET A 174 19.57 -15.86 -26.75
N THR A 175 19.43 -16.98 -27.47
CA THR A 175 18.71 -16.98 -28.75
C THR A 175 17.21 -16.80 -28.54
N GLU A 176 16.48 -16.67 -29.64
CA GLU A 176 15.03 -16.50 -29.58
C GLU A 176 14.35 -17.71 -28.96
N SER A 177 14.80 -18.90 -29.37
CA SER A 177 14.23 -20.16 -28.87
C SER A 177 14.41 -20.28 -27.36
N GLU A 178 15.57 -19.84 -26.87
CA GLU A 178 15.82 -19.83 -25.44
C GLU A 178 15.00 -18.73 -24.76
N LEU A 179 14.95 -17.57 -25.40
CA LEU A 179 14.16 -16.45 -24.91
C LEU A 179 12.68 -16.82 -24.85
N PHE A 180 12.23 -17.54 -25.88
CA PHE A 180 10.84 -17.97 -25.95
C PHE A 180 10.57 -19.07 -24.92
N ALA A 181 11.59 -19.84 -24.59
CA ALA A 181 11.47 -20.93 -23.62
C ALA A 181 11.35 -20.36 -22.21
N VAL A 182 12.05 -19.26 -21.96
CA VAL A 182 11.97 -18.57 -20.67
C VAL A 182 10.60 -17.94 -20.50
N MET A 183 10.10 -17.30 -21.56
CA MET A 183 8.79 -16.68 -21.54
C MET A 183 7.68 -17.71 -21.38
N SER A 184 7.77 -18.79 -22.16
CA SER A 184 6.76 -19.85 -22.11
C SER A 184 6.73 -20.53 -20.75
N GLY A 185 7.91 -20.87 -20.23
CA GLY A 185 8.03 -21.51 -18.94
C GLY A 185 7.50 -20.66 -17.81
N GLY A 186 7.50 -19.34 -18.03
CA GLY A 186 6.97 -18.40 -17.06
C GLY A 186 5.47 -18.28 -17.15
N LEU A 187 4.94 -18.44 -18.37
CA LEU A 187 3.50 -18.33 -18.61
C LEU A 187 2.78 -19.63 -18.34
N ALA A 188 3.51 -20.74 -18.47
CA ALA A 188 2.93 -22.05 -18.22
C ALA A 188 3.02 -22.43 -16.76
N SER A 189 3.59 -21.54 -15.95
CA SER A 189 3.82 -21.83 -14.54
C SER A 189 3.05 -20.90 -13.61
N VAL A 190 3.25 -21.12 -12.32
CA VAL A 190 2.63 -20.32 -11.27
C VAL A 190 3.69 -19.73 -10.34
N ALA A 191 3.27 -19.25 -9.17
CA ALA A 191 4.20 -18.81 -8.14
C ALA A 191 3.68 -19.50 -6.88
N GLY A 192 4.60 -19.89 -6.00
CA GLY A 192 4.23 -20.57 -4.77
C GLY A 192 3.39 -19.69 -3.87
N SER A 193 3.55 -18.38 -4.02
CA SER A 193 2.80 -17.40 -3.25
C SER A 193 1.32 -17.41 -3.62
N VAL A 194 1.03 -17.25 -4.90
CA VAL A 194 -0.35 -17.22 -5.37
C VAL A 194 -0.97 -18.62 -5.38
N LEU A 195 -0.12 -19.64 -5.35
CA LEU A 195 -0.60 -21.02 -5.25
C LEU A 195 -1.31 -21.22 -3.92
N ALA A 196 -0.71 -20.71 -2.86
CA ALA A 196 -1.31 -20.77 -1.53
C ALA A 196 -2.60 -19.95 -1.50
N GLY A 197 -2.67 -18.95 -2.38
CA GLY A 197 -3.87 -18.15 -2.52
C GLY A 197 -5.01 -18.96 -3.08
N TYR A 198 -4.73 -19.74 -4.12
CA TYR A 198 -5.75 -20.58 -4.75
C TYR A 198 -6.26 -21.62 -3.76
N VAL A 199 -5.36 -22.13 -2.93
CA VAL A 199 -5.72 -23.12 -1.91
C VAL A 199 -6.77 -22.56 -0.96
N GLN A 200 -6.56 -21.32 -0.51
CA GLN A 200 -7.49 -20.66 0.40
C GLN A 200 -8.83 -20.39 -0.27
N MET A 201 -8.83 -20.25 -1.58
CA MET A 201 -10.05 -20.00 -2.33
C MET A 201 -10.89 -21.27 -2.46
N GLY A 202 -10.24 -22.43 -2.33
CA GLY A 202 -10.94 -23.70 -2.36
C GLY A 202 -10.39 -24.67 -3.40
N VAL A 203 -9.40 -24.21 -4.15
CA VAL A 203 -8.78 -25.02 -5.20
C VAL A 203 -7.97 -26.17 -4.59
N PRO A 204 -8.16 -27.39 -5.13
CA PRO A 204 -7.42 -28.58 -4.68
C PRO A 204 -5.90 -28.40 -4.72
N LEU A 205 -5.27 -28.48 -3.55
CA LEU A 205 -3.82 -28.31 -3.43
C LEU A 205 -2.98 -29.35 -4.19
N PRO A 206 -3.32 -30.66 -4.08
CA PRO A 206 -2.49 -31.63 -4.78
C PRO A 206 -2.41 -31.43 -6.29
N TYR A 207 -3.52 -30.99 -6.89
CA TYR A 207 -3.57 -30.70 -8.32
C TYR A 207 -2.63 -29.55 -8.66
N LEU A 208 -2.56 -28.57 -7.78
CA LEU A 208 -1.70 -27.41 -7.97
C LEU A 208 -0.23 -27.81 -7.95
N ILE A 209 0.13 -28.64 -6.99
CA ILE A 209 1.51 -29.12 -6.86
C ILE A 209 1.92 -29.91 -8.09
N ALA A 210 1.03 -30.79 -8.54
CA ALA A 210 1.27 -31.62 -9.71
C ALA A 210 1.44 -30.76 -10.96
N ALA A 211 0.56 -29.76 -11.11
CA ALA A 211 0.60 -28.88 -12.27
C ALA A 211 1.84 -27.99 -12.26
N SER A 212 2.29 -27.60 -11.07
CA SER A 212 3.45 -26.74 -10.93
C SER A 212 4.73 -27.42 -11.40
N PHE A 213 4.84 -28.72 -11.13
CA PHE A 213 6.02 -29.49 -11.55
C PHE A 213 5.94 -29.83 -13.03
N MET A 214 4.73 -30.10 -13.53
CA MET A 214 4.54 -30.42 -14.94
C MET A 214 4.73 -29.20 -15.83
N ALA A 215 4.76 -28.02 -15.21
CA ALA A 215 4.88 -26.78 -15.94
C ALA A 215 6.22 -26.66 -16.68
N ALA A 216 7.28 -27.17 -16.05
CA ALA A 216 8.61 -27.06 -16.61
C ALA A 216 8.81 -27.90 -17.89
N PRO A 217 8.46 -29.20 -17.86
CA PRO A 217 8.64 -29.92 -19.14
C PRO A 217 7.58 -29.54 -20.17
N GLY A 218 6.37 -29.26 -19.71
CA GLY A 218 5.29 -28.87 -20.60
C GLY A 218 5.58 -27.54 -21.26
N GLY A 219 6.27 -26.67 -20.52
CA GLY A 219 6.67 -25.37 -21.04
C GLY A 219 7.71 -25.52 -22.14
N LEU A 220 8.74 -26.31 -21.84
CA LEU A 220 9.82 -26.55 -22.80
C LEU A 220 9.32 -27.33 -24.02
N LEU A 221 8.26 -28.10 -23.84
CA LEU A 221 7.68 -28.87 -24.93
C LEU A 221 7.16 -27.97 -26.05
N PHE A 222 6.22 -27.09 -25.71
CA PHE A 222 5.60 -26.21 -26.69
C PHE A 222 6.48 -25.02 -27.02
N ALA A 223 7.54 -24.83 -26.25
CA ALA A 223 8.51 -23.77 -26.55
C ALA A 223 9.44 -24.23 -27.67
N LYS A 224 9.79 -25.52 -27.66
CA LYS A 224 10.65 -26.09 -28.69
C LYS A 224 9.84 -26.53 -29.90
N LEU A 225 8.52 -26.59 -29.73
CA LEU A 225 7.62 -26.93 -30.84
C LEU A 225 7.31 -25.70 -31.68
N LEU A 226 7.02 -24.59 -30.99
CA LEU A 226 6.69 -23.34 -31.67
C LEU A 226 7.93 -22.65 -32.23
N VAL A 227 8.98 -22.56 -31.41
CA VAL A 227 10.24 -21.97 -31.84
C VAL A 227 11.41 -22.86 -31.45
N PRO A 228 11.84 -23.76 -32.37
CA PRO A 228 12.98 -24.65 -32.13
C PRO A 228 14.31 -23.90 -32.11
N GLU A 229 15.35 -24.53 -31.61
CA GLU A 229 16.68 -23.91 -31.56
C GLU A 229 17.40 -24.05 -32.89
N THR A 230 17.60 -22.91 -33.57
CA THR A 230 18.26 -22.92 -34.86
C THR A 230 19.64 -22.27 -34.80
N GLU A 231 20.07 -21.92 -33.59
CA GLU A 231 21.36 -21.26 -33.40
C GLU A 231 22.12 -21.90 -32.25
N ARG A 232 23.23 -21.27 -31.84
CA ARG A 232 24.11 -21.84 -30.83
C ARG A 232 23.77 -21.38 -29.42
N THR A 233 23.68 -22.34 -28.50
CA THR A 233 23.49 -22.03 -27.09
C THR A 233 24.81 -21.58 -26.48
N GLN A 234 24.76 -20.52 -25.68
CA GLN A 234 25.97 -19.99 -25.05
C GLN A 234 26.54 -20.96 -24.01
N ASN A 235 27.87 -20.99 -23.92
CA ASN A 235 28.55 -21.76 -22.89
C ASN A 235 28.98 -20.86 -21.74
N ASP A 236 29.26 -21.47 -20.59
CA ASP A 236 29.57 -20.72 -19.38
C ASP A 236 30.83 -19.86 -19.52
N ALA A 237 31.89 -20.45 -20.06
CA ALA A 237 33.19 -19.77 -20.14
C ALA A 237 33.13 -18.49 -20.96
N GLU A 238 32.20 -18.41 -21.91
CA GLU A 238 32.10 -17.26 -22.79
C GLU A 238 31.37 -16.08 -22.15
N VAL A 239 30.72 -16.32 -21.02
CA VAL A 239 29.89 -15.29 -20.39
C VAL A 239 30.55 -14.63 -19.18
N LEU A 240 30.58 -13.31 -19.20
CA LEU A 240 31.00 -12.54 -18.03
C LEU A 240 29.77 -11.96 -17.36
N ALA A 241 29.57 -12.30 -16.09
CA ALA A 241 28.36 -11.96 -15.37
C ALA A 241 28.53 -10.71 -14.50
N GLU A 242 27.89 -9.61 -14.92
CA GLU A 242 28.13 -8.32 -14.30
C GLU A 242 27.69 -8.33 -12.84
N ASN A 243 28.40 -7.57 -12.01
CA ASN A 243 28.57 -7.91 -10.60
C ASN A 243 27.29 -7.80 -9.80
N GLU A 244 27.17 -8.60 -8.75
CA GLU A 244 26.77 -8.08 -7.45
C GLU A 244 25.41 -7.40 -7.57
N ASP A 245 25.30 -6.17 -7.07
CA ASP A 245 24.05 -5.63 -6.52
C ASP A 245 23.80 -6.12 -5.11
N GLU A 246 22.64 -5.80 -4.56
CA GLU A 246 22.39 -6.02 -3.15
C GLU A 246 22.44 -7.51 -2.86
N LYS A 247 23.06 -7.88 -1.75
CA LYS A 247 22.80 -9.16 -1.12
C LYS A 247 22.38 -9.00 0.34
N PRO A 248 21.29 -9.72 0.75
CA PRO A 248 20.73 -9.30 2.05
C PRO A 248 21.72 -9.49 3.18
N THR A 249 21.72 -8.58 4.13
CA THR A 249 22.69 -8.59 5.23
C THR A 249 22.64 -9.92 5.98
N ASN A 250 21.50 -10.19 6.61
CA ASN A 250 21.31 -11.45 7.32
C ASN A 250 19.95 -12.06 7.01
N VAL A 251 19.62 -13.16 7.68
CA VAL A 251 18.40 -13.91 7.40
C VAL A 251 17.16 -13.13 7.83
N ILE A 252 17.31 -12.24 8.81
CA ILE A 252 16.21 -11.43 9.28
C ILE A 252 15.89 -10.33 8.26
N ASP A 253 16.95 -9.79 7.65
CA ASP A 253 16.80 -8.82 6.57
C ASP A 253 16.14 -9.46 5.35
N ALA A 254 16.56 -10.69 5.04
CA ALA A 254 16.03 -11.41 3.88
C ALA A 254 14.54 -11.67 4.04
N ALA A 255 14.12 -12.08 5.24
CA ALA A 255 12.72 -12.34 5.52
C ALA A 255 11.90 -11.05 5.47
N ALA A 256 12.43 -10.01 6.10
CA ALA A 256 11.75 -8.72 6.14
C ALA A 256 11.61 -8.10 4.76
N SER A 257 12.67 -8.18 3.98
CA SER A 257 12.68 -7.63 2.62
C SER A 257 11.68 -8.35 1.72
N GLY A 258 11.71 -9.68 1.77
CA GLY A 258 10.82 -10.49 0.97
C GLY A 258 9.36 -10.28 1.34
N ALA A 259 9.10 -9.99 2.60
CA ALA A 259 7.75 -9.74 3.08
C ALA A 259 7.20 -8.44 2.51
N VAL A 260 8.03 -7.40 2.52
CA VAL A 260 7.64 -6.09 2.00
C VAL A 260 7.38 -6.16 0.50
N THR A 261 8.24 -6.86 -0.22
CA THR A 261 8.05 -7.05 -1.65
C THR A 261 6.76 -7.79 -1.93
N GLY A 262 6.51 -8.85 -1.16
CA GLY A 262 5.28 -9.62 -1.31
C GLY A 262 4.05 -8.84 -0.88
N ALA A 263 4.26 -7.81 -0.08
CA ALA A 263 3.17 -6.97 0.38
C ALA A 263 2.68 -6.06 -0.74
N GLN A 264 3.61 -5.37 -1.39
CA GLN A 264 3.26 -4.46 -2.49
C GLN A 264 2.81 -5.25 -3.71
N ILE A 265 3.29 -6.48 -3.84
CA ILE A 265 2.80 -7.37 -4.89
C ILE A 265 1.35 -7.74 -4.63
N ALA A 266 1.05 -8.06 -3.37
CA ALA A 266 -0.30 -8.39 -2.94
C ALA A 266 -1.26 -7.21 -3.16
N ILE A 267 -0.73 -6.01 -2.97
CA ILE A 267 -1.51 -4.79 -3.21
C ILE A 267 -1.82 -4.64 -4.69
N ALA A 268 -0.82 -4.84 -5.53
CA ALA A 268 -0.97 -4.70 -6.98
C ALA A 268 -1.97 -5.72 -7.53
N VAL A 269 -1.90 -6.95 -7.03
CA VAL A 269 -2.81 -8.00 -7.45
C VAL A 269 -4.23 -7.72 -6.98
N GLY A 270 -4.35 -7.26 -5.73
CA GLY A 270 -5.65 -6.96 -5.15
C GLY A 270 -6.39 -5.87 -5.88
N ALA A 271 -5.67 -4.81 -6.26
CA ALA A 271 -6.26 -3.69 -6.98
C ALA A 271 -6.61 -4.07 -8.40
N SER A 272 -5.76 -4.91 -9.01
CA SER A 272 -5.99 -5.37 -10.37
C SER A 272 -7.23 -6.26 -10.45
N LEU A 273 -7.45 -7.05 -9.41
CA LEU A 273 -8.61 -7.92 -9.35
C LEU A 273 -9.89 -7.13 -9.13
N LEU A 274 -9.82 -6.08 -8.32
CA LEU A 274 -10.97 -5.22 -8.09
C LEU A 274 -11.39 -4.55 -9.39
N ALA A 275 -10.41 -4.12 -10.17
CA ALA A 275 -10.67 -3.45 -11.44
C ALA A 275 -11.21 -4.43 -12.49
N PHE A 276 -10.55 -5.58 -12.60
CA PHE A 276 -10.91 -6.59 -13.60
C PHE A 276 -12.33 -7.10 -13.42
N VAL A 277 -12.65 -7.56 -12.21
CA VAL A 277 -13.98 -8.06 -11.89
C VAL A 277 -15.05 -7.01 -12.18
N ALA A 278 -14.72 -5.75 -11.87
CA ALA A 278 -15.63 -4.64 -12.10
C ALA A 278 -15.81 -4.37 -13.59
N LEU A 279 -14.70 -4.31 -14.33
CA LEU A 279 -14.74 -4.04 -15.76
C LEU A 279 -15.43 -5.16 -16.51
N ILE A 280 -15.35 -6.38 -15.99
CA ILE A 280 -16.04 -7.52 -16.57
C ILE A 280 -17.55 -7.34 -16.45
N ALA A 281 -18.01 -6.96 -15.27
CA ALA A 281 -19.42 -6.73 -15.02
C ALA A 281 -19.92 -5.51 -15.80
N MET A 282 -19.01 -4.60 -16.11
CA MET A 282 -19.35 -3.41 -16.90
C MET A 282 -19.55 -3.78 -18.37
N ILE A 283 -18.73 -4.71 -18.84
CA ILE A 283 -18.86 -5.22 -20.21
C ILE A 283 -20.15 -6.02 -20.33
N ASN A 284 -20.47 -6.80 -19.30
CA ASN A 284 -21.73 -7.54 -19.25
C ASN A 284 -22.93 -6.59 -19.27
N GLY A 285 -22.74 -5.40 -18.73
CA GLY A 285 -23.78 -4.37 -18.75
C GLY A 285 -23.95 -3.81 -20.16
N ILE A 286 -22.84 -3.61 -20.85
CA ILE A 286 -22.88 -3.12 -22.22
C ILE A 286 -23.51 -4.14 -23.15
N ILE A 287 -23.02 -5.38 -23.09
CA ILE A 287 -23.55 -6.46 -23.90
C ILE A 287 -25.01 -6.74 -23.57
N GLY A 288 -25.32 -6.84 -22.28
CA GLY A 288 -26.67 -7.09 -21.84
C GLY A 288 -27.65 -6.00 -22.21
N GLY A 289 -27.13 -4.78 -22.36
CA GLY A 289 -27.95 -3.65 -22.75
C GLY A 289 -28.19 -3.63 -24.25
N VAL A 290 -27.18 -3.99 -25.01
CA VAL A 290 -27.28 -4.05 -26.46
C VAL A 290 -27.99 -5.33 -26.91
N GLY A 291 -27.59 -6.44 -26.32
CA GLY A 291 -28.19 -7.73 -26.63
C GLY A 291 -29.42 -8.02 -25.79
N GLY A 297 -30.41 -10.30 -23.77
CA GLY A 297 -30.56 -9.66 -22.47
C GLY A 297 -29.80 -10.39 -21.38
N ASP A 298 -29.92 -11.71 -21.36
CA ASP A 298 -29.22 -12.54 -20.40
C ASP A 298 -27.85 -12.94 -20.91
N LEU A 299 -27.41 -12.28 -21.98
CA LEU A 299 -26.12 -12.57 -22.61
C LEU A 299 -24.97 -11.91 -21.86
N THR A 300 -24.00 -12.72 -21.46
CA THR A 300 -22.83 -12.21 -20.72
C THR A 300 -21.53 -12.63 -21.40
N LEU A 301 -20.43 -12.00 -20.99
CA LEU A 301 -19.12 -12.34 -21.53
C LEU A 301 -18.69 -13.74 -21.09
N GLN A 302 -19.11 -14.13 -19.89
CA GLN A 302 -18.82 -15.45 -19.36
C GLN A 302 -19.45 -16.53 -20.25
N ALA A 303 -20.65 -16.27 -20.73
CA ALA A 303 -21.37 -17.21 -21.58
C ALA A 303 -20.76 -17.26 -22.98
N ILE A 304 -20.34 -16.10 -23.49
CA ILE A 304 -19.74 -16.01 -24.81
C ILE A 304 -18.40 -16.74 -24.84
N LEU A 305 -17.56 -16.48 -23.84
CA LEU A 305 -16.27 -17.16 -23.73
C LEU A 305 -16.45 -18.66 -23.57
N GLY A 306 -17.49 -19.05 -22.84
CA GLY A 306 -17.81 -20.45 -22.64
C GLY A 306 -18.26 -21.13 -23.90
N TRP A 307 -19.16 -20.47 -24.62
CA TRP A 307 -19.70 -20.98 -25.87
C TRP A 307 -18.61 -21.03 -26.94
N LEU A 308 -17.60 -20.18 -26.78
CA LEU A 308 -16.51 -20.07 -27.75
C LEU A 308 -15.45 -21.14 -27.53
N PHE A 309 -15.09 -21.39 -26.28
CA PHE A 309 -14.06 -22.37 -25.95
C PHE A 309 -14.65 -23.75 -25.65
N SER A 310 -15.96 -23.89 -25.84
CA SER A 310 -16.65 -25.15 -25.59
C SER A 310 -16.06 -26.35 -26.34
N PRO A 311 -15.70 -26.19 -27.64
CA PRO A 311 -15.09 -27.35 -28.30
C PRO A 311 -13.76 -27.76 -27.67
N LEU A 312 -12.88 -26.79 -27.43
CA LEU A 312 -11.56 -27.06 -26.87
C LEU A 312 -11.66 -27.77 -25.52
N ALA A 313 -12.70 -27.45 -24.76
CA ALA A 313 -12.96 -28.09 -23.48
C ALA A 313 -13.30 -29.57 -23.68
N TRP A 314 -14.06 -29.87 -24.74
CA TRP A 314 -14.45 -31.24 -25.01
C TRP A 314 -13.29 -32.08 -25.52
N VAL A 315 -12.37 -31.42 -26.23
CA VAL A 315 -11.20 -32.10 -26.80
C VAL A 315 -10.33 -32.72 -25.71
N ILE A 316 -10.16 -32.00 -24.61
CA ILE A 316 -9.24 -32.44 -23.56
C ILE A 316 -9.87 -33.44 -22.58
N GLY A 317 -11.13 -33.81 -22.83
CA GLY A 317 -11.77 -34.88 -22.08
C GLY A 317 -12.93 -34.49 -21.20
N VAL A 318 -13.47 -33.29 -21.40
CA VAL A 318 -14.62 -32.84 -20.63
C VAL A 318 -15.92 -33.17 -21.35
N PRO A 319 -16.85 -33.83 -20.65
CA PRO A 319 -18.19 -34.12 -21.19
C PRO A 319 -18.87 -32.86 -21.72
N TRP A 320 -19.62 -32.98 -22.82
CA TRP A 320 -20.22 -31.83 -23.47
C TRP A 320 -21.19 -31.08 -22.57
N SER A 321 -21.80 -31.80 -21.64
CA SER A 321 -22.72 -31.20 -20.68
C SER A 321 -21.99 -30.22 -19.76
N GLU A 322 -20.70 -30.47 -19.55
CA GLU A 322 -19.89 -29.63 -18.69
C GLU A 322 -18.80 -28.90 -19.47
N ALA A 323 -18.91 -28.94 -20.80
CA ALA A 323 -17.91 -28.33 -21.66
C ALA A 323 -18.08 -26.81 -21.72
N GLY A 324 -19.31 -26.34 -21.58
CA GLY A 324 -19.60 -24.91 -21.60
C GLY A 324 -18.99 -24.20 -20.42
N ILE A 325 -19.10 -24.82 -19.24
CA ILE A 325 -18.52 -24.27 -18.01
C ILE A 325 -17.01 -24.17 -18.11
N ALA A 326 -16.37 -25.29 -18.45
CA ALA A 326 -14.93 -25.34 -18.59
C ALA A 326 -14.44 -24.38 -19.67
N GLY A 327 -15.32 -24.09 -20.64
CA GLY A 327 -15.00 -23.13 -21.67
C GLY A 327 -14.93 -21.72 -21.13
N SER A 328 -15.87 -21.38 -20.24
CA SER A 328 -15.90 -20.06 -19.63
C SER A 328 -14.67 -19.81 -18.78
N LEU A 329 -14.29 -20.83 -18.01
CA LEU A 329 -13.20 -20.71 -17.07
C LEU A 329 -11.85 -20.63 -17.78
N ILE A 330 -11.65 -21.48 -18.78
CA ILE A 330 -10.44 -21.44 -19.59
C ILE A 330 -10.39 -20.13 -20.37
N GLY A 331 -11.54 -19.70 -20.87
CA GLY A 331 -11.65 -18.44 -21.59
C GLY A 331 -11.28 -17.25 -20.74
N GLN A 332 -11.88 -17.17 -19.55
CA GLN A 332 -11.62 -16.07 -18.62
C GLN A 332 -10.15 -16.04 -18.19
N LYS A 333 -9.54 -17.21 -18.12
CA LYS A 333 -8.13 -17.33 -17.75
C LYS A 333 -7.22 -16.67 -18.77
N VAL A 334 -7.48 -16.94 -20.05
CA VAL A 334 -6.63 -16.45 -21.12
C VAL A 334 -6.78 -14.94 -21.34
N VAL A 335 -8.02 -14.43 -21.23
CA VAL A 335 -8.26 -13.02 -21.51
C VAL A 335 -8.07 -12.12 -20.30
N ILE A 336 -8.25 -12.67 -19.09
CA ILE A 336 -8.05 -11.90 -17.87
C ILE A 336 -6.90 -12.43 -17.03
N ASN A 337 -7.19 -13.42 -16.17
CA ASN A 337 -6.17 -14.10 -15.40
C ASN A 337 -6.76 -15.32 -14.70
N GLU A 338 -5.92 -16.08 -14.00
CA GLU A 338 -6.35 -17.31 -13.36
C GLU A 338 -7.15 -17.06 -12.08
N PHE A 339 -6.89 -15.93 -11.43
CA PHE A 339 -7.61 -15.58 -10.21
C PHE A 339 -9.10 -15.41 -10.46
N VAL A 340 -9.43 -14.78 -11.59
CA VAL A 340 -10.83 -14.59 -11.98
C VAL A 340 -11.44 -15.93 -12.36
N ALA A 341 -10.66 -16.75 -13.06
CA ALA A 341 -11.12 -18.07 -13.48
C ALA A 341 -11.37 -18.97 -12.29
N TYR A 342 -10.43 -18.97 -11.34
CA TYR A 342 -10.54 -19.81 -10.15
C TYR A 342 -11.66 -19.36 -9.22
N SER A 343 -11.88 -18.05 -9.13
CA SER A 343 -12.92 -17.50 -8.28
C SER A 343 -14.30 -17.97 -8.74
N GLU A 344 -14.45 -18.15 -10.05
CA GLU A 344 -15.70 -18.66 -10.61
C GLU A 344 -15.73 -20.17 -10.56
N PHE A 345 -14.55 -20.79 -10.53
CA PHE A 345 -14.44 -22.25 -10.55
C PHE A 345 -14.78 -22.88 -9.21
N VAL A 346 -14.35 -22.24 -8.13
CA VAL A 346 -14.53 -22.78 -6.78
C VAL A 346 -16.00 -22.79 -6.36
N LYS A 347 -16.83 -22.08 -7.10
CA LYS A 347 -18.27 -22.06 -6.83
C LYS A 347 -18.91 -23.39 -7.24
N TYR A 348 -18.29 -24.08 -8.18
CA TYR A 348 -18.77 -25.39 -8.61
C TYR A 348 -18.24 -26.49 -7.71
N LEU A 349 -17.34 -26.14 -6.80
CA LEU A 349 -16.73 -27.10 -5.90
C LEU A 349 -17.48 -27.20 -4.58
N LYS A 350 -18.38 -26.25 -4.33
CA LYS A 350 -19.18 -26.24 -3.11
C LYS A 350 -20.14 -27.43 -3.08
N PRO A 351 -20.37 -27.99 -1.89
CA PRO A 351 -21.27 -29.14 -1.76
C PRO A 351 -22.73 -28.79 -2.03
N GLU A 352 -23.13 -27.56 -1.69
CA GLU A 352 -24.51 -27.13 -1.88
C GLU A 352 -24.68 -26.38 -3.20
N ALA A 353 -23.68 -26.48 -4.08
CA ALA A 353 -23.73 -25.81 -5.37
C ALA A 353 -24.82 -26.41 -6.26
N ALA A 354 -25.54 -25.54 -6.96
CA ALA A 354 -26.61 -25.97 -7.87
C ALA A 354 -26.04 -26.82 -8.99
N VAL A 355 -24.99 -26.33 -9.64
CA VAL A 355 -24.33 -27.07 -10.70
C VAL A 355 -23.22 -27.95 -10.14
N GLN A 356 -23.35 -29.26 -10.32
CA GLN A 356 -22.36 -30.20 -9.82
C GLN A 356 -21.56 -30.83 -10.95
N LEU A 357 -20.23 -30.83 -10.80
CA LEU A 357 -19.34 -31.35 -11.83
C LEU A 357 -18.83 -32.75 -11.47
N SER A 358 -18.41 -33.49 -12.48
CA SER A 358 -17.79 -34.80 -12.26
C SER A 358 -16.39 -34.62 -11.70
N ASP A 359 -15.89 -35.64 -11.01
CA ASP A 359 -14.58 -35.57 -10.37
C ASP A 359 -13.47 -35.37 -11.39
N THR A 360 -13.59 -36.03 -12.54
CA THR A 360 -12.57 -35.94 -13.58
C THR A 360 -12.57 -34.56 -14.24
N THR A 361 -13.75 -33.93 -14.32
CA THR A 361 -13.87 -32.61 -14.92
C THR A 361 -13.25 -31.54 -14.02
N LYS A 362 -13.54 -31.65 -12.72
CA LYS A 362 -12.99 -30.73 -11.73
C LYS A 362 -11.46 -30.76 -11.74
N ALA A 363 -10.91 -31.93 -11.99
CA ALA A 363 -9.45 -32.10 -12.07
C ALA A 363 -8.91 -31.46 -13.35
N ILE A 364 -9.58 -31.72 -14.46
CA ILE A 364 -9.20 -31.16 -15.76
C ILE A 364 -9.14 -29.64 -15.71
N ILE A 365 -10.17 -29.02 -15.13
CA ILE A 365 -10.23 -27.58 -15.03
C ILE A 365 -9.15 -27.05 -14.08
N SER A 366 -8.90 -27.77 -13.00
CA SER A 366 -7.90 -27.38 -12.01
C SER A 366 -6.52 -27.25 -12.64
N PHE A 367 -6.15 -28.21 -13.48
CA PHE A 367 -4.86 -28.21 -14.14
C PHE A 367 -4.82 -27.20 -15.28
N ALA A 368 -5.92 -27.08 -16.01
CA ALA A 368 -6.00 -26.18 -17.16
C ALA A 368 -5.89 -24.72 -16.73
N LEU A 369 -6.39 -24.42 -15.54
CA LEU A 369 -6.40 -23.05 -15.03
C LEU A 369 -5.08 -22.69 -14.34
N CYS A 370 -4.29 -23.71 -14.02
CA CYS A 370 -3.04 -23.52 -13.29
C CYS A 370 -1.93 -22.97 -14.18
N GLY A 371 -1.89 -21.65 -14.33
CA GLY A 371 -0.86 -21.01 -15.13
C GLY A 371 -1.10 -19.52 -15.30
N PHE A 372 -0.02 -18.77 -15.50
CA PHE A 372 -0.11 -17.32 -15.67
C PHE A 372 -0.39 -16.91 -17.11
N ALA A 373 -0.68 -17.89 -17.96
CA ALA A 373 -0.87 -17.63 -19.38
C ALA A 373 -2.10 -16.77 -19.66
N ASN A 374 -1.89 -15.45 -19.67
CA ASN A 374 -2.94 -14.50 -20.02
C ASN A 374 -2.40 -13.32 -20.81
N LEU A 375 -3.28 -12.43 -21.23
CA LEU A 375 -2.88 -11.27 -22.03
C LEU A 375 -2.16 -10.22 -21.19
N GLY A 376 -2.41 -10.23 -19.89
CA GLY A 376 -1.80 -9.27 -18.99
C GLY A 376 -0.36 -9.63 -18.66
N SER A 377 -0.09 -10.94 -18.60
CA SER A 377 1.24 -11.43 -18.25
C SER A 377 2.29 -11.08 -19.29
N ILE A 378 1.84 -10.78 -20.50
CA ILE A 378 2.73 -10.33 -21.56
C ILE A 378 3.45 -9.06 -21.13
N ALA A 379 2.66 -8.08 -20.68
CA ALA A 379 3.21 -6.80 -20.22
C ALA A 379 4.08 -6.98 -19.00
N VAL A 380 3.75 -7.99 -18.19
CA VAL A 380 4.54 -8.30 -17.00
C VAL A 380 5.92 -8.81 -17.40
N LEU A 381 5.94 -9.74 -18.34
CA LEU A 381 7.20 -10.27 -18.88
C LEU A 381 8.02 -9.17 -19.51
N VAL A 382 7.41 -8.45 -20.46
CA VAL A 382 8.07 -7.36 -21.17
C VAL A 382 8.76 -6.39 -20.21
N GLY A 383 8.09 -6.06 -19.11
CA GLY A 383 8.65 -5.16 -18.12
C GLY A 383 9.81 -5.75 -17.35
N GLY A 384 9.58 -6.89 -16.71
CA GLY A 384 10.57 -7.51 -15.85
C GLY A 384 11.75 -8.15 -16.58
N LEU A 385 11.50 -8.63 -17.79
CA LEU A 385 12.54 -9.29 -18.57
C LEU A 385 13.42 -8.25 -19.28
N SER A 386 12.90 -7.03 -19.43
CA SER A 386 13.68 -5.95 -20.02
C SER A 386 14.63 -5.34 -19.01
N ILE A 387 14.22 -5.31 -17.75
CA ILE A 387 15.06 -4.80 -16.68
C ILE A 387 16.35 -5.63 -16.59
N MET A 388 16.24 -6.91 -16.91
CA MET A 388 17.40 -7.80 -16.92
C MET A 388 18.20 -7.67 -18.22
N ALA A 389 17.51 -7.46 -19.33
CA ALA A 389 18.16 -7.33 -20.63
C ALA A 389 17.40 -6.33 -21.52
N PRO A 390 17.73 -5.04 -21.40
CA PRO A 390 17.02 -3.95 -22.06
C PRO A 390 17.10 -3.98 -23.58
N LYS A 391 18.10 -4.66 -24.13
CA LYS A 391 18.28 -4.71 -25.58
C LYS A 391 17.33 -5.72 -26.24
N ARG A 392 16.73 -6.59 -25.42
CA ARG A 392 15.87 -7.65 -25.94
C ARG A 392 14.39 -7.32 -25.79
N ARG A 393 14.09 -6.10 -25.36
CA ARG A 393 12.72 -5.69 -25.05
C ARG A 393 11.79 -5.79 -26.26
N LYS A 394 12.29 -5.40 -27.43
CA LYS A 394 11.50 -5.45 -28.66
C LYS A 394 11.21 -6.90 -29.06
N ASP A 395 12.15 -7.80 -28.74
CA ASP A 395 12.00 -9.21 -29.07
C ASP A 395 10.99 -9.89 -28.15
N VAL A 396 11.02 -9.51 -26.87
CA VAL A 396 10.11 -10.07 -25.88
C VAL A 396 8.66 -9.71 -26.18
N ALA A 397 8.44 -8.44 -26.52
CA ALA A 397 7.09 -7.95 -26.81
C ALA A 397 6.52 -8.60 -28.07
N ARG A 398 7.40 -8.98 -28.99
CA ARG A 398 6.98 -9.61 -30.24
C ARG A 398 6.49 -11.04 -30.00
N LEU A 399 7.20 -11.77 -29.15
CA LEU A 399 6.87 -13.17 -28.88
C LEU A 399 5.88 -13.30 -27.73
N GLY A 400 5.23 -12.20 -27.37
CA GLY A 400 4.30 -12.19 -26.26
C GLY A 400 3.09 -13.08 -26.46
N ILE A 401 2.39 -12.90 -27.58
CA ILE A 401 1.20 -13.68 -27.86
C ILE A 401 1.50 -15.15 -28.09
N LYS A 402 2.57 -15.42 -28.84
CA LYS A 402 3.01 -16.79 -29.11
C LYS A 402 3.30 -17.54 -27.82
N ALA A 403 3.95 -16.86 -26.87
CA ALA A 403 4.33 -17.47 -25.61
C ALA A 403 3.11 -17.79 -24.74
N VAL A 404 2.09 -16.94 -24.81
CA VAL A 404 0.85 -17.18 -24.09
C VAL A 404 0.18 -18.43 -24.60
N VAL A 405 0.19 -18.59 -25.93
CA VAL A 405 -0.32 -19.80 -26.56
C VAL A 405 0.48 -21.01 -26.10
N ALA A 406 1.80 -20.85 -26.03
CA ALA A 406 2.69 -21.91 -25.56
C ALA A 406 2.36 -22.29 -24.12
N GLY A 407 2.07 -21.29 -23.30
CA GLY A 407 1.70 -21.52 -21.92
C GLY A 407 0.32 -22.15 -21.82
N SER A 408 -0.59 -21.73 -22.69
CA SER A 408 -1.93 -22.26 -22.73
C SER A 408 -1.92 -23.73 -23.12
N LEU A 409 -1.20 -24.05 -24.19
CA LEU A 409 -1.09 -25.42 -24.66
C LEU A 409 -0.44 -26.33 -23.63
N SER A 410 0.52 -25.77 -22.88
CA SER A 410 1.20 -26.51 -21.83
C SER A 410 0.24 -26.86 -20.69
N ASN A 411 -0.54 -25.87 -20.26
CA ASN A 411 -1.52 -26.08 -19.22
C ASN A 411 -2.61 -27.06 -19.66
N LEU A 412 -3.03 -26.95 -20.91
CA LEU A 412 -4.03 -27.82 -21.47
C LEU A 412 -3.52 -29.26 -21.58
N MET A 413 -2.24 -29.42 -21.90
CA MET A 413 -1.63 -30.73 -22.03
C MET A 413 -1.65 -31.46 -20.69
N SER A 414 -1.29 -30.75 -19.63
CA SER A 414 -1.31 -31.32 -18.28
C SER A 414 -2.74 -31.65 -17.86
N ALA A 415 -3.69 -30.85 -18.36
CA ALA A 415 -5.10 -31.08 -18.08
C ALA A 415 -5.60 -32.36 -18.75
N VAL A 416 -5.09 -32.64 -19.93
CA VAL A 416 -5.42 -33.88 -20.63
C VAL A 416 -4.89 -35.08 -19.86
N ILE A 417 -3.64 -34.98 -19.42
CA ILE A 417 -3.00 -36.01 -18.61
C ILE A 417 -3.78 -36.21 -17.32
N ALA A 418 -4.25 -35.10 -16.75
CA ALA A 418 -5.05 -35.13 -15.54
C ALA A 418 -6.30 -35.98 -15.73
N GLY A 419 -7.13 -35.61 -16.69
CA GLY A 419 -8.37 -36.33 -16.98
C GLY A 419 -8.15 -37.80 -17.29
N LEU A 420 -7.00 -38.11 -17.89
CA LEU A 420 -6.65 -39.48 -18.22
C LEU A 420 -6.38 -40.31 -16.98
N PHE A 421 -5.53 -39.81 -16.09
CA PHE A 421 -5.13 -40.56 -14.90
C PHE A 421 -6.00 -40.23 -13.69
N THR A 422 -6.85 -39.23 -13.82
CA THR A 422 -7.94 -39.09 -12.86
C THR A 422 -9.14 -39.87 -13.41
N GLY A 423 -8.86 -40.66 -14.45
CA GLY A 423 -9.83 -41.57 -15.04
C GLY A 423 -9.87 -42.90 -14.31
N LEU A 424 -9.63 -42.84 -13.00
CA LEU A 424 -9.76 -44.00 -12.12
C LEU A 424 -9.98 -43.58 -10.66
N SER A 425 -9.70 -44.51 -9.75
CA SER A 425 -9.87 -44.28 -8.31
C SER A 425 -9.00 -43.48 -7.35
N GLY A 426 -8.03 -42.75 -7.89
CA GLY A 426 -7.14 -41.88 -7.12
C GLY A 426 -7.83 -40.91 -6.18
N ALA A 427 -8.43 -39.87 -6.76
CA ALA A 427 -9.15 -38.84 -6.00
C ALA A 427 -8.32 -38.23 -4.88
N SER A 428 -7.09 -37.83 -5.20
CA SER A 428 -6.21 -37.22 -4.22
C SER A 428 -6.60 -35.75 -3.99
N MET B 7 -36.24 39.28 -4.59
CA MET B 7 -36.09 38.42 -5.76
C MET B 7 -34.82 37.61 -5.69
N VAL B 8 -34.92 36.34 -6.09
CA VAL B 8 -33.77 35.44 -6.08
C VAL B 8 -32.72 35.86 -7.11
N VAL B 9 -33.20 36.30 -8.27
CA VAL B 9 -32.30 36.72 -9.34
C VAL B 9 -31.43 37.91 -8.93
N LEU B 10 -31.97 38.77 -8.07
CA LEU B 10 -31.23 39.92 -7.58
C LEU B 10 -30.13 39.49 -6.60
N HIS B 11 -30.47 38.53 -5.75
CA HIS B 11 -29.52 38.01 -4.77
C HIS B 11 -28.41 37.22 -5.44
N SER B 12 -28.74 36.61 -6.58
CA SER B 12 -27.77 35.81 -7.32
C SER B 12 -26.86 36.69 -8.17
N LEU B 13 -27.45 37.65 -8.87
CA LEU B 13 -26.68 38.59 -9.70
C LEU B 13 -25.73 39.42 -8.84
N LEU B 14 -26.14 39.71 -7.62
CA LEU B 14 -25.30 40.43 -6.67
C LEU B 14 -24.09 39.58 -6.32
N GLY B 15 -24.34 38.29 -6.08
CA GLY B 15 -23.27 37.35 -5.75
C GLY B 15 -22.26 37.22 -6.87
N MET B 16 -22.77 37.12 -8.10
CA MET B 16 -21.92 37.04 -9.28
C MET B 16 -21.07 38.31 -9.41
N ALA B 17 -21.70 39.45 -9.13
CA ALA B 17 -21.02 40.74 -9.20
C ALA B 17 -19.87 40.81 -8.21
N VAL B 18 -20.13 40.33 -6.99
CA VAL B 18 -19.11 40.33 -5.94
C VAL B 18 -17.91 39.47 -6.33
N LEU B 19 -18.19 38.28 -6.84
CA LEU B 19 -17.13 37.35 -7.23
C LEU B 19 -16.24 37.89 -8.35
N ILE B 20 -16.87 38.45 -9.38
CA ILE B 20 -16.14 39.02 -10.51
C ILE B 20 -15.35 40.25 -10.09
N ALA B 21 -15.94 41.06 -9.22
CA ALA B 21 -15.29 42.27 -8.72
C ALA B 21 -14.01 41.95 -7.95
N ILE B 22 -14.12 41.00 -7.02
CA ILE B 22 -12.97 40.57 -6.22
C ILE B 22 -11.84 40.06 -7.11
N ALA B 23 -12.19 39.34 -8.16
CA ALA B 23 -11.21 38.80 -9.09
C ALA B 23 -10.45 39.92 -9.82
N VAL B 24 -11.18 40.92 -10.29
CA VAL B 24 -10.59 42.05 -10.99
C VAL B 24 -9.67 42.86 -10.07
N LEU B 25 -10.07 42.99 -8.81
CA LEU B 25 -9.27 43.71 -7.83
C LEU B 25 -7.96 42.98 -7.54
N LEU B 26 -7.94 41.68 -7.79
CA LEU B 26 -6.75 40.87 -7.55
C LEU B 26 -5.97 40.62 -8.84
N SER B 27 -6.47 41.18 -9.95
CA SER B 27 -5.84 40.99 -11.25
C SER B 27 -4.45 41.61 -11.31
N THR B 28 -3.56 40.99 -12.08
CA THR B 28 -2.22 41.51 -12.27
C THR B 28 -2.23 42.69 -13.24
N ASP B 29 -2.94 42.53 -14.36
CA ASP B 29 -3.10 43.60 -15.32
C ASP B 29 -4.57 43.78 -15.67
N ARG B 30 -5.21 44.73 -14.99
CA ARG B 30 -6.64 44.95 -15.11
C ARG B 30 -7.04 45.53 -16.47
N LYS B 31 -6.11 46.27 -17.08
CA LYS B 31 -6.38 46.90 -18.37
C LYS B 31 -6.05 45.98 -19.54
N ALA B 32 -5.64 44.74 -19.22
CA ALA B 32 -5.26 43.78 -20.25
C ALA B 32 -6.27 42.64 -20.35
N ILE B 33 -7.32 42.71 -19.53
CA ILE B 33 -8.33 41.66 -19.48
C ILE B 33 -9.10 41.53 -20.78
N ASN B 34 -9.05 40.35 -21.39
CA ASN B 34 -9.83 40.05 -22.58
C ASN B 34 -11.30 39.91 -22.22
N ILE B 35 -12.12 40.84 -22.69
CA ILE B 35 -13.54 40.84 -22.38
C ILE B 35 -14.27 39.71 -23.08
N ARG B 36 -13.94 39.47 -24.36
CA ARG B 36 -14.56 38.40 -25.13
C ARG B 36 -14.38 37.04 -24.46
N THR B 37 -13.22 36.83 -23.86
CA THR B 37 -12.92 35.57 -23.18
C THR B 37 -13.74 35.41 -21.90
N VAL B 38 -13.65 36.40 -21.01
CA VAL B 38 -14.27 36.28 -19.69
C VAL B 38 -15.79 36.41 -19.75
N ALA B 39 -16.30 37.25 -20.65
CA ALA B 39 -17.74 37.39 -20.81
C ALA B 39 -18.29 36.16 -21.51
N GLY B 40 -17.48 35.57 -22.38
CA GLY B 40 -17.84 34.34 -23.06
C GLY B 40 -17.83 33.16 -22.09
N ALA B 41 -16.84 33.15 -21.21
CA ALA B 41 -16.71 32.08 -20.22
C ALA B 41 -17.87 32.10 -19.22
N PHE B 42 -18.15 33.30 -18.70
CA PHE B 42 -19.27 33.48 -17.78
C PHE B 42 -20.59 33.12 -18.44
N LEU B 43 -20.71 33.41 -19.73
CA LEU B 43 -21.91 33.12 -20.49
C LEU B 43 -22.12 31.62 -20.66
N ILE B 44 -21.01 30.89 -20.81
CA ILE B 44 -21.06 29.44 -21.00
C ILE B 44 -21.43 28.72 -19.71
N GLN B 45 -20.81 29.12 -18.61
CA GLN B 45 -21.04 28.48 -17.32
C GLN B 45 -22.48 28.64 -16.85
N VAL B 46 -23.07 29.79 -17.14
CA VAL B 46 -24.46 30.03 -16.76
C VAL B 46 -25.40 29.39 -17.77
N ALA B 47 -24.90 29.17 -18.99
CA ALA B 47 -25.67 28.50 -20.03
C ALA B 47 -25.84 27.03 -19.68
N LEU B 48 -24.73 26.39 -19.30
CA LEU B 48 -24.78 25.00 -18.84
C LEU B 48 -25.61 24.90 -17.57
N GLY B 49 -25.52 25.92 -16.72
CA GLY B 49 -26.29 25.96 -15.50
C GLY B 49 -27.78 25.94 -15.76
N ALA B 50 -28.21 26.76 -16.71
CA ALA B 50 -29.62 26.83 -17.08
C ALA B 50 -30.04 25.57 -17.81
N LEU B 51 -29.11 24.98 -18.55
CA LEU B 51 -29.39 23.78 -19.32
C LEU B 51 -29.68 22.59 -18.44
N VAL B 52 -28.83 22.34 -17.45
CA VAL B 52 -28.93 21.13 -16.64
C VAL B 52 -29.83 21.29 -15.41
N LEU B 53 -30.07 22.54 -14.98
CA LEU B 53 -30.81 22.76 -13.74
C LEU B 53 -32.18 23.40 -13.93
N TYR B 54 -32.40 24.05 -15.07
CA TYR B 54 -33.65 24.76 -15.28
C TYR B 54 -34.59 24.01 -16.23
N VAL B 55 -34.27 24.02 -17.52
CA VAL B 55 -35.13 23.43 -18.53
C VAL B 55 -35.32 21.93 -18.30
N PRO B 56 -36.54 21.43 -18.51
CA PRO B 56 -36.90 20.03 -18.28
C PRO B 56 -36.07 19.05 -19.10
N GLN B 57 -35.82 19.39 -20.36
CA GLN B 57 -35.06 18.51 -21.25
C GLN B 57 -33.65 18.24 -20.73
N GLY B 58 -33.00 19.28 -20.21
CA GLY B 58 -31.66 19.16 -19.68
C GLY B 58 -31.62 18.41 -18.36
N ARG B 59 -32.64 18.61 -17.53
CA ARG B 59 -32.75 17.90 -16.27
C ARG B 59 -32.95 16.41 -16.51
N ASP B 60 -33.60 16.08 -17.62
CA ASP B 60 -33.78 14.69 -18.02
C ASP B 60 -32.50 14.11 -18.57
N MET B 61 -31.76 14.92 -19.34
CA MET B 61 -30.47 14.53 -19.85
C MET B 61 -29.47 14.33 -18.72
N LEU B 62 -29.54 15.23 -17.73
CA LEU B 62 -28.72 15.11 -16.53
C LEU B 62 -29.15 13.90 -15.72
N GLY B 63 -30.45 13.61 -15.74
CA GLY B 63 -30.98 12.47 -15.03
C GLY B 63 -30.55 11.16 -15.64
N GLU B 64 -30.42 11.15 -16.97
CA GLU B 64 -29.96 9.96 -17.68
C GLU B 64 -28.48 9.72 -17.43
N ALA B 65 -27.73 10.81 -17.33
CA ALA B 65 -26.29 10.73 -17.05
C ALA B 65 -26.04 10.14 -15.67
N SER B 66 -26.86 10.57 -14.70
CA SER B 66 -26.76 10.06 -13.34
C SER B 66 -27.05 8.56 -13.29
N LYS B 67 -28.00 8.13 -14.13
CA LYS B 67 -28.34 6.71 -14.22
C LYS B 67 -27.18 5.90 -14.79
N THR B 68 -26.51 6.47 -15.79
CA THR B 68 -25.41 5.78 -16.46
C THR B 68 -24.21 5.61 -15.55
N ILE B 69 -23.74 6.72 -14.97
CA ILE B 69 -22.56 6.71 -14.12
C ILE B 69 -22.79 5.92 -12.83
N SER B 70 -24.02 5.94 -12.33
CA SER B 70 -24.37 5.15 -11.16
C SER B 70 -24.29 3.66 -11.48
N ASN B 71 -24.65 3.30 -12.70
CA ASN B 71 -24.49 1.92 -13.17
C ASN B 71 -23.02 1.54 -13.15
N VAL B 72 -22.17 2.47 -13.61
CA VAL B 72 -20.73 2.26 -13.62
C VAL B 72 -20.19 2.10 -12.21
N ILE B 73 -20.65 2.95 -11.29
CA ILE B 73 -20.27 2.86 -9.89
C ILE B 73 -20.68 1.51 -9.31
N ALA B 74 -21.86 1.05 -9.69
CA ALA B 74 -22.36 -0.25 -9.25
C ALA B 74 -21.47 -1.38 -9.79
N TYR B 75 -21.00 -1.22 -11.02
CA TYR B 75 -20.09 -2.19 -11.62
C TYR B 75 -18.80 -2.24 -10.82
N GLY B 76 -18.33 -1.07 -10.40
CA GLY B 76 -17.12 -0.98 -9.58
C GLY B 76 -17.31 -1.66 -8.24
N ASN B 77 -18.51 -1.57 -7.69
CA ASN B 77 -18.82 -2.19 -6.40
C ASN B 77 -18.85 -3.70 -6.49
N ASN B 78 -19.07 -4.24 -7.69
CA ASN B 78 -19.00 -5.67 -7.90
C ASN B 78 -17.58 -6.18 -7.66
N GLY B 79 -16.60 -5.37 -8.05
CA GLY B 79 -15.21 -5.67 -7.80
C GLY B 79 -14.86 -5.46 -6.34
N VAL B 80 -15.53 -4.51 -5.71
CA VAL B 80 -15.33 -4.23 -4.30
C VAL B 80 -15.91 -5.35 -3.45
N ASP B 81 -17.09 -5.83 -3.83
CA ASP B 81 -17.73 -6.94 -3.14
C ASP B 81 -16.89 -8.21 -3.24
N PHE B 82 -16.27 -8.41 -4.40
CA PHE B 82 -15.40 -9.56 -4.62
C PHE B 82 -14.17 -9.52 -3.71
N LEU B 83 -13.58 -8.34 -3.59
CA LEU B 83 -12.31 -8.19 -2.88
C LEU B 83 -12.50 -8.19 -1.37
N PHE B 84 -13.48 -7.43 -0.88
CA PHE B 84 -13.64 -7.24 0.55
C PHE B 84 -14.81 -8.04 1.15
N GLY B 85 -15.36 -8.95 0.35
CA GLY B 85 -16.36 -9.89 0.82
C GLY B 85 -17.57 -9.30 1.55
N GLY B 86 -17.78 -9.78 2.77
CA GLY B 86 -18.95 -9.38 3.55
C GLY B 86 -18.75 -8.16 4.41
N LEU B 87 -17.56 -7.59 4.39
CA LEU B 87 -17.29 -6.37 5.15
C LEU B 87 -17.93 -5.17 4.47
N VAL B 88 -18.44 -5.38 3.25
CA VAL B 88 -19.17 -4.37 2.54
C VAL B 88 -20.59 -4.83 2.26
N SER B 89 -21.04 -5.84 3.00
CA SER B 89 -22.39 -6.37 2.85
C SER B 89 -23.40 -5.51 3.58
N GLU B 90 -24.66 -5.92 3.53
CA GLU B 90 -25.74 -5.15 4.16
C GLU B 90 -25.82 -5.40 5.66
N LYS B 91 -25.28 -6.54 6.11
CA LYS B 91 -25.36 -6.92 7.51
C LYS B 91 -24.43 -6.09 8.40
N MET B 92 -23.56 -5.30 7.77
CA MET B 92 -22.68 -4.39 8.49
C MET B 92 -23.50 -3.38 9.27
N PHE B 93 -24.59 -2.92 8.68
CA PHE B 93 -25.49 -1.97 9.32
C PHE B 93 -26.36 -2.65 10.36
N GLU B 94 -26.68 -3.92 10.10
CA GLU B 94 -27.48 -4.71 11.04
C GLU B 94 -26.71 -4.95 12.32
N VAL B 95 -25.38 -4.89 12.25
CA VAL B 95 -24.52 -5.11 13.40
C VAL B 95 -23.94 -3.80 13.93
N PHE B 96 -23.16 -3.12 13.09
CA PHE B 96 -22.42 -1.94 13.52
C PHE B 96 -23.22 -0.65 13.39
N GLY B 97 -24.43 -0.76 12.84
CA GLY B 97 -25.28 0.41 12.66
C GLY B 97 -24.70 1.41 11.69
N GLY B 98 -24.45 2.62 12.16
CA GLY B 98 -23.85 3.66 11.34
C GLY B 98 -22.41 3.32 11.00
N GLY B 99 -21.77 2.57 11.89
CA GLY B 99 -20.39 2.16 11.69
C GLY B 99 -20.26 1.07 10.64
N GLY B 100 -21.40 0.55 10.18
CA GLY B 100 -21.42 -0.44 9.13
C GLY B 100 -20.85 0.11 7.84
N PHE B 101 -20.94 1.42 7.68
CA PHE B 101 -20.31 2.11 6.55
C PHE B 101 -18.83 2.34 6.84
N VAL B 102 -17.97 1.52 6.26
CA VAL B 102 -16.53 1.70 6.40
C VAL B 102 -15.98 2.49 5.22
N PHE B 103 -15.45 3.68 5.51
CA PHE B 103 -14.97 4.60 4.49
C PHE B 103 -13.89 3.99 3.61
N ALA B 104 -12.91 3.35 4.24
CA ALA B 104 -11.75 2.82 3.53
C ALA B 104 -12.11 1.66 2.60
N LEU B 105 -13.29 1.09 2.80
CA LEU B 105 -13.71 -0.07 2.01
C LEU B 105 -14.79 0.26 0.99
N ARG B 106 -15.48 1.38 1.19
CA ARG B 106 -16.60 1.75 0.32
C ARG B 106 -16.32 2.97 -0.54
N VAL B 107 -15.34 3.78 -0.14
CA VAL B 107 -15.05 5.02 -0.86
C VAL B 107 -13.73 4.95 -1.62
N LEU B 108 -12.66 4.62 -0.91
CA LEU B 108 -11.32 4.52 -1.49
C LEU B 108 -11.18 3.56 -2.68
N PRO B 109 -11.82 2.36 -2.62
CA PRO B 109 -11.67 1.46 -3.77
C PRO B 109 -12.21 2.01 -5.09
N MET B 110 -13.10 2.99 -5.03
CA MET B 110 -13.66 3.58 -6.25
C MET B 110 -12.60 4.36 -7.02
N ILE B 111 -11.59 4.84 -6.31
CA ILE B 111 -10.44 5.49 -6.93
C ILE B 111 -9.69 4.49 -7.79
N VAL B 112 -9.53 3.27 -7.26
CA VAL B 112 -8.84 2.20 -7.97
C VAL B 112 -9.53 1.84 -9.27
N PHE B 113 -10.84 1.60 -9.19
CA PHE B 113 -11.63 1.17 -10.34
C PHE B 113 -11.66 2.21 -11.45
N PHE B 114 -11.97 3.46 -11.10
CA PHE B 114 -12.09 4.52 -12.09
C PHE B 114 -10.75 4.88 -12.71
N SER B 115 -9.67 4.74 -11.94
CA SER B 115 -8.34 4.98 -12.47
C SER B 115 -7.99 3.96 -13.55
N SER B 116 -8.51 2.75 -13.37
CA SER B 116 -8.31 1.69 -14.37
C SER B 116 -9.23 1.92 -15.56
N LEU B 117 -10.47 2.32 -15.28
CA LEU B 117 -11.45 2.59 -16.32
C LEU B 117 -11.01 3.75 -17.20
N MET B 118 -10.51 4.82 -16.58
CA MET B 118 -10.01 5.97 -17.34
C MET B 118 -8.81 5.57 -18.19
N ALA B 119 -8.00 4.66 -17.67
CA ALA B 119 -6.83 4.18 -18.39
C ALA B 119 -7.25 3.40 -19.64
N VAL B 120 -8.34 2.66 -19.53
CA VAL B 120 -8.88 1.91 -20.65
C VAL B 120 -9.46 2.87 -21.69
N LEU B 121 -10.21 3.86 -21.23
CA LEU B 121 -10.84 4.84 -22.11
C LEU B 121 -9.80 5.66 -22.87
N TYR B 122 -8.72 6.02 -22.20
CA TYR B 122 -7.60 6.71 -22.82
C TYR B 122 -6.95 5.83 -23.89
N TYR B 123 -6.87 4.54 -23.59
CA TYR B 123 -6.20 3.58 -24.47
C TYR B 123 -7.04 3.30 -25.71
N ILE B 124 -8.36 3.27 -25.55
CA ILE B 124 -9.26 3.03 -26.67
C ILE B 124 -9.31 4.26 -27.59
N GLY B 125 -9.35 5.44 -26.99
CA GLY B 125 -9.36 6.68 -27.74
C GLY B 125 -10.60 7.51 -27.48
N VAL B 126 -11.40 7.08 -26.52
CA VAL B 126 -12.66 7.76 -26.19
C VAL B 126 -12.43 9.12 -25.56
N MET B 127 -11.58 9.16 -24.54
CA MET B 127 -11.34 10.40 -23.79
C MET B 127 -10.61 11.45 -24.61
N GLN B 128 -9.73 11.01 -25.51
CA GLN B 128 -9.05 11.93 -26.41
C GLN B 128 -10.07 12.65 -27.29
N LEU B 129 -11.10 11.92 -27.70
CA LEU B 129 -12.16 12.46 -28.54
C LEU B 129 -12.96 13.51 -27.77
N LEU B 130 -13.42 13.15 -26.57
CA LEU B 130 -14.24 14.03 -25.75
C LEU B 130 -13.50 15.33 -25.41
N ILE B 131 -12.23 15.19 -25.06
CA ILE B 131 -11.39 16.35 -24.74
C ILE B 131 -11.18 17.24 -25.96
N LYS B 132 -10.94 16.60 -27.11
CA LYS B 132 -10.72 17.34 -28.36
C LYS B 132 -11.96 18.12 -28.77
N VAL B 133 -13.13 17.55 -28.53
CA VAL B 133 -14.39 18.21 -28.88
C VAL B 133 -14.69 19.37 -27.94
N ILE B 134 -14.74 19.07 -26.64
CA ILE B 134 -15.03 20.09 -25.63
C ILE B 134 -13.95 21.17 -25.62
N GLY B 135 -12.69 20.75 -25.69
CA GLY B 135 -11.58 21.68 -25.72
C GLY B 135 -11.61 22.58 -26.94
N GLY B 136 -12.02 22.01 -28.06
CA GLY B 136 -12.15 22.75 -29.30
C GLY B 136 -13.24 23.80 -29.22
N PHE B 137 -14.35 23.43 -28.58
CA PHE B 137 -15.46 24.34 -28.37
C PHE B 137 -15.05 25.54 -27.54
N LEU B 138 -14.19 25.29 -26.56
CA LEU B 138 -13.74 26.35 -25.65
C LEU B 138 -12.84 27.35 -26.36
N GLN B 139 -11.84 26.85 -27.09
CA GLN B 139 -10.90 27.74 -27.77
C GLN B 139 -11.58 28.49 -28.92
N LYS B 140 -12.62 27.90 -29.49
CA LYS B 140 -13.35 28.53 -30.58
C LYS B 140 -14.22 29.68 -30.08
N MET B 141 -14.78 29.50 -28.88
CA MET B 141 -15.67 30.49 -28.30
C MET B 141 -14.92 31.51 -27.44
N LEU B 142 -13.95 31.04 -26.67
CA LEU B 142 -13.28 31.90 -25.69
C LEU B 142 -11.98 32.50 -26.20
N GLY B 143 -11.45 31.94 -27.28
CA GLY B 143 -10.23 32.45 -27.88
C GLY B 143 -8.97 32.07 -27.11
N THR B 144 -9.11 31.15 -26.17
CA THR B 144 -7.96 30.64 -25.42
C THR B 144 -7.13 29.72 -26.29
N SER B 145 -5.91 29.43 -25.86
CA SER B 145 -5.03 28.55 -26.63
C SER B 145 -5.52 27.11 -26.56
N LYS B 146 -4.96 26.25 -27.41
CA LYS B 146 -5.38 24.86 -27.50
C LYS B 146 -5.00 24.06 -26.25
N ALA B 147 -3.77 24.23 -25.80
CA ALA B 147 -3.22 23.45 -24.68
C ALA B 147 -4.03 23.64 -23.40
N GLU B 148 -4.18 24.89 -22.97
CA GLU B 148 -4.90 25.19 -21.73
C GLU B 148 -6.38 24.82 -21.83
N SER B 149 -6.89 24.76 -23.05
CA SER B 149 -8.28 24.37 -23.28
C SER B 149 -8.47 22.87 -23.10
N MET B 150 -7.53 22.09 -23.62
CA MET B 150 -7.57 20.63 -23.49
C MET B 150 -7.41 20.22 -22.04
N SER B 151 -6.70 21.05 -21.27
CA SER B 151 -6.46 20.79 -19.85
C SER B 151 -7.77 20.85 -19.06
N ALA B 152 -8.64 21.78 -19.43
CA ALA B 152 -9.92 21.97 -18.77
C ALA B 152 -10.83 20.77 -19.00
N ALA B 153 -10.88 20.29 -20.24
CA ALA B 153 -11.72 19.17 -20.60
C ALA B 153 -11.29 17.90 -19.87
N ALA B 154 -9.97 17.67 -19.83
CA ALA B 154 -9.41 16.56 -19.08
C ALA B 154 -9.78 16.66 -17.61
N ASN B 155 -9.67 17.88 -17.09
CA ASN B 155 -9.94 18.17 -15.68
C ASN B 155 -11.37 17.84 -15.27
N ILE B 156 -12.29 17.90 -16.24
CA ILE B 156 -13.66 17.48 -16.02
C ILE B 156 -13.72 16.01 -15.65
N PHE B 157 -12.92 15.18 -16.34
CA PHE B 157 -12.93 13.75 -16.11
C PHE B 157 -11.85 13.30 -15.12
N VAL B 158 -10.62 13.74 -15.32
CA VAL B 158 -9.51 13.22 -14.50
C VAL B 158 -8.97 14.26 -13.54
N GLY B 159 -8.02 13.83 -12.72
CA GLY B 159 -7.44 14.67 -11.69
C GLY B 159 -6.57 15.79 -12.23
N GLN B 160 -6.26 16.74 -11.35
CA GLN B 160 -5.46 17.90 -11.69
C GLN B 160 -4.04 17.54 -12.13
N THR B 161 -3.54 16.40 -11.66
CA THR B 161 -2.20 15.96 -12.02
C THR B 161 -2.20 15.18 -13.32
N GLU B 162 -3.26 14.44 -13.58
CA GLU B 162 -3.36 13.62 -14.77
C GLU B 162 -3.86 14.42 -15.96
N ALA B 163 -4.47 15.56 -15.68
CA ALA B 163 -5.11 16.38 -16.71
C ALA B 163 -4.14 16.99 -17.73
N PRO B 164 -3.05 17.65 -17.27
CA PRO B 164 -2.17 18.30 -18.26
C PRO B 164 -1.26 17.31 -18.98
N LEU B 165 -1.35 16.03 -18.63
CA LEU B 165 -0.52 15.00 -19.24
C LEU B 165 -0.79 14.88 -20.74
N VAL B 166 -2.00 15.23 -21.15
CA VAL B 166 -2.37 15.17 -22.56
C VAL B 166 -1.70 16.27 -23.37
N VAL B 167 -1.27 17.33 -22.67
CA VAL B 167 -0.62 18.46 -23.32
C VAL B 167 0.73 18.75 -22.66
N ARG B 168 1.32 17.73 -22.06
CA ARG B 168 2.53 17.91 -21.24
C ARG B 168 3.79 18.42 -21.98
N PRO B 169 3.93 18.17 -23.30
CA PRO B 169 5.14 18.79 -23.86
C PRO B 169 4.99 20.30 -24.06
N TYR B 170 3.77 20.80 -24.03
CA TYR B 170 3.50 22.22 -24.24
C TYR B 170 3.67 23.03 -22.96
N ILE B 171 3.83 22.34 -21.84
CA ILE B 171 3.86 22.99 -20.53
C ILE B 171 5.18 23.73 -20.26
N ARG B 172 6.29 23.14 -20.68
CA ARG B 172 7.61 23.70 -20.40
C ARG B 172 7.82 25.06 -21.07
N ARG B 173 7.11 25.30 -22.16
CA ARG B 173 7.27 26.54 -22.93
C ARG B 173 6.10 27.50 -22.79
N MET B 174 4.98 27.03 -22.27
CA MET B 174 3.77 27.85 -22.20
C MET B 174 3.97 29.04 -21.26
N THR B 175 3.17 30.08 -21.47
CA THR B 175 3.36 31.35 -20.78
C THR B 175 2.94 31.33 -19.31
N GLU B 176 2.93 32.50 -18.70
CA GLU B 176 2.53 32.66 -17.30
C GLU B 176 1.03 32.44 -17.15
N SER B 177 0.26 32.99 -18.08
CA SER B 177 -1.19 32.92 -18.04
C SER B 177 -1.70 31.53 -18.39
N GLU B 178 -1.08 30.90 -19.39
CA GLU B 178 -1.47 29.56 -19.82
C GLU B 178 -1.24 28.56 -18.70
N LEU B 179 -0.12 28.70 -18.00
CA LEU B 179 0.21 27.81 -16.89
C LEU B 179 -0.78 27.97 -15.75
N PHE B 180 -1.08 29.22 -15.42
CA PHE B 180 -2.03 29.52 -14.35
C PHE B 180 -3.42 28.99 -14.68
N ALA B 181 -3.76 29.03 -15.97
CA ALA B 181 -5.06 28.53 -16.43
C ALA B 181 -5.15 27.02 -16.24
N VAL B 182 -4.03 26.34 -16.45
CA VAL B 182 -3.96 24.90 -16.24
C VAL B 182 -4.10 24.59 -14.75
N MET B 183 -3.45 25.40 -13.91
CA MET B 183 -3.52 25.23 -12.47
C MET B 183 -4.92 25.52 -11.92
N SER B 184 -5.52 26.60 -12.41
CA SER B 184 -6.85 27.01 -11.96
C SER B 184 -7.92 26.02 -12.39
N GLY B 185 -7.83 25.57 -13.65
CA GLY B 185 -8.74 24.57 -14.16
C GLY B 185 -8.59 23.27 -13.39
N GLY B 186 -7.41 23.05 -12.82
CA GLY B 186 -7.13 21.88 -12.03
C GLY B 186 -7.72 21.96 -10.64
N LEU B 187 -7.68 23.15 -10.05
CA LEU B 187 -8.17 23.37 -8.70
C LEU B 187 -9.68 23.57 -8.65
N ALA B 188 -10.28 23.85 -9.80
CA ALA B 188 -11.71 24.11 -9.86
C ALA B 188 -12.50 22.82 -9.96
N SER B 189 -11.89 21.82 -10.57
CA SER B 189 -12.55 20.54 -10.84
C SER B 189 -12.01 19.40 -9.99
N VAL B 190 -12.89 18.46 -9.66
CA VAL B 190 -12.52 17.22 -9.01
C VAL B 190 -11.90 16.24 -10.00
N ALA B 191 -11.79 14.98 -9.59
CA ALA B 191 -11.58 13.84 -10.48
C ALA B 191 -12.81 12.94 -10.49
N GLY B 192 -12.96 12.17 -11.56
CA GLY B 192 -14.08 11.25 -11.67
C GLY B 192 -14.02 10.17 -10.60
N SER B 193 -12.79 9.85 -10.19
CA SER B 193 -12.57 8.83 -9.17
C SER B 193 -13.12 9.24 -7.82
N VAL B 194 -12.73 10.42 -7.35
CA VAL B 194 -13.20 10.93 -6.07
C VAL B 194 -14.65 11.39 -6.17
N LEU B 195 -15.14 11.64 -7.38
CA LEU B 195 -16.53 12.01 -7.58
C LEU B 195 -17.44 10.87 -7.16
N ALA B 196 -17.11 9.66 -7.62
CA ALA B 196 -17.83 8.46 -7.19
C ALA B 196 -17.64 8.23 -5.70
N GLY B 197 -16.51 8.72 -5.18
CA GLY B 197 -16.24 8.64 -3.76
C GLY B 197 -17.23 9.49 -2.98
N TYR B 198 -17.50 10.69 -3.45
CA TYR B 198 -18.47 11.58 -2.81
C TYR B 198 -19.85 10.95 -2.84
N VAL B 199 -20.19 10.36 -3.98
CA VAL B 199 -21.49 9.72 -4.17
C VAL B 199 -21.73 8.62 -3.14
N GLN B 200 -20.73 7.78 -2.94
CA GLN B 200 -20.84 6.68 -1.98
C GLN B 200 -20.94 7.18 -0.55
N MET B 201 -20.60 8.44 -0.33
CA MET B 201 -20.74 9.06 0.98
C MET B 201 -22.16 9.60 1.17
N GLY B 202 -22.87 9.79 0.07
CA GLY B 202 -24.25 10.24 0.12
C GLY B 202 -24.49 11.54 -0.61
N VAL B 203 -23.45 12.05 -1.26
CA VAL B 203 -23.52 13.32 -1.97
C VAL B 203 -24.28 13.18 -3.29
N PRO B 204 -25.23 14.11 -3.55
CA PRO B 204 -26.03 14.14 -4.78
C PRO B 204 -25.20 14.09 -6.05
N LEU B 205 -25.35 13.01 -6.81
CA LEU B 205 -24.60 12.81 -8.05
C LEU B 205 -24.86 13.85 -9.16
N PRO B 206 -26.13 14.19 -9.44
CA PRO B 206 -26.36 15.14 -10.55
C PRO B 206 -25.66 16.48 -10.36
N TYR B 207 -25.56 16.95 -9.12
CA TYR B 207 -24.87 18.19 -8.83
C TYR B 207 -23.38 18.09 -9.14
N LEU B 208 -22.80 16.93 -8.82
CA LEU B 208 -21.39 16.68 -9.05
C LEU B 208 -21.07 16.61 -10.55
N ILE B 209 -22.03 16.10 -11.32
CA ILE B 209 -21.87 16.02 -12.77
C ILE B 209 -21.83 17.41 -13.38
N ALA B 210 -22.84 18.21 -13.04
CA ALA B 210 -22.96 19.57 -13.55
C ALA B 210 -21.76 20.42 -13.14
N ALA B 211 -21.34 20.28 -11.88
CA ALA B 211 -20.21 21.04 -11.35
C ALA B 211 -18.92 20.70 -12.09
N SER B 212 -18.74 19.43 -12.43
CA SER B 212 -17.54 18.98 -13.12
C SER B 212 -17.45 19.59 -14.51
N PHE B 213 -18.59 19.81 -15.15
CA PHE B 213 -18.63 20.41 -16.48
C PHE B 213 -18.49 21.93 -16.41
N MET B 214 -19.05 22.53 -15.36
CA MET B 214 -18.99 23.98 -15.18
C MET B 214 -17.59 24.43 -14.74
N ALA B 215 -16.80 23.49 -14.25
CA ALA B 215 -15.48 23.81 -13.70
C ALA B 215 -14.50 24.21 -14.80
N ALA B 216 -14.73 23.74 -16.01
CA ALA B 216 -13.83 24.02 -17.13
C ALA B 216 -13.91 25.49 -17.58
N PRO B 217 -15.11 26.02 -17.86
CA PRO B 217 -15.09 27.43 -18.24
C PRO B 217 -14.91 28.35 -17.04
N GLY B 218 -15.35 27.90 -15.87
CA GLY B 218 -15.21 28.67 -14.64
C GLY B 218 -13.76 28.80 -14.24
N GLY B 219 -13.00 27.73 -14.47
CA GLY B 219 -11.57 27.75 -14.20
C GLY B 219 -10.87 28.73 -15.12
N LEU B 220 -11.25 28.69 -16.41
CA LEU B 220 -10.70 29.61 -17.39
C LEU B 220 -11.14 31.05 -17.12
N LEU B 221 -12.36 31.20 -16.61
CA LEU B 221 -12.93 32.51 -16.32
C LEU B 221 -12.05 33.32 -15.37
N PHE B 222 -11.79 32.76 -14.19
CA PHE B 222 -11.02 33.47 -13.18
C PHE B 222 -9.51 33.36 -13.42
N ALA B 223 -9.12 32.52 -14.36
CA ALA B 223 -7.71 32.43 -14.74
C ALA B 223 -7.34 33.54 -15.70
N LYS B 224 -8.31 33.96 -16.51
CA LYS B 224 -8.10 35.04 -17.47
C LYS B 224 -8.47 36.38 -16.85
N LEU B 225 -9.06 36.33 -15.66
CA LEU B 225 -9.38 37.54 -14.91
C LEU B 225 -8.20 37.96 -14.05
N LEU B 226 -7.59 37.00 -13.37
CA LEU B 226 -6.47 37.26 -12.46
C LEU B 226 -5.18 37.51 -13.23
N VAL B 227 -4.92 36.71 -14.26
CA VAL B 227 -3.72 36.88 -15.08
C VAL B 227 -4.03 36.74 -16.58
N PRO B 228 -4.53 37.84 -17.19
CA PRO B 228 -4.83 37.85 -18.63
C PRO B 228 -3.59 37.58 -19.47
N GLU B 229 -3.79 37.07 -20.69
CA GLU B 229 -2.69 36.79 -21.59
C GLU B 229 -2.01 38.08 -22.03
N THR B 230 -0.73 38.22 -21.67
CA THR B 230 0.01 39.43 -22.00
C THR B 230 1.07 39.18 -23.07
N GLU B 231 1.30 37.91 -23.40
CA GLU B 231 2.33 37.55 -24.36
C GLU B 231 1.83 36.56 -25.41
N ARG B 232 2.75 36.08 -26.24
CA ARG B 232 2.40 35.23 -27.38
C ARG B 232 2.22 33.78 -26.98
N THR B 233 1.26 33.11 -27.63
CA THR B 233 0.98 31.71 -27.38
C THR B 233 1.79 30.82 -28.32
N GLN B 234 1.54 29.51 -28.25
CA GLN B 234 2.22 28.56 -29.12
C GLN B 234 1.21 27.73 -29.90
N ASN B 235 0.88 28.17 -31.12
CA ASN B 235 -0.12 27.50 -31.94
C ASN B 235 0.48 26.31 -32.71
N ASP B 236 -0.15 25.15 -32.55
CA ASP B 236 0.28 23.94 -33.26
C ASP B 236 -0.91 23.00 -33.45
N ALA B 237 -0.91 22.30 -34.58
CA ALA B 237 -1.97 21.37 -34.95
C ALA B 237 -3.35 22.01 -34.90
N LYS B 247 3.93 3.79 -23.29
CA LYS B 247 2.62 3.31 -23.72
C LYS B 247 2.36 1.89 -23.20
N PRO B 248 1.11 1.60 -22.84
CA PRO B 248 0.72 0.25 -22.40
C PRO B 248 0.88 -0.79 -23.50
N THR B 249 1.13 -2.04 -23.11
CA THR B 249 1.26 -3.13 -24.06
C THR B 249 -0.08 -3.40 -24.74
N ASN B 250 -1.08 -3.74 -23.93
CA ASN B 250 -2.43 -3.97 -24.44
C ASN B 250 -3.48 -3.39 -23.49
N VAL B 251 -4.74 -3.67 -23.77
CA VAL B 251 -5.84 -3.11 -22.98
C VAL B 251 -5.83 -3.64 -21.54
N ILE B 252 -5.37 -4.88 -21.37
CA ILE B 252 -5.30 -5.49 -20.05
C ILE B 252 -4.20 -4.83 -19.22
N ASP B 253 -3.10 -4.47 -19.88
CA ASP B 253 -2.00 -3.77 -19.22
C ASP B 253 -2.45 -2.40 -18.73
N ALA B 254 -3.19 -1.70 -19.58
CA ALA B 254 -3.69 -0.36 -19.25
C ALA B 254 -4.63 -0.41 -18.05
N ALA B 255 -5.52 -1.39 -18.04
CA ALA B 255 -6.45 -1.56 -16.93
C ALA B 255 -5.71 -1.90 -15.64
N ALA B 256 -4.69 -2.74 -15.75
CA ALA B 256 -3.89 -3.12 -14.60
C ALA B 256 -3.02 -1.95 -14.12
N SER B 257 -2.45 -1.22 -15.07
CA SER B 257 -1.59 -0.08 -14.75
C SER B 257 -2.37 1.02 -14.04
N GLY B 258 -3.63 1.20 -14.46
CA GLY B 258 -4.49 2.19 -13.85
C GLY B 258 -4.90 1.79 -12.45
N ALA B 259 -5.14 0.49 -12.26
CA ALA B 259 -5.55 -0.04 -10.96
C ALA B 259 -4.48 0.18 -9.91
N VAL B 260 -3.24 -0.19 -10.24
CA VAL B 260 -2.11 -0.03 -9.32
C VAL B 260 -1.88 1.44 -8.99
N THR B 261 -1.97 2.29 -10.02
CA THR B 261 -1.82 3.73 -9.83
C THR B 261 -2.90 4.26 -8.89
N GLY B 262 -4.14 3.89 -9.15
CA GLY B 262 -5.26 4.31 -8.33
C GLY B 262 -5.19 3.73 -6.93
N ALA B 263 -4.52 2.60 -6.78
CA ALA B 263 -4.36 1.94 -5.49
C ALA B 263 -3.50 2.77 -4.55
N GLN B 264 -2.30 3.13 -5.01
CA GLN B 264 -1.37 3.88 -4.18
C GLN B 264 -1.85 5.32 -3.98
N ILE B 265 -2.64 5.82 -4.92
CA ILE B 265 -3.27 7.12 -4.75
C ILE B 265 -4.30 7.05 -3.62
N ALA B 266 -5.11 5.99 -3.63
CA ALA B 266 -6.13 5.77 -2.62
C ALA B 266 -5.51 5.63 -1.22
N ILE B 267 -4.39 4.91 -1.15
CA ILE B 267 -3.67 4.74 0.10
C ILE B 267 -3.18 6.09 0.62
N ALA B 268 -2.70 6.91 -0.30
CA ALA B 268 -2.23 8.25 0.04
C ALA B 268 -3.37 9.13 0.52
N VAL B 269 -4.51 9.03 -0.16
CA VAL B 269 -5.69 9.81 0.20
C VAL B 269 -6.23 9.38 1.56
N GLY B 270 -6.38 8.07 1.74
CA GLY B 270 -6.89 7.54 2.99
C GLY B 270 -6.00 7.87 4.18
N ALA B 271 -4.70 7.87 3.96
CA ALA B 271 -3.75 8.20 5.02
C ALA B 271 -3.80 9.68 5.36
N SER B 272 -3.99 10.51 4.34
CA SER B 272 -4.07 11.96 4.52
C SER B 272 -5.31 12.35 5.30
N LEU B 273 -6.42 11.69 5.00
CA LEU B 273 -7.68 11.97 5.69
C LEU B 273 -7.63 11.54 7.15
N LEU B 274 -7.06 10.37 7.41
CA LEU B 274 -6.90 9.87 8.78
C LEU B 274 -6.09 10.86 9.60
N ALA B 275 -5.06 11.43 8.98
CA ALA B 275 -4.21 12.40 9.65
C ALA B 275 -4.94 13.72 9.84
N PHE B 276 -5.56 14.21 8.77
CA PHE B 276 -6.25 15.50 8.81
C PHE B 276 -7.37 15.53 9.85
N VAL B 277 -8.22 14.50 9.83
CA VAL B 277 -9.33 14.41 10.78
C VAL B 277 -8.83 14.39 12.22
N ALA B 278 -7.79 13.61 12.46
CA ALA B 278 -7.22 13.47 13.80
C ALA B 278 -6.58 14.79 14.25
N LEU B 279 -5.87 15.45 13.34
CA LEU B 279 -5.23 16.72 13.65
C LEU B 279 -6.27 17.80 13.96
N ILE B 280 -7.38 17.77 13.24
CA ILE B 280 -8.47 18.71 13.46
C ILE B 280 -9.06 18.54 14.86
N ALA B 281 -9.28 17.29 15.26
CA ALA B 281 -9.78 16.98 16.58
C ALA B 281 -8.79 17.41 17.66
N MET B 282 -7.50 17.30 17.34
CA MET B 282 -6.45 17.71 18.27
C MET B 282 -6.45 19.23 18.45
N ILE B 283 -6.64 19.95 17.35
CA ILE B 283 -6.73 21.39 17.38
C ILE B 283 -7.94 21.84 18.20
N ASN B 284 -9.07 21.15 17.99
CA ASN B 284 -10.29 21.42 18.72
C ASN B 284 -10.13 21.19 20.23
N GLY B 285 -9.22 20.29 20.59
CA GLY B 285 -8.90 20.04 21.98
C GLY B 285 -8.11 21.19 22.56
N ILE B 286 -7.22 21.76 21.75
CA ILE B 286 -6.39 22.89 22.16
C ILE B 286 -7.23 24.16 22.27
N ILE B 287 -8.03 24.42 21.24
CA ILE B 287 -8.93 25.58 21.23
C ILE B 287 -9.94 25.49 22.37
N GLY B 288 -10.35 24.27 22.70
CA GLY B 288 -11.26 24.03 23.79
C GLY B 288 -10.70 24.45 25.14
N GLY B 289 -9.44 24.11 25.38
CA GLY B 289 -8.79 24.45 26.63
C GLY B 289 -8.46 25.92 26.75
N VAL B 290 -7.79 26.46 25.74
CA VAL B 290 -7.42 27.88 25.71
C VAL B 290 -8.66 28.76 25.67
N GLY B 291 -9.67 28.32 24.93
CA GLY B 291 -10.91 29.06 24.81
C GLY B 291 -11.77 29.02 26.06
N GLY B 292 -11.32 28.26 27.06
CA GLY B 292 -12.02 28.18 28.34
C GLY B 292 -11.98 29.49 29.09
N TRP B 293 -10.92 30.26 28.87
CA TRP B 293 -10.77 31.57 29.51
C TRP B 293 -11.41 32.66 28.67
N PHE B 294 -11.68 32.36 27.41
CA PHE B 294 -12.24 33.34 26.48
C PHE B 294 -13.74 33.52 26.68
N GLY B 295 -14.31 32.77 27.63
CA GLY B 295 -15.72 32.88 27.94
C GLY B 295 -16.57 31.82 27.25
N HIS B 296 -15.91 30.88 26.58
CA HIS B 296 -16.61 29.80 25.90
C HIS B 296 -16.11 28.43 26.36
N GLY B 297 -15.02 27.98 25.76
CA GLY B 297 -14.44 26.70 26.11
C GLY B 297 -14.96 25.56 25.24
N ASP B 298 -16.17 25.72 24.73
CA ASP B 298 -16.77 24.73 23.85
C ASP B 298 -16.55 25.09 22.39
N LEU B 299 -15.66 26.06 22.16
CA LEU B 299 -15.36 26.53 20.81
C LEU B 299 -14.60 25.49 20.00
N THR B 300 -14.93 25.38 18.72
CA THR B 300 -14.26 24.44 17.82
C THR B 300 -13.79 25.15 16.55
N LEU B 301 -12.89 24.50 15.82
CA LEU B 301 -12.40 25.04 14.55
C LEU B 301 -13.52 25.13 13.52
N GLN B 302 -14.45 24.17 13.59
CA GLN B 302 -15.60 24.15 12.70
C GLN B 302 -16.45 25.41 12.87
N ALA B 303 -16.68 25.79 14.13
CA ALA B 303 -17.48 26.98 14.43
C ALA B 303 -16.77 28.25 14.00
N ILE B 304 -15.46 28.31 14.23
CA ILE B 304 -14.67 29.46 13.85
C ILE B 304 -14.70 29.68 12.34
N LEU B 305 -14.48 28.61 11.58
CA LEU B 305 -14.55 28.67 10.12
C LEU B 305 -15.94 29.06 9.66
N GLY B 306 -16.96 28.49 10.29
CA GLY B 306 -18.33 28.78 9.96
C GLY B 306 -18.68 30.23 10.25
N TRP B 307 -18.25 30.70 11.41
CA TRP B 307 -18.51 32.09 11.82
C TRP B 307 -17.72 33.07 10.96
N LEU B 308 -16.58 32.62 10.45
CA LEU B 308 -15.72 33.47 9.63
C LEU B 308 -16.19 33.51 8.17
N PHE B 309 -16.55 32.36 7.63
CA PHE B 309 -16.98 32.27 6.23
C PHE B 309 -18.49 32.46 6.09
N SER B 310 -19.14 32.85 7.19
CA SER B 310 -20.58 33.11 7.18
C SER B 310 -21.00 34.19 6.18
N PRO B 311 -20.27 35.33 6.10
CA PRO B 311 -20.70 36.32 5.11
C PRO B 311 -20.65 35.81 3.67
N LEU B 312 -19.58 35.09 3.32
CA LEU B 312 -19.42 34.57 1.96
C LEU B 312 -20.55 33.61 1.59
N ALA B 313 -21.02 32.86 2.59
CA ALA B 313 -22.13 31.93 2.38
C ALA B 313 -23.42 32.68 2.09
N TRP B 314 -23.62 33.79 2.78
CA TRP B 314 -24.84 34.59 2.59
C TRP B 314 -24.85 35.28 1.24
N VAL B 315 -23.67 35.63 0.74
CA VAL B 315 -23.54 36.30 -0.55
C VAL B 315 -23.96 35.39 -1.70
N ILE B 316 -23.59 34.11 -1.59
CA ILE B 316 -23.81 33.18 -2.70
C ILE B 316 -25.21 32.56 -2.71
N GLY B 317 -26.08 33.05 -1.84
CA GLY B 317 -27.49 32.68 -1.90
C GLY B 317 -28.03 31.88 -0.71
N VAL B 318 -27.18 31.61 0.27
CA VAL B 318 -27.61 30.88 1.46
C VAL B 318 -28.26 31.80 2.48
N PRO B 319 -29.43 31.42 2.99
CA PRO B 319 -30.08 32.16 4.08
C PRO B 319 -29.16 32.27 5.29
N TRP B 320 -29.30 33.33 6.07
CA TRP B 320 -28.40 33.58 7.19
C TRP B 320 -28.50 32.51 8.27
N SER B 321 -29.65 31.85 8.34
CA SER B 321 -29.86 30.79 9.32
C SER B 321 -28.98 29.58 9.03
N GLU B 322 -28.63 29.39 7.76
CA GLU B 322 -27.81 28.26 7.34
C GLU B 322 -26.43 28.72 6.86
N ALA B 323 -26.21 30.03 6.90
CA ALA B 323 -24.95 30.60 6.43
C ALA B 323 -23.78 30.16 7.31
N GLY B 324 -24.06 29.91 8.59
CA GLY B 324 -23.04 29.45 9.51
C GLY B 324 -22.60 28.03 9.17
N ILE B 325 -23.56 27.18 8.82
CA ILE B 325 -23.28 25.81 8.44
C ILE B 325 -22.48 25.76 7.14
N ALA B 326 -22.96 26.47 6.13
CA ALA B 326 -22.30 26.53 4.83
C ALA B 326 -20.90 27.12 4.95
N GLY B 327 -20.72 28.02 5.90
CA GLY B 327 -19.43 28.63 6.15
C GLY B 327 -18.41 27.62 6.63
N SER B 328 -18.85 26.71 7.48
CA SER B 328 -17.98 25.66 8.01
C SER B 328 -17.52 24.73 6.91
N LEU B 329 -18.47 24.31 6.07
CA LEU B 329 -18.19 23.36 4.99
C LEU B 329 -17.26 23.97 3.94
N ILE B 330 -17.50 25.23 3.59
CA ILE B 330 -16.65 25.94 2.66
C ILE B 330 -15.29 26.21 3.29
N GLY B 331 -15.30 26.61 4.55
CA GLY B 331 -14.08 26.86 5.30
C GLY B 331 -13.18 25.64 5.39
N GLN B 332 -13.77 24.51 5.78
CA GLN B 332 -13.03 23.26 5.88
C GLN B 332 -12.47 22.81 4.54
N LYS B 333 -13.23 23.10 3.48
CA LYS B 333 -12.84 22.72 2.13
C LYS B 333 -11.52 23.37 1.70
N VAL B 334 -11.39 24.66 2.00
CA VAL B 334 -10.24 25.43 1.55
C VAL B 334 -8.99 25.17 2.40
N VAL B 335 -9.16 25.08 3.72
CA VAL B 335 -8.02 24.91 4.61
C VAL B 335 -7.55 23.46 4.71
N ILE B 336 -8.48 22.52 4.52
CA ILE B 336 -8.14 21.10 4.54
C ILE B 336 -8.32 20.44 3.17
N ASN B 337 -9.52 19.93 2.92
CA ASN B 337 -9.87 19.41 1.60
C ASN B 337 -11.38 19.23 1.49
N GLU B 338 -11.84 18.78 0.33
CA GLU B 338 -13.28 18.65 0.07
C GLU B 338 -13.87 17.42 0.75
N PHE B 339 -13.04 16.40 0.98
CA PHE B 339 -13.52 15.17 1.61
C PHE B 339 -13.97 15.41 3.04
N VAL B 340 -13.19 16.20 3.78
CA VAL B 340 -13.56 16.57 5.14
C VAL B 340 -14.85 17.41 5.12
N ALA B 341 -14.94 18.28 4.13
CA ALA B 341 -16.11 19.14 3.96
C ALA B 341 -17.36 18.32 3.65
N TYR B 342 -17.25 17.40 2.69
CA TYR B 342 -18.37 16.56 2.30
C TYR B 342 -18.77 15.57 3.38
N SER B 343 -17.80 15.16 4.19
CA SER B 343 -18.06 14.21 5.27
C SER B 343 -18.92 14.83 6.35
N GLU B 344 -18.71 16.13 6.60
CA GLU B 344 -19.48 16.86 7.58
C GLU B 344 -20.78 17.39 6.95
N PHE B 345 -20.84 17.35 5.63
CA PHE B 345 -22.00 17.87 4.90
C PHE B 345 -23.10 16.81 4.76
N VAL B 346 -22.71 15.56 4.59
CA VAL B 346 -23.67 14.47 4.44
C VAL B 346 -24.41 14.19 5.75
N LYS B 347 -23.85 14.68 6.85
CA LYS B 347 -24.47 14.53 8.16
C LYS B 347 -25.73 15.38 8.25
N TYR B 348 -25.79 16.43 7.45
CA TYR B 348 -26.96 17.31 7.41
C TYR B 348 -27.99 16.81 6.40
N LEU B 349 -27.59 15.85 5.56
CA LEU B 349 -28.47 15.31 4.53
C LEU B 349 -29.31 14.15 5.07
N LYS B 350 -28.94 13.65 6.25
CA LYS B 350 -29.68 12.57 6.87
C LYS B 350 -31.09 13.03 7.26
N PRO B 351 -32.10 12.17 7.04
CA PRO B 351 -33.48 12.50 7.34
C PRO B 351 -33.76 12.61 8.84
N GLU B 352 -32.85 12.11 9.66
CA GLU B 352 -33.00 12.16 11.11
C GLU B 352 -32.23 13.33 11.70
N ALA B 353 -31.83 14.27 10.86
CA ALA B 353 -31.06 15.43 11.31
C ALA B 353 -31.91 16.37 12.16
N ALA B 354 -31.25 17.05 13.11
CA ALA B 354 -31.94 18.02 13.95
C ALA B 354 -32.20 19.30 13.18
N VAL B 355 -31.25 19.68 12.33
CA VAL B 355 -31.38 20.88 11.50
C VAL B 355 -31.60 20.50 10.04
N GLN B 356 -32.81 20.71 9.55
CA GLN B 356 -33.14 20.40 8.16
C GLN B 356 -32.81 21.56 7.24
N LEU B 357 -31.81 21.36 6.39
CA LEU B 357 -31.40 22.40 5.44
C LEU B 357 -32.43 22.58 4.34
N SER B 358 -32.49 23.78 3.77
CA SER B 358 -33.37 24.05 2.65
C SER B 358 -32.81 23.42 1.38
N ASP B 359 -33.68 23.22 0.39
CA ASP B 359 -33.29 22.58 -0.86
C ASP B 359 -32.29 23.43 -1.63
N THR B 360 -32.52 24.72 -1.70
CA THR B 360 -31.66 25.63 -2.44
C THR B 360 -30.28 25.75 -1.78
N THR B 361 -30.24 25.56 -0.47
CA THR B 361 -28.98 25.63 0.28
C THR B 361 -28.10 24.42 -0.04
N LYS B 362 -28.70 23.25 -0.01
CA LYS B 362 -27.99 22.00 -0.28
C LYS B 362 -27.38 21.99 -1.68
N ALA B 363 -28.06 22.63 -2.62
CA ALA B 363 -27.58 22.71 -3.99
C ALA B 363 -26.38 23.64 -4.09
N ILE B 364 -26.45 24.77 -3.40
CA ILE B 364 -25.35 25.73 -3.36
C ILE B 364 -24.08 25.08 -2.81
N ILE B 365 -24.22 24.42 -1.66
CA ILE B 365 -23.10 23.78 -1.00
C ILE B 365 -22.50 22.65 -1.83
N SER B 366 -23.37 21.86 -2.46
CA SER B 366 -22.93 20.73 -3.26
C SER B 366 -22.07 21.17 -4.44
N PHE B 367 -22.38 22.34 -5.00
CA PHE B 367 -21.61 22.90 -6.10
C PHE B 367 -20.38 23.64 -5.59
N ALA B 368 -20.53 24.33 -4.45
CA ALA B 368 -19.45 25.12 -3.88
C ALA B 368 -18.30 24.26 -3.38
N LEU B 369 -18.63 23.02 -3.00
CA LEU B 369 -17.64 22.13 -2.40
C LEU B 369 -16.98 21.21 -3.43
N CYS B 370 -17.55 21.14 -4.63
CA CYS B 370 -17.02 20.28 -5.67
C CYS B 370 -15.79 20.91 -6.34
N GLY B 371 -14.64 20.75 -5.70
CA GLY B 371 -13.40 21.28 -6.23
C GLY B 371 -12.19 20.91 -5.38
N PHE B 372 -11.03 20.82 -6.02
CA PHE B 372 -9.81 20.48 -5.32
C PHE B 372 -9.12 21.73 -4.75
N ALA B 373 -9.75 22.88 -4.92
CA ALA B 373 -9.17 24.14 -4.49
C ALA B 373 -8.98 24.20 -2.97
N ASN B 374 -7.80 23.80 -2.52
CA ASN B 374 -7.44 23.92 -1.11
C ASN B 374 -5.95 24.21 -0.94
N LEU B 375 -5.56 24.56 0.29
CA LEU B 375 -4.17 24.91 0.58
C LEU B 375 -3.23 23.72 0.38
N GLY B 376 -3.78 22.52 0.48
CA GLY B 376 -2.98 21.31 0.36
C GLY B 376 -2.77 20.86 -1.08
N SER B 377 -3.61 21.34 -1.98
CA SER B 377 -3.51 20.96 -3.39
C SER B 377 -2.37 21.69 -4.09
N ILE B 378 -1.88 22.75 -3.46
CA ILE B 378 -0.79 23.54 -4.02
C ILE B 378 0.47 22.70 -4.19
N ALA B 379 0.85 22.00 -3.13
CA ALA B 379 2.04 21.16 -3.15
C ALA B 379 1.87 20.00 -4.13
N VAL B 380 0.63 19.56 -4.31
CA VAL B 380 0.32 18.49 -5.25
C VAL B 380 0.56 18.99 -6.67
N LEU B 381 0.10 20.20 -6.95
CA LEU B 381 0.35 20.85 -8.23
C LEU B 381 1.83 21.00 -8.48
N VAL B 382 2.54 21.56 -7.50
CA VAL B 382 3.98 21.78 -7.60
C VAL B 382 4.72 20.50 -7.99
N GLY B 383 4.47 19.43 -7.23
CA GLY B 383 5.14 18.16 -7.47
C GLY B 383 4.89 17.58 -8.85
N GLY B 384 3.62 17.40 -9.20
CA GLY B 384 3.25 16.78 -10.46
C GLY B 384 3.55 17.62 -11.69
N LEU B 385 3.24 18.90 -11.62
CA LEU B 385 3.44 19.81 -12.75
C LEU B 385 4.93 20.06 -13.01
N SER B 386 5.76 19.84 -11.99
CA SER B 386 7.20 19.97 -12.15
C SER B 386 7.79 18.77 -12.87
N ILE B 387 7.23 17.60 -12.61
CA ILE B 387 7.66 16.38 -13.29
C ILE B 387 7.46 16.53 -14.79
N MET B 388 6.46 17.31 -15.17
CA MET B 388 6.20 17.62 -16.58
C MET B 388 7.04 18.79 -17.07
N ALA B 389 7.29 19.76 -16.19
CA ALA B 389 8.08 20.94 -16.55
C ALA B 389 8.90 21.43 -15.36
N PRO B 390 10.10 20.86 -15.18
CA PRO B 390 10.94 21.11 -14.00
C PRO B 390 11.45 22.54 -13.87
N LYS B 391 11.69 23.20 -15.01
CA LYS B 391 12.20 24.57 -14.98
C LYS B 391 11.13 25.57 -14.60
N ARG B 392 9.88 25.13 -14.62
CA ARG B 392 8.75 26.01 -14.29
C ARG B 392 8.28 25.80 -12.86
N ARG B 393 9.01 24.98 -12.10
CA ARG B 393 8.62 24.61 -10.75
C ARG B 393 8.49 25.81 -9.82
N LYS B 394 9.37 26.79 -9.98
CA LYS B 394 9.32 28.00 -9.17
C LYS B 394 8.09 28.83 -9.50
N ASP B 395 7.70 28.82 -10.78
CA ASP B 395 6.53 29.56 -11.23
C ASP B 395 5.24 28.97 -10.67
N VAL B 396 5.19 27.64 -10.64
CA VAL B 396 4.01 26.92 -10.15
C VAL B 396 3.77 27.20 -8.67
N ALA B 397 4.82 27.07 -7.87
CA ALA B 397 4.72 27.28 -6.43
C ALA B 397 4.39 28.73 -6.11
N ARG B 398 4.79 29.64 -6.98
CA ARG B 398 4.53 31.06 -6.78
C ARG B 398 3.06 31.40 -7.04
N LEU B 399 2.46 30.73 -8.01
CA LEU B 399 1.08 30.97 -8.38
C LEU B 399 0.12 30.07 -7.60
N GLY B 400 0.62 29.46 -6.53
CA GLY B 400 -0.15 28.51 -5.75
C GLY B 400 -1.40 29.08 -5.12
N ILE B 401 -1.24 30.13 -4.32
CA ILE B 401 -2.36 30.74 -3.60
C ILE B 401 -3.37 31.36 -4.56
N LYS B 402 -2.87 32.10 -5.54
CA LYS B 402 -3.74 32.76 -6.51
C LYS B 402 -4.56 31.77 -7.32
N ALA B 403 -3.99 30.59 -7.57
CA ALA B 403 -4.68 29.54 -8.29
C ALA B 403 -5.80 28.94 -7.43
N VAL B 404 -5.52 28.79 -6.13
CA VAL B 404 -6.53 28.31 -5.19
C VAL B 404 -7.71 29.27 -5.15
N VAL B 405 -7.40 30.56 -5.15
CA VAL B 405 -8.43 31.60 -5.22
C VAL B 405 -9.24 31.47 -6.49
N ALA B 406 -8.54 31.30 -7.62
CA ALA B 406 -9.20 31.15 -8.92
C ALA B 406 -10.12 29.94 -8.94
N GLY B 407 -9.66 28.84 -8.34
CA GLY B 407 -10.46 27.63 -8.26
C GLY B 407 -11.63 27.78 -7.33
N SER B 408 -11.40 28.45 -6.20
CA SER B 408 -12.44 28.67 -5.20
C SER B 408 -13.55 29.56 -5.75
N LEU B 409 -13.16 30.60 -6.49
CA LEU B 409 -14.11 31.51 -7.09
C LEU B 409 -14.94 30.81 -8.17
N SER B 410 -14.31 29.88 -8.86
CA SER B 410 -14.99 29.09 -9.89
C SER B 410 -16.07 28.21 -9.28
N ASN B 411 -15.76 27.63 -8.12
CA ASN B 411 -16.72 26.79 -7.41
C ASN B 411 -17.89 27.62 -6.88
N LEU B 412 -17.58 28.80 -6.36
CA LEU B 412 -18.59 29.69 -5.81
C LEU B 412 -19.50 30.24 -6.90
N MET B 413 -18.92 30.52 -8.06
CA MET B 413 -19.70 30.99 -9.21
C MET B 413 -20.71 29.94 -9.63
N SER B 414 -20.27 28.68 -9.66
CA SER B 414 -21.16 27.57 -9.97
C SER B 414 -22.21 27.40 -8.88
N ALA B 415 -21.85 27.72 -7.65
CA ALA B 415 -22.76 27.61 -6.52
C ALA B 415 -23.86 28.67 -6.59
N VAL B 416 -23.49 29.89 -6.93
CA VAL B 416 -24.45 30.97 -7.09
C VAL B 416 -25.44 30.65 -8.20
N ILE B 417 -24.89 30.22 -9.33
CA ILE B 417 -25.69 29.81 -10.48
C ILE B 417 -26.66 28.68 -10.12
N ALA B 418 -26.16 27.72 -9.34
CA ALA B 418 -26.96 26.57 -8.94
C ALA B 418 -28.11 26.95 -8.04
N GLY B 419 -27.81 27.75 -7.01
CA GLY B 419 -28.82 28.16 -6.05
C GLY B 419 -29.92 28.99 -6.68
N LEU B 420 -29.56 29.71 -7.74
CA LEU B 420 -30.52 30.52 -8.49
C LEU B 420 -31.51 29.65 -9.24
N PHE B 421 -31.00 28.65 -9.95
CA PHE B 421 -31.84 27.80 -10.79
C PHE B 421 -32.61 26.77 -9.99
N THR B 422 -32.21 26.56 -8.74
CA THR B 422 -32.99 25.73 -7.83
C THR B 422 -34.06 26.57 -7.15
N GLY B 423 -33.82 27.87 -7.09
CA GLY B 423 -34.79 28.82 -6.58
C GLY B 423 -35.90 29.04 -7.60
N LEU B 424 -35.56 28.87 -8.87
CA LEU B 424 -36.56 28.94 -9.93
C LEU B 424 -37.49 27.73 -9.93
N SER B 425 -36.96 26.59 -10.33
CA SER B 425 -37.69 25.32 -10.25
C SER B 425 -36.80 24.32 -9.51
N GLY B 426 -37.22 23.95 -8.31
CA GLY B 426 -36.38 23.21 -7.39
C GLY B 426 -36.43 21.71 -7.57
N ALA B 427 -35.36 21.03 -7.15
CA ALA B 427 -35.29 19.57 -7.24
C ALA B 427 -34.10 19.03 -6.45
N SER B 428 -34.34 18.13 -5.50
CA SER B 428 -33.27 17.44 -4.77
C SER B 428 -33.89 16.38 -3.89
N VAL B 429 -33.70 15.13 -4.26
CA VAL B 429 -34.27 14.03 -3.49
C VAL B 429 -33.48 13.79 -2.21
N LEU B 430 -34.23 13.61 -1.12
CA LEU B 430 -33.67 13.28 0.19
C LEU B 430 -33.19 11.84 0.23
N ARG C 6 15.55 -6.54 51.57
CA ARG C 6 14.81 -5.73 50.61
C ARG C 6 15.70 -4.64 50.01
N MET C 7 17.00 -4.88 50.02
CA MET C 7 17.95 -3.93 49.45
C MET C 7 18.52 -4.46 48.14
N VAL C 8 17.74 -4.34 47.07
CA VAL C 8 18.15 -4.82 45.76
C VAL C 8 19.11 -3.84 45.09
N VAL C 9 19.55 -2.83 45.83
CA VAL C 9 20.47 -1.83 45.32
C VAL C 9 21.80 -2.46 44.92
N LEU C 10 22.19 -3.51 45.62
CA LEU C 10 23.43 -4.22 45.30
C LEU C 10 23.26 -5.05 44.04
N HIS C 11 22.08 -5.65 43.89
CA HIS C 11 21.78 -6.47 42.72
C HIS C 11 21.69 -5.59 41.47
N SER C 12 21.18 -4.38 41.64
CA SER C 12 21.08 -3.43 40.55
C SER C 12 22.47 -2.93 40.15
N LEU C 13 23.26 -2.54 41.15
CA LEU C 13 24.63 -2.10 40.91
C LEU C 13 25.46 -3.24 40.32
N LEU C 14 25.11 -4.47 40.68
CA LEU C 14 25.74 -5.64 40.10
C LEU C 14 25.44 -5.69 38.61
N GLY C 15 24.18 -5.44 38.26
CA GLY C 15 23.76 -5.44 36.87
C GLY C 15 24.44 -4.35 36.07
N MET C 16 24.49 -3.14 36.64
CA MET C 16 25.17 -2.01 36.01
C MET C 16 26.63 -2.32 35.76
N ALA C 17 27.28 -2.92 36.75
CA ALA C 17 28.71 -3.24 36.66
C ALA C 17 28.98 -4.25 35.55
N VAL C 18 28.18 -5.32 35.50
CA VAL C 18 28.35 -6.36 34.49
C VAL C 18 28.18 -5.82 33.08
N LEU C 19 27.11 -5.05 32.86
CA LEU C 19 26.83 -4.47 31.56
C LEU C 19 27.96 -3.57 31.08
N ILE C 20 28.42 -2.67 31.95
CA ILE C 20 29.52 -1.78 31.62
C ILE C 20 30.80 -2.57 31.34
N ALA C 21 31.03 -3.61 32.14
CA ALA C 21 32.19 -4.48 31.97
C ALA C 21 32.19 -5.15 30.61
N ILE C 22 31.03 -5.67 30.21
CA ILE C 22 30.86 -6.30 28.91
C ILE C 22 31.20 -5.32 27.79
N ALA C 23 30.80 -4.07 27.97
CA ALA C 23 31.06 -3.02 26.99
C ALA C 23 32.56 -2.74 26.87
N VAL C 24 33.24 -2.64 28.01
CA VAL C 24 34.67 -2.34 28.03
C VAL C 24 35.49 -3.44 27.38
N LEU C 25 35.09 -4.69 27.60
CA LEU C 25 35.80 -5.83 27.05
C LEU C 25 35.67 -5.91 25.53
N LEU C 26 34.55 -5.42 25.01
CA LEU C 26 34.30 -5.46 23.57
C LEU C 26 34.76 -4.20 22.87
N SER C 27 35.46 -3.33 23.60
CA SER C 27 35.91 -2.06 23.07
C SER C 27 37.08 -2.22 22.11
N THR C 28 37.25 -1.24 21.22
CA THR C 28 38.37 -1.23 20.29
C THR C 28 39.64 -0.77 21.00
N ASP C 29 39.56 0.38 21.66
CA ASP C 29 40.70 0.90 22.40
C ASP C 29 40.26 1.34 23.80
N ARG C 30 40.50 0.47 24.78
CA ARG C 30 40.06 0.72 26.15
C ARG C 30 40.85 1.85 26.80
N LYS C 31 42.04 2.12 26.27
CA LYS C 31 42.90 3.17 26.82
C LYS C 31 42.49 4.56 26.35
N ALA C 32 41.60 4.61 25.36
CA ALA C 32 41.19 5.88 24.77
C ALA C 32 39.83 6.34 25.30
N ILE C 33 39.26 5.56 26.21
CA ILE C 33 37.94 5.88 26.77
C ILE C 33 37.96 7.16 27.59
N ASN C 34 37.09 8.10 27.23
CA ASN C 34 36.92 9.33 28.00
C ASN C 34 36.03 9.08 29.20
N ILE C 35 36.61 9.13 30.40
CA ILE C 35 35.88 8.82 31.62
C ILE C 35 34.83 9.89 31.92
N ARG C 36 35.17 11.14 31.70
CA ARG C 36 34.23 12.25 31.91
C ARG C 36 32.99 12.10 31.04
N THR C 37 33.18 11.53 29.86
CA THR C 37 32.08 11.31 28.92
C THR C 37 31.18 10.17 29.37
N VAL C 38 31.77 9.01 29.66
CA VAL C 38 30.99 7.82 29.97
C VAL C 38 30.41 7.86 31.38
N ALA C 39 31.15 8.42 32.33
CA ALA C 39 30.63 8.55 33.69
C ALA C 39 29.54 9.60 33.72
N GLY C 40 29.67 10.61 32.86
CA GLY C 40 28.67 11.65 32.74
C GLY C 40 27.38 11.10 32.14
N ALA C 41 27.52 10.28 31.10
CA ALA C 41 26.37 9.69 30.43
C ALA C 41 25.63 8.73 31.37
N PHE C 42 26.38 7.92 32.09
CA PHE C 42 25.81 7.01 33.07
C PHE C 42 25.14 7.78 34.19
N LEU C 43 25.74 8.91 34.58
CA LEU C 43 25.21 9.73 35.65
C LEU C 43 23.89 10.36 35.24
N ILE C 44 23.81 10.81 33.98
CA ILE C 44 22.60 11.44 33.47
C ILE C 44 21.46 10.43 33.36
N GLN C 45 21.77 9.23 32.87
CA GLN C 45 20.77 8.20 32.67
C GLN C 45 20.15 7.74 33.99
N VAL C 46 20.97 7.60 35.02
CA VAL C 46 20.47 7.17 36.32
C VAL C 46 19.80 8.36 37.02
N ALA C 47 20.18 9.58 36.65
CA ALA C 47 19.55 10.77 37.19
C ALA C 47 18.14 10.91 36.66
N LEU C 48 17.99 10.72 35.34
CA LEU C 48 16.67 10.74 34.71
C LEU C 48 15.78 9.65 35.30
N GLY C 49 16.38 8.48 35.57
CA GLY C 49 15.67 7.38 36.16
C GLY C 49 15.13 7.72 37.54
N ALA C 50 16.01 8.27 38.38
CA ALA C 50 15.64 8.63 39.74
C ALA C 50 14.66 9.80 39.74
N LEU C 51 14.68 10.58 38.67
CA LEU C 51 13.80 11.73 38.56
C LEU C 51 12.37 11.30 38.25
N VAL C 52 12.20 10.53 37.17
CA VAL C 52 10.86 10.20 36.70
C VAL C 52 10.26 8.95 37.36
N LEU C 53 11.10 8.12 37.97
CA LEU C 53 10.62 6.86 38.51
C LEU C 53 10.66 6.79 40.04
N TYR C 54 11.28 7.78 40.68
CA TYR C 54 11.45 7.73 42.13
C TYR C 54 10.86 8.94 42.85
N VAL C 55 11.47 10.11 42.65
CA VAL C 55 11.03 11.31 43.34
C VAL C 55 9.64 11.74 42.88
N PRO C 56 8.80 12.22 43.83
CA PRO C 56 7.40 12.57 43.59
C PRO C 56 7.20 13.61 42.48
N GLN C 57 7.96 14.70 42.52
CA GLN C 57 7.80 15.78 41.55
C GLN C 57 8.06 15.32 40.12
N GLY C 58 8.94 14.32 39.97
CA GLY C 58 9.27 13.81 38.66
C GLY C 58 8.24 12.82 38.15
N ARG C 59 7.67 12.03 39.06
CA ARG C 59 6.62 11.08 38.70
C ARG C 59 5.37 11.82 38.23
N ASP C 60 5.13 13.00 38.82
CA ASP C 60 4.00 13.83 38.45
C ASP C 60 4.16 14.37 37.03
N MET C 61 5.35 14.90 36.73
CA MET C 61 5.64 15.41 35.39
C MET C 61 5.55 14.30 34.36
N LEU C 62 6.04 13.12 34.73
CA LEU C 62 5.96 11.95 33.86
C LEU C 62 4.51 11.53 33.66
N GLY C 63 3.72 11.65 34.72
CA GLY C 63 2.31 11.32 34.65
C GLY C 63 1.54 12.32 33.80
N GLU C 64 1.96 13.58 33.87
CA GLU C 64 1.33 14.63 33.07
C GLU C 64 1.63 14.44 31.59
N ALA C 65 2.87 14.09 31.29
CA ALA C 65 3.29 13.83 29.91
C ALA C 65 2.57 12.60 29.37
N SER C 66 2.36 11.62 30.24
CA SER C 66 1.61 10.43 29.87
C SER C 66 0.16 10.78 29.55
N LYS C 67 -0.42 11.65 30.37
CA LYS C 67 -1.80 12.08 30.17
C LYS C 67 -1.96 12.89 28.88
N THR C 68 -0.98 13.73 28.59
CA THR C 68 -1.01 14.58 27.40
C THR C 68 -0.93 13.75 26.12
N ILE C 69 0.05 12.85 26.06
CA ILE C 69 0.24 12.00 24.90
C ILE C 69 -0.92 11.01 24.74
N SER C 70 -1.48 10.58 25.87
CA SER C 70 -2.65 9.71 25.84
C SER C 70 -3.83 10.41 25.18
N ASN C 71 -3.90 11.73 25.35
CA ASN C 71 -4.94 12.52 24.69
C ASN C 71 -4.66 12.65 23.20
N VAL C 72 -3.38 12.80 22.86
CA VAL C 72 -2.95 12.85 21.46
C VAL C 72 -3.31 11.55 20.76
N ILE C 73 -3.09 10.45 21.46
CA ILE C 73 -3.43 9.13 20.95
C ILE C 73 -4.94 9.02 20.72
N ALA C 74 -5.72 9.56 21.65
CA ALA C 74 -7.17 9.56 21.53
C ALA C 74 -7.64 10.37 20.32
N TYR C 75 -6.95 11.49 20.07
CA TYR C 75 -7.22 12.32 18.91
C TYR C 75 -6.95 11.55 17.63
N GLY C 76 -5.90 10.75 17.64
CA GLY C 76 -5.54 9.93 16.50
C GLY C 76 -6.59 8.87 16.22
N ASN C 77 -7.16 8.30 17.27
CA ASN C 77 -8.19 7.29 17.15
C ASN C 77 -9.46 7.85 16.50
N ASN C 78 -9.66 9.15 16.63
CA ASN C 78 -10.79 9.82 15.97
C ASN C 78 -10.66 9.71 14.46
N GLY C 79 -9.45 9.91 13.96
CA GLY C 79 -9.18 9.75 12.54
C GLY C 79 -9.29 8.30 12.13
N VAL C 80 -8.92 7.40 13.06
CA VAL C 80 -9.02 5.97 12.81
C VAL C 80 -10.49 5.53 12.77
N ASP C 81 -11.29 6.09 13.68
CA ASP C 81 -12.72 5.80 13.71
C ASP C 81 -13.41 6.29 12.45
N PHE C 82 -12.90 7.39 11.90
CA PHE C 82 -13.44 7.95 10.66
C PHE C 82 -13.16 7.05 9.47
N LEU C 83 -11.93 6.56 9.37
CA LEU C 83 -11.50 5.79 8.20
C LEU C 83 -12.05 4.37 8.19
N PHE C 84 -11.85 3.64 9.29
CA PHE C 84 -12.20 2.23 9.33
C PHE C 84 -13.55 1.97 10.00
N GLY C 85 -14.29 3.05 10.27
CA GLY C 85 -15.67 2.95 10.73
C GLY C 85 -15.93 2.13 11.97
N GLY C 86 -16.74 1.08 11.80
CA GLY C 86 -17.20 0.28 12.93
C GLY C 86 -16.38 -0.97 13.19
N LEU C 87 -15.36 -1.20 12.38
CA LEU C 87 -14.49 -2.35 12.59
C LEU C 87 -13.55 -2.11 13.76
N VAL C 88 -13.60 -0.90 14.30
CA VAL C 88 -12.83 -0.54 15.48
C VAL C 88 -13.75 -0.17 16.63
N SER C 89 -15.03 -0.49 16.47
CA SER C 89 -16.04 -0.19 17.49
C SER C 89 -16.03 -1.23 18.61
N GLU C 90 -16.80 -0.96 19.66
CA GLU C 90 -16.88 -1.87 20.79
C GLU C 90 -17.73 -3.09 20.46
N LYS C 91 -18.53 -2.97 19.40
CA LYS C 91 -19.38 -4.06 18.95
C LYS C 91 -18.54 -5.24 18.46
N MET C 92 -17.30 -4.95 18.06
CA MET C 92 -16.36 -5.97 17.66
C MET C 92 -16.10 -6.96 18.79
N PHE C 93 -16.10 -6.46 20.02
CA PHE C 93 -15.88 -7.30 21.19
C PHE C 93 -17.15 -8.05 21.58
N GLU C 94 -18.31 -7.46 21.30
CA GLU C 94 -19.59 -8.13 21.53
C GLU C 94 -19.79 -9.26 20.53
N VAL C 95 -19.04 -9.20 19.43
CA VAL C 95 -19.15 -10.22 18.39
C VAL C 95 -17.99 -11.19 18.41
N PHE C 96 -16.77 -10.67 18.22
CA PHE C 96 -15.59 -11.52 18.05
C PHE C 96 -14.88 -11.81 19.38
N GLY C 97 -15.17 -11.02 20.40
CA GLY C 97 -14.54 -11.19 21.69
C GLY C 97 -13.08 -10.76 21.67
N GLY C 98 -12.18 -11.69 21.96
CA GLY C 98 -10.76 -11.41 21.98
C GLY C 98 -10.22 -10.99 20.63
N GLY C 99 -10.84 -11.50 19.56
CA GLY C 99 -10.43 -11.19 18.22
C GLY C 99 -10.96 -9.85 17.73
N GLY C 100 -11.79 -9.21 18.56
CA GLY C 100 -12.33 -7.91 18.24
C GLY C 100 -11.26 -6.86 18.08
N PHE C 101 -10.12 -7.09 18.72
CA PHE C 101 -8.97 -6.20 18.61
C PHE C 101 -8.16 -6.54 17.37
N VAL C 102 -8.43 -5.83 16.27
CA VAL C 102 -7.73 -6.08 15.01
C VAL C 102 -6.48 -5.23 14.91
N PHE C 103 -5.32 -5.87 15.01
CA PHE C 103 -4.04 -5.20 15.07
C PHE C 103 -3.83 -4.20 13.93
N ALA C 104 -4.10 -4.64 12.70
CA ALA C 104 -3.83 -3.84 11.52
C ALA C 104 -4.67 -2.57 11.49
N LEU C 105 -5.74 -2.56 12.28
CA LEU C 105 -6.66 -1.42 12.31
C LEU C 105 -6.52 -0.61 13.60
N ARG C 106 -6.06 -1.26 14.66
CA ARG C 106 -5.94 -0.62 15.96
C ARG C 106 -4.58 0.05 16.17
N VAL C 107 -3.54 -0.53 15.59
CA VAL C 107 -2.17 -0.12 15.89
C VAL C 107 -1.47 0.61 14.75
N LEU C 108 -1.44 -0.03 13.58
CA LEU C 108 -0.73 0.51 12.41
C LEU C 108 -1.15 1.95 12.01
N PRO C 109 -2.46 2.28 12.07
CA PRO C 109 -2.81 3.66 11.71
C PRO C 109 -2.22 4.72 12.66
N MET C 110 -1.77 4.31 13.83
CA MET C 110 -1.15 5.26 14.78
C MET C 110 0.18 5.75 14.23
N ILE C 111 0.88 4.89 13.49
CA ILE C 111 2.13 5.25 12.85
C ILE C 111 1.89 6.37 11.84
N VAL C 112 0.77 6.26 11.12
CA VAL C 112 0.39 7.27 10.13
C VAL C 112 0.11 8.61 10.78
N PHE C 113 -0.64 8.59 11.88
CA PHE C 113 -1.02 9.81 12.57
C PHE C 113 0.17 10.53 13.21
N PHE C 114 1.06 9.76 13.84
CA PHE C 114 2.20 10.35 14.52
C PHE C 114 3.32 10.73 13.56
N SER C 115 3.35 10.12 12.38
CA SER C 115 4.33 10.49 11.37
C SER C 115 3.91 11.81 10.73
N SER C 116 2.61 12.07 10.73
CA SER C 116 2.09 13.34 10.22
C SER C 116 2.24 14.43 11.28
N LEU C 117 2.00 14.05 12.53
CA LEU C 117 2.08 14.98 13.65
C LEU C 117 3.50 15.49 13.87
N MET C 118 4.46 14.57 13.87
CA MET C 118 5.87 14.93 14.02
C MET C 118 6.32 15.78 12.85
N ALA C 119 5.76 15.51 11.67
CA ALA C 119 6.06 16.29 10.48
C ALA C 119 5.57 17.72 10.65
N VAL C 120 4.45 17.88 11.35
CA VAL C 120 3.91 19.18 11.65
C VAL C 120 4.79 19.90 12.67
N LEU C 121 5.19 19.16 13.71
CA LEU C 121 6.05 19.71 14.75
C LEU C 121 7.43 20.09 14.21
N TYR C 122 7.86 19.37 13.17
CA TYR C 122 9.10 19.72 12.48
C TYR C 122 8.89 20.99 11.65
N TYR C 123 7.67 21.17 11.16
CA TYR C 123 7.34 22.30 10.30
C TYR C 123 7.16 23.58 11.10
N ILE C 124 6.50 23.48 12.25
CA ILE C 124 6.28 24.63 13.11
C ILE C 124 7.60 25.16 13.66
N GLY C 125 8.49 24.23 14.02
CA GLY C 125 9.79 24.59 14.55
C GLY C 125 9.99 24.13 15.97
N VAL C 126 9.04 23.33 16.46
CA VAL C 126 9.10 22.83 17.83
C VAL C 126 10.21 21.81 18.00
N MET C 127 10.27 20.83 17.10
CA MET C 127 11.26 19.76 17.19
C MET C 127 12.68 20.28 17.05
N GLN C 128 12.87 21.25 16.17
CA GLN C 128 14.19 21.87 15.99
C GLN C 128 14.68 22.51 17.28
N LEU C 129 13.74 23.01 18.07
CA LEU C 129 14.05 23.66 19.35
C LEU C 129 14.40 22.61 20.40
N LEU C 130 13.59 21.55 20.46
CA LEU C 130 13.82 20.48 21.44
C LEU C 130 15.12 19.74 21.18
N ILE C 131 15.47 19.58 19.90
CA ILE C 131 16.72 18.93 19.53
C ILE C 131 17.92 19.83 19.88
N LYS C 132 17.77 21.12 19.61
CA LYS C 132 18.84 22.09 19.88
C LYS C 132 19.12 22.21 21.37
N VAL C 133 18.06 22.22 22.18
CA VAL C 133 18.20 22.35 23.63
C VAL C 133 18.83 21.10 24.26
N ILE C 134 18.18 19.96 24.04
CA ILE C 134 18.66 18.69 24.59
C ILE C 134 20.02 18.32 24.01
N GLY C 135 20.22 18.60 22.73
CA GLY C 135 21.49 18.34 22.07
C GLY C 135 22.63 19.17 22.65
N GLY C 136 22.34 20.45 22.90
CA GLY C 136 23.33 21.34 23.49
C GLY C 136 23.68 20.95 24.92
N PHE C 137 22.71 20.36 25.61
CA PHE C 137 22.92 19.89 26.97
C PHE C 137 23.85 18.68 26.99
N LEU C 138 23.79 17.88 25.94
CA LEU C 138 24.58 16.65 25.87
C LEU C 138 26.01 16.91 25.40
N GLN C 139 26.21 17.99 24.67
CA GLN C 139 27.55 18.33 24.20
C GLN C 139 28.34 19.06 25.29
N LYS C 140 27.62 19.72 26.18
CA LYS C 140 28.25 20.50 27.25
C LYS C 140 28.63 19.62 28.43
N MET C 141 27.82 18.60 28.70
CA MET C 141 28.04 17.74 29.86
C MET C 141 28.93 16.54 29.52
N LEU C 142 28.79 16.01 28.31
CA LEU C 142 29.50 14.79 27.93
C LEU C 142 30.74 15.07 27.09
N GLY C 143 30.82 16.28 26.52
CA GLY C 143 31.94 16.64 25.69
C GLY C 143 31.88 16.04 24.31
N THR C 144 30.73 15.44 23.99
CA THR C 144 30.51 14.87 22.66
C THR C 144 30.36 15.98 21.62
N SER C 145 30.54 15.64 20.35
CA SER C 145 30.39 16.63 19.29
C SER C 145 28.93 17.05 19.16
N LYS C 146 28.71 18.22 18.57
CA LYS C 146 27.37 18.77 18.46
C LYS C 146 26.45 17.90 17.61
N ALA C 147 26.97 17.40 16.50
CA ALA C 147 26.19 16.62 15.54
C ALA C 147 25.61 15.34 16.16
N GLU C 148 26.47 14.52 16.75
CA GLU C 148 26.05 13.24 17.33
C GLU C 148 25.13 13.46 18.53
N SER C 149 25.20 14.65 19.11
CA SER C 149 24.34 15.00 20.23
C SER C 149 22.94 15.38 19.75
N MET C 150 22.89 16.05 18.60
CA MET C 150 21.62 16.42 17.99
C MET C 150 20.86 15.16 17.55
N SER C 151 21.60 14.22 16.97
CA SER C 151 21.02 12.97 16.48
C SER C 151 20.46 12.13 17.63
N ALA C 152 21.22 12.05 18.72
CA ALA C 152 20.80 11.30 19.89
C ALA C 152 19.56 11.93 20.52
N ALA C 153 19.54 13.26 20.54
CA ALA C 153 18.40 14.00 21.09
C ALA C 153 17.18 13.84 20.20
N ALA C 154 17.41 13.80 18.88
CA ALA C 154 16.34 13.65 17.91
C ALA C 154 15.74 12.25 17.96
N ASN C 155 16.58 11.27 18.25
CA ASN C 155 16.16 9.87 18.27
C ASN C 155 15.10 9.58 19.34
N ILE C 156 14.95 10.50 20.29
CA ILE C 156 13.92 10.38 21.31
C ILE C 156 12.53 10.44 20.68
N PHE C 157 12.37 11.34 19.72
CA PHE C 157 11.06 11.59 19.12
C PHE C 157 10.81 10.79 17.84
N VAL C 158 11.85 10.66 17.01
CA VAL C 158 11.69 10.00 15.71
C VAL C 158 12.52 8.74 15.58
N GLY C 159 12.41 8.08 14.42
CA GLY C 159 13.06 6.82 14.17
C GLY C 159 14.56 6.91 13.96
N GLN C 160 15.18 5.76 13.70
CA GLN C 160 16.62 5.68 13.55
C GLN C 160 17.12 6.21 12.22
N THR C 161 16.22 6.28 11.24
CA THR C 161 16.59 6.75 9.91
C THR C 161 16.23 8.20 9.68
N GLU C 162 15.28 8.71 10.47
CA GLU C 162 14.82 10.07 10.34
C GLU C 162 15.56 11.02 11.29
N ALA C 163 16.11 10.46 12.35
CA ALA C 163 16.83 11.26 13.35
C ALA C 163 18.13 11.88 12.81
N PRO C 164 18.97 11.11 12.08
CA PRO C 164 20.21 11.75 11.63
C PRO C 164 19.99 12.75 10.49
N LEU C 165 18.75 12.89 10.02
CA LEU C 165 18.44 13.81 8.93
C LEU C 165 18.69 15.26 9.31
N VAL C 166 18.67 15.55 10.61
CA VAL C 166 18.90 16.91 11.08
C VAL C 166 20.39 17.26 11.00
N VAL C 167 21.25 16.26 11.15
CA VAL C 167 22.68 16.45 11.02
C VAL C 167 23.20 15.75 9.77
N ARG C 168 22.31 15.61 8.80
CA ARG C 168 22.62 14.89 7.55
C ARG C 168 23.88 15.37 6.82
N PRO C 169 24.06 16.70 6.65
CA PRO C 169 25.28 17.07 5.91
C PRO C 169 26.57 16.83 6.68
N TYR C 170 26.46 16.58 7.99
CA TYR C 170 27.64 16.37 8.82
C TYR C 170 28.02 14.88 8.87
N ILE C 171 27.17 14.03 8.32
CA ILE C 171 27.39 12.59 8.37
C ILE C 171 28.49 12.14 7.41
N ARG C 172 28.62 12.84 6.30
CA ARG C 172 29.63 12.49 5.30
C ARG C 172 31.04 12.64 5.84
N ARG C 173 31.26 13.65 6.68
CA ARG C 173 32.60 13.96 7.17
C ARG C 173 32.82 13.60 8.64
N MET C 174 31.80 13.06 9.29
CA MET C 174 31.93 12.71 10.70
C MET C 174 32.80 11.48 10.88
N THR C 175 33.38 11.35 12.08
CA THR C 175 34.37 10.30 12.35
C THR C 175 33.75 8.91 12.54
N GLU C 176 34.60 7.95 12.86
CA GLU C 176 34.17 6.57 13.07
C GLU C 176 33.33 6.46 14.34
N SER C 177 33.76 7.14 15.39
CA SER C 177 33.08 7.10 16.69
C SER C 177 31.77 7.89 16.64
N GLU C 178 31.79 9.01 15.93
CA GLU C 178 30.59 9.84 15.79
C GLU C 178 29.51 9.09 15.02
N LEU C 179 29.92 8.41 13.96
CA LEU C 179 29.00 7.62 13.14
C LEU C 179 28.35 6.50 13.95
N PHE C 180 29.19 5.78 14.69
CA PHE C 180 28.72 4.68 15.54
C PHE C 180 27.77 5.18 16.61
N ALA C 181 28.02 6.38 17.11
CA ALA C 181 27.18 7.00 18.12
C ALA C 181 25.81 7.35 17.55
N VAL C 182 25.79 7.70 16.27
CA VAL C 182 24.55 7.97 15.57
C VAL C 182 23.76 6.68 15.39
N MET C 183 24.45 5.63 14.97
CA MET C 183 23.84 4.31 14.78
C MET C 183 23.32 3.76 16.10
N SER C 184 24.14 3.87 17.14
CA SER C 184 23.77 3.36 18.46
C SER C 184 22.57 4.12 19.03
N GLY C 185 22.55 5.43 18.82
CA GLY C 185 21.45 6.25 19.27
C GLY C 185 20.15 5.83 18.63
N GLY C 186 20.22 5.41 17.37
CA GLY C 186 19.05 4.98 16.63
C GLY C 186 18.56 3.61 17.07
N LEU C 187 19.49 2.70 17.33
CA LEU C 187 19.16 1.35 17.74
C LEU C 187 18.70 1.28 19.19
N ALA C 188 19.22 2.19 20.01
CA ALA C 188 18.86 2.20 21.42
C ALA C 188 17.55 2.94 21.67
N SER C 189 17.03 3.58 20.63
CA SER C 189 15.83 4.39 20.77
C SER C 189 14.67 3.88 19.92
N VAL C 190 13.53 4.54 20.08
CA VAL C 190 12.31 4.20 19.36
C VAL C 190 11.94 5.33 18.40
N ALA C 191 10.70 5.35 17.93
CA ALA C 191 10.03 6.50 17.35
C ALA C 191 8.69 6.73 18.06
N GLY C 192 8.24 7.98 18.10
CA GLY C 192 6.98 8.32 18.74
C GLY C 192 5.81 7.66 18.04
N SER C 193 5.99 7.33 16.76
CA SER C 193 4.96 6.67 15.98
C SER C 193 4.65 5.29 16.52
N VAL C 194 5.64 4.39 16.48
CA VAL C 194 5.47 3.02 16.94
C VAL C 194 5.40 2.95 18.46
N LEU C 195 5.79 4.03 19.13
CA LEU C 195 5.64 4.12 20.58
C LEU C 195 4.15 4.09 20.94
N ALA C 196 3.37 4.89 20.23
CA ALA C 196 1.93 4.91 20.40
C ALA C 196 1.33 3.57 19.99
N GLY C 197 2.04 2.86 19.13
CA GLY C 197 1.63 1.53 18.72
C GLY C 197 1.71 0.54 19.86
N TYR C 198 2.79 0.61 20.64
CA TYR C 198 2.98 -0.28 21.77
C TYR C 198 1.94 0.01 22.85
N VAL C 199 1.58 1.27 22.97
CA VAL C 199 0.57 1.71 23.93
C VAL C 199 -0.78 1.06 23.64
N GLN C 200 -1.14 0.99 22.36
CA GLN C 200 -2.40 0.39 21.94
C GLN C 200 -2.41 -1.12 22.16
N MET C 201 -1.23 -1.73 22.10
CA MET C 201 -1.12 -3.14 22.47
C MET C 201 -1.43 -3.30 23.97
N GLY C 202 -0.75 -2.50 24.80
CA GLY C 202 -1.03 -2.49 26.21
C GLY C 202 0.10 -1.93 27.05
N VAL C 203 1.31 -2.11 26.55
CA VAL C 203 2.54 -1.62 27.17
C VAL C 203 2.41 -0.24 27.81
N PRO C 204 2.71 -0.16 29.13
CA PRO C 204 2.61 1.06 29.96
C PRO C 204 3.28 2.26 29.31
N LEU C 205 2.48 3.29 29.04
CA LEU C 205 2.97 4.52 28.41
C LEU C 205 4.08 5.23 29.20
N PRO C 206 3.93 5.42 30.53
CA PRO C 206 4.99 6.13 31.24
C PRO C 206 6.37 5.49 31.10
N TYR C 207 6.40 4.16 31.08
CA TYR C 207 7.65 3.43 30.89
C TYR C 207 8.25 3.73 29.52
N LEU C 208 7.39 3.80 28.51
CA LEU C 208 7.82 4.10 27.15
C LEU C 208 8.35 5.52 27.02
N ILE C 209 7.73 6.44 27.76
CA ILE C 209 8.18 7.83 27.78
C ILE C 209 9.59 7.92 28.35
N ALA C 210 9.74 7.39 29.56
CA ALA C 210 11.02 7.42 30.27
C ALA C 210 12.12 6.72 29.47
N ALA C 211 11.81 5.56 28.91
CA ALA C 211 12.79 4.78 28.16
C ALA C 211 13.29 5.51 26.93
N SER C 212 12.40 6.23 26.26
CA SER C 212 12.76 6.97 25.06
C SER C 212 13.69 8.14 25.37
N PHE C 213 13.56 8.71 26.57
CA PHE C 213 14.41 9.80 26.99
C PHE C 213 15.77 9.30 27.47
N MET C 214 15.76 8.15 28.16
CA MET C 214 17.01 7.56 28.65
C MET C 214 17.81 6.93 27.53
N ALA C 215 17.19 6.76 26.36
CA ALA C 215 17.82 6.11 25.23
C ALA C 215 18.99 6.92 24.69
N ALA C 216 18.86 8.24 24.71
CA ALA C 216 19.89 9.12 24.16
C ALA C 216 21.20 9.07 24.95
N PRO C 217 21.15 9.29 26.29
CA PRO C 217 22.44 9.23 26.97
C PRO C 217 22.98 7.80 27.09
N GLY C 218 22.08 6.82 27.16
CA GLY C 218 22.48 5.43 27.23
C GLY C 218 23.12 4.99 25.94
N GLY C 219 22.62 5.51 24.82
CA GLY C 219 23.19 5.23 23.52
C GLY C 219 24.60 5.81 23.41
N LEU C 220 24.74 7.05 23.83
CA LEU C 220 26.04 7.72 23.83
C LEU C 220 27.02 7.03 24.75
N LEU C 221 26.52 6.50 25.86
CA LEU C 221 27.34 5.82 26.84
C LEU C 221 28.08 4.63 26.24
N PHE C 222 27.33 3.68 25.69
CA PHE C 222 27.92 2.46 25.16
C PHE C 222 28.54 2.66 23.78
N ALA C 223 28.27 3.81 23.17
CA ALA C 223 28.88 4.14 21.88
C ALA C 223 30.30 4.67 22.10
N LYS C 224 30.48 5.43 23.18
CA LYS C 224 31.79 5.96 23.52
C LYS C 224 32.61 4.95 24.32
N LEU C 225 31.97 3.84 24.68
CA LEU C 225 32.65 2.75 25.38
C LEU C 225 33.21 1.74 24.40
N LEU C 226 32.42 1.41 23.37
CA LEU C 226 32.83 0.43 22.38
C LEU C 226 33.82 1.03 21.38
N VAL C 227 33.57 2.26 20.95
CA VAL C 227 34.48 2.98 20.07
C VAL C 227 34.64 4.45 20.49
N PRO C 228 35.56 4.70 21.42
CA PRO C 228 35.83 6.07 21.89
C PRO C 228 36.35 6.95 20.77
N GLU C 229 36.28 8.27 20.96
CA GLU C 229 36.75 9.21 19.96
C GLU C 229 38.28 9.28 19.95
N THR C 230 38.89 8.88 18.83
CA THR C 230 40.34 8.87 18.72
C THR C 230 40.83 9.88 17.69
N GLU C 231 39.90 10.58 17.06
CA GLU C 231 40.25 11.54 16.01
C GLU C 231 39.70 12.92 16.31
N ARG C 232 40.07 13.89 15.48
CA ARG C 232 39.60 15.27 15.63
C ARG C 232 38.18 15.41 15.10
N THR C 233 37.37 16.18 15.81
CA THR C 233 35.96 16.35 15.45
C THR C 233 35.65 17.77 14.99
N GLN C 234 34.39 18.00 14.64
CA GLN C 234 33.93 19.34 14.27
C GLN C 234 33.26 20.00 15.47
N ASN C 235 33.66 21.23 15.75
CA ASN C 235 33.17 21.95 16.91
C ASN C 235 31.71 22.39 16.87
N ASP C 236 31.41 23.36 16.02
CA ASP C 236 30.07 23.92 15.92
C ASP C 236 29.32 23.20 14.81
N ALA C 237 28.02 23.01 15.01
CA ALA C 237 27.15 22.38 14.00
C ALA C 237 25.78 23.05 13.97
N GLU C 238 25.08 22.90 12.85
CA GLU C 238 23.76 23.53 12.70
C GLU C 238 22.66 22.49 12.56
N VAL C 239 21.46 22.84 13.02
CA VAL C 239 20.32 21.93 12.95
C VAL C 239 19.72 21.90 11.55
N LEU C 240 19.43 23.09 11.01
CA LEU C 240 18.85 23.23 9.67
C LEU C 240 17.58 22.42 9.49
N LYS C 247 11.44 21.50 0.54
CA LYS C 247 10.65 21.83 1.73
C LYS C 247 9.17 21.87 1.43
N PRO C 248 8.34 21.46 2.40
CA PRO C 248 6.88 21.50 2.26
C PRO C 248 6.37 22.90 1.97
N THR C 249 5.41 23.02 1.06
CA THR C 249 4.86 24.31 0.68
C THR C 249 4.13 24.96 1.86
N ASN C 250 3.31 24.17 2.55
CA ASN C 250 2.60 24.66 3.73
C ASN C 250 2.39 23.55 4.75
N VAL C 251 1.71 23.88 5.84
CA VAL C 251 1.52 22.93 6.94
C VAL C 251 0.67 21.74 6.51
N ILE C 252 -0.27 21.98 5.60
CA ILE C 252 -1.13 20.91 5.10
C ILE C 252 -0.32 19.93 4.26
N ASP C 253 0.67 20.45 3.54
CA ASP C 253 1.56 19.62 2.74
C ASP C 253 2.42 18.73 3.64
N ALA C 254 2.90 19.29 4.74
CA ALA C 254 3.74 18.57 5.68
C ALA C 254 2.95 17.48 6.39
N ALA C 255 1.72 17.79 6.78
CA ALA C 255 0.86 16.82 7.44
C ALA C 255 0.48 15.68 6.51
N ALA C 256 0.21 16.02 5.25
CA ALA C 256 -0.16 15.02 4.25
C ALA C 256 1.04 14.12 3.92
N SER C 257 2.20 14.75 3.73
CA SER C 257 3.43 14.03 3.40
C SER C 257 3.82 13.07 4.51
N GLY C 258 3.67 13.52 5.75
CA GLY C 258 3.99 12.69 6.90
C GLY C 258 3.06 11.50 7.00
N ALA C 259 1.81 11.70 6.57
CA ALA C 259 0.81 10.63 6.60
C ALA C 259 1.14 9.55 5.58
N VAL C 260 1.51 9.97 4.37
CA VAL C 260 1.85 9.04 3.31
C VAL C 260 3.08 8.22 3.67
N THR C 261 4.09 8.89 4.22
CA THR C 261 5.31 8.22 4.67
C THR C 261 4.98 7.20 5.76
N GLY C 262 4.20 7.63 6.75
CA GLY C 262 3.80 6.75 7.82
C GLY C 262 2.94 5.59 7.34
N ALA C 263 2.19 5.83 6.27
CA ALA C 263 1.33 4.80 5.70
C ALA C 263 2.15 3.65 5.14
N GLN C 264 3.07 3.96 4.24
CA GLN C 264 3.91 2.94 3.62
C GLN C 264 4.86 2.30 4.64
N ILE C 265 5.19 3.04 5.68
CA ILE C 265 5.97 2.50 6.78
C ILE C 265 5.13 1.46 7.53
N ALA C 266 3.89 1.82 7.83
CA ALA C 266 2.96 0.92 8.52
C ALA C 266 2.71 -0.34 7.70
N ILE C 267 2.74 -0.20 6.38
CA ILE C 267 2.59 -1.34 5.49
C ILE C 267 3.78 -2.28 5.61
N ALA C 268 4.98 -1.72 5.59
CA ALA C 268 6.20 -2.50 5.69
C ALA C 268 6.33 -3.20 7.04
N VAL C 269 5.91 -2.50 8.09
CA VAL C 269 5.96 -3.05 9.44
C VAL C 269 5.00 -4.22 9.60
N GLY C 270 3.75 -4.01 9.21
CA GLY C 270 2.73 -5.04 9.32
C GLY C 270 3.05 -6.29 8.53
N ALA C 271 3.63 -6.11 7.35
CA ALA C 271 4.01 -7.24 6.51
C ALA C 271 5.16 -8.01 7.14
N SER C 272 6.09 -7.28 7.74
CA SER C 272 7.24 -7.89 8.41
C SER C 272 6.78 -8.76 9.59
N LEU C 273 5.79 -8.27 10.32
CA LEU C 273 5.25 -8.99 11.46
C LEU C 273 4.53 -10.26 11.01
N LEU C 274 3.70 -10.13 9.98
CA LEU C 274 2.96 -11.27 9.44
C LEU C 274 3.93 -12.39 9.05
N ALA C 275 5.04 -12.02 8.41
CA ALA C 275 6.05 -12.97 8.01
C ALA C 275 6.75 -13.56 9.24
N PHE C 276 7.32 -12.67 10.05
CA PHE C 276 8.09 -13.08 11.23
C PHE C 276 7.28 -13.99 12.16
N VAL C 277 6.05 -13.61 12.47
CA VAL C 277 5.18 -14.41 13.32
C VAL C 277 4.94 -15.79 12.71
N ALA C 278 4.66 -15.81 11.41
CA ALA C 278 4.41 -17.07 10.71
C ALA C 278 5.67 -17.92 10.61
N LEU C 279 6.80 -17.27 10.37
CA LEU C 279 8.08 -17.97 10.27
C LEU C 279 8.49 -18.57 11.62
N ILE C 280 8.16 -17.87 12.70
CA ILE C 280 8.44 -18.35 14.04
C ILE C 280 7.62 -19.61 14.34
N ALA C 281 6.34 -19.57 13.98
CA ALA C 281 5.46 -20.71 14.16
C ALA C 281 5.91 -21.90 13.31
N MET C 282 6.55 -21.59 12.18
CA MET C 282 7.06 -22.63 11.29
C MET C 282 8.27 -23.31 11.90
N ILE C 283 9.16 -22.51 12.49
CA ILE C 283 10.35 -23.03 13.16
C ILE C 283 9.95 -23.90 14.34
N ASN C 284 8.98 -23.44 15.12
CA ASN C 284 8.48 -24.19 16.26
C ASN C 284 7.84 -25.50 15.85
N GLY C 285 7.34 -25.55 14.61
CA GLY C 285 6.78 -26.77 14.07
C GLY C 285 7.87 -27.73 13.64
N ILE C 286 9.01 -27.19 13.22
CA ILE C 286 10.16 -27.99 12.82
C ILE C 286 10.83 -28.62 14.04
N ILE C 287 11.06 -27.81 15.07
CA ILE C 287 11.69 -28.28 16.30
C ILE C 287 10.85 -29.36 16.98
N GLY C 288 9.54 -29.17 16.96
CA GLY C 288 8.61 -30.09 17.61
C GLY C 288 8.46 -31.42 16.91
N GLY C 289 9.21 -31.62 15.82
CA GLY C 289 9.18 -32.86 15.08
C GLY C 289 9.74 -34.01 15.89
N VAL C 290 9.26 -35.22 15.61
CA VAL C 290 9.68 -36.41 16.33
C VAL C 290 11.09 -36.86 15.94
N GLY C 291 11.59 -36.32 14.84
CA GLY C 291 12.92 -36.66 14.36
C GLY C 291 13.51 -35.60 13.46
N ASP C 298 7.62 -30.31 22.63
CA ASP C 298 7.11 -29.19 23.42
C ASP C 298 8.15 -28.08 23.54
N LEU C 299 9.26 -28.24 22.83
CA LEU C 299 10.33 -27.24 22.83
C LEU C 299 10.13 -26.23 21.71
N THR C 300 10.15 -24.95 22.05
CA THR C 300 9.92 -23.89 21.07
C THR C 300 11.09 -22.93 20.99
N LEU C 301 11.08 -22.07 19.97
CA LEU C 301 12.10 -21.03 19.81
C LEU C 301 12.03 -20.04 20.97
N GLN C 302 10.80 -19.83 21.47
CA GLN C 302 10.58 -18.94 22.61
C GLN C 302 11.30 -19.46 23.84
N ALA C 303 11.14 -20.75 24.12
CA ALA C 303 11.73 -21.38 25.30
C ALA C 303 13.26 -21.42 25.20
N ILE C 304 13.76 -21.69 24.00
CA ILE C 304 15.19 -21.76 23.76
C ILE C 304 15.86 -20.41 24.02
N LEU C 305 15.31 -19.36 23.41
CA LEU C 305 15.81 -18.01 23.62
C LEU C 305 15.66 -17.60 25.08
N GLY C 306 14.60 -18.11 25.72
CA GLY C 306 14.39 -17.86 27.13
C GLY C 306 15.43 -18.59 27.97
N TRP C 307 15.85 -19.76 27.50
CA TRP C 307 16.85 -20.56 28.20
C TRP C 307 18.24 -19.97 28.03
N LEU C 308 18.46 -19.29 26.91
CA LEU C 308 19.76 -18.70 26.60
C LEU C 308 19.94 -17.34 27.27
N PHE C 309 18.91 -16.50 27.21
CA PHE C 309 19.00 -15.16 27.76
C PHE C 309 18.57 -15.09 29.21
N SER C 310 18.37 -16.26 29.83
CA SER C 310 18.00 -16.33 31.24
C SER C 310 19.06 -15.73 32.18
N PRO C 311 20.35 -16.04 31.99
CA PRO C 311 21.32 -15.41 32.89
C PRO C 311 21.37 -13.89 32.76
N LEU C 312 21.39 -13.38 31.53
CA LEU C 312 21.43 -11.94 31.29
C LEU C 312 20.17 -11.27 31.84
N ALA C 313 19.08 -12.03 31.88
CA ALA C 313 17.83 -11.54 32.46
C ALA C 313 17.93 -11.46 33.98
N TRP C 314 18.71 -12.37 34.56
CA TRP C 314 18.89 -12.40 36.01
C TRP C 314 19.80 -11.28 36.47
N VAL C 315 20.81 -10.98 35.67
CA VAL C 315 21.79 -9.94 35.99
C VAL C 315 21.14 -8.57 36.13
N ILE C 316 20.18 -8.28 35.25
CA ILE C 316 19.56 -6.96 35.20
C ILE C 316 18.49 -6.75 36.29
N GLY C 317 18.26 -7.78 37.10
CA GLY C 317 17.41 -7.62 38.27
C GLY C 317 16.08 -8.36 38.22
N VAL C 318 15.97 -9.34 37.34
CA VAL C 318 14.75 -10.15 37.28
C VAL C 318 14.92 -11.41 38.11
N PRO C 319 13.94 -11.68 39.00
CA PRO C 319 13.91 -12.91 39.79
C PRO C 319 14.04 -14.15 38.91
N TRP C 320 14.79 -15.15 39.36
CA TRP C 320 15.08 -16.33 38.56
C TRP C 320 13.82 -17.08 38.14
N SER C 321 12.78 -16.99 38.95
CA SER C 321 11.50 -17.62 38.64
C SER C 321 10.87 -17.00 37.39
N GLU C 322 11.20 -15.74 37.13
CA GLU C 322 10.64 -15.04 35.98
C GLU C 322 11.71 -14.79 34.91
N ALA C 323 12.90 -15.31 35.15
CA ALA C 323 14.03 -15.10 34.25
C ALA C 323 13.81 -15.77 32.89
N GLY C 324 13.09 -16.90 32.90
CA GLY C 324 12.80 -17.62 31.68
C GLY C 324 11.87 -16.84 30.77
N ILE C 325 10.90 -16.16 31.36
CA ILE C 325 9.95 -15.36 30.61
C ILE C 325 10.62 -14.14 30.01
N ALA C 326 11.30 -13.36 30.85
CA ALA C 326 12.00 -12.16 30.40
C ALA C 326 13.09 -12.49 29.39
N GLY C 327 13.68 -13.67 29.54
CA GLY C 327 14.71 -14.12 28.63
C GLY C 327 14.19 -14.33 27.22
N SER C 328 12.99 -14.90 27.12
CA SER C 328 12.34 -15.14 25.83
C SER C 328 12.01 -13.82 25.15
N LEU C 329 11.44 -12.90 25.92
CA LEU C 329 11.01 -11.60 25.41
C LEU C 329 12.19 -10.78 24.90
N ILE C 330 13.25 -10.71 25.69
CA ILE C 330 14.45 -9.98 25.28
C ILE C 330 15.14 -10.72 24.14
N GLY C 331 15.15 -12.05 24.20
CA GLY C 331 15.71 -12.87 23.15
C GLY C 331 15.02 -12.64 21.81
N GLN C 332 13.70 -12.64 21.83
CA GLN C 332 12.91 -12.40 20.63
C GLN C 332 13.18 -11.01 20.07
N LYS C 333 13.35 -10.04 20.96
CA LYS C 333 13.62 -8.66 20.57
C LYS C 333 14.89 -8.55 19.73
N VAL C 334 15.95 -9.20 20.19
CA VAL C 334 17.25 -9.11 19.54
C VAL C 334 17.25 -9.79 18.17
N VAL C 335 16.68 -10.99 18.09
CA VAL C 335 16.76 -11.76 16.85
C VAL C 335 15.65 -11.40 15.86
N ILE C 336 14.48 -11.01 16.37
CA ILE C 336 13.37 -10.63 15.50
C ILE C 336 13.04 -9.13 15.47
N ASN C 337 12.30 -8.67 16.47
CA ASN C 337 12.01 -7.25 16.62
C ASN C 337 11.27 -7.00 17.93
N GLU C 338 11.01 -5.73 18.22
CA GLU C 338 10.36 -5.35 19.47
C GLU C 338 8.86 -5.61 19.44
N PHE C 339 8.27 -5.56 18.26
CA PHE C 339 6.83 -5.78 18.11
C PHE C 339 6.46 -7.22 18.44
N VAL C 340 7.23 -8.16 17.94
CA VAL C 340 7.01 -9.58 18.23
C VAL C 340 7.21 -9.84 19.72
N ALA C 341 8.19 -9.16 20.30
CA ALA C 341 8.50 -9.31 21.72
C ALA C 341 7.37 -8.76 22.60
N TYR C 342 6.95 -7.53 22.29
CA TYR C 342 5.90 -6.84 23.04
C TYR C 342 4.55 -7.53 22.91
N SER C 343 4.29 -8.10 21.73
CA SER C 343 3.02 -8.77 21.46
C SER C 343 2.83 -10.00 22.35
N GLU C 344 3.94 -10.64 22.72
CA GLU C 344 3.89 -11.80 23.60
C GLU C 344 4.16 -11.39 25.05
N PHE C 345 4.41 -10.11 25.26
CA PHE C 345 4.65 -9.59 26.60
C PHE C 345 3.37 -9.03 27.22
N VAL C 346 2.50 -8.48 26.38
CA VAL C 346 1.24 -7.91 26.86
C VAL C 346 0.28 -9.00 27.31
N LYS C 347 0.58 -10.25 26.95
CA LYS C 347 -0.22 -11.39 27.39
C LYS C 347 -0.05 -11.63 28.88
N TYR C 348 1.10 -11.20 29.42
CA TYR C 348 1.37 -11.32 30.85
C TYR C 348 0.80 -10.14 31.63
N LEU C 349 0.34 -9.13 30.91
CA LEU C 349 -0.18 -7.93 31.54
C LEU C 349 -1.70 -8.00 31.71
N LYS C 350 -2.29 -9.10 31.25
CA LYS C 350 -3.73 -9.32 31.40
C LYS C 350 -4.02 -9.97 32.75
N PRO C 351 -5.10 -9.53 33.43
CA PRO C 351 -5.48 -10.10 34.71
C PRO C 351 -6.00 -11.52 34.58
N GLU C 352 -6.41 -11.91 33.38
CA GLU C 352 -6.93 -13.24 33.13
C GLU C 352 -5.82 -14.22 32.75
N ALA C 353 -4.58 -13.78 32.88
CA ALA C 353 -3.44 -14.62 32.54
C ALA C 353 -3.20 -15.68 33.61
N ALA C 354 -2.54 -16.77 33.23
CA ALA C 354 -2.23 -17.85 34.16
C ALA C 354 -1.02 -17.49 35.00
N VAL C 355 0.03 -16.98 34.35
CA VAL C 355 1.26 -16.59 35.04
C VAL C 355 1.28 -15.10 35.33
N GLN C 356 1.34 -14.75 36.61
CA GLN C 356 1.41 -13.35 37.01
C GLN C 356 2.84 -12.95 37.33
N LEU C 357 3.20 -11.72 36.96
CA LEU C 357 4.54 -11.22 37.20
C LEU C 357 4.53 -10.06 38.19
N SER C 358 5.67 -9.86 38.85
CA SER C 358 5.81 -8.75 39.81
C SER C 358 5.80 -7.42 39.09
N ASP C 359 5.51 -6.36 39.83
CA ASP C 359 5.47 -5.01 39.25
C ASP C 359 6.84 -4.55 38.81
N THR C 360 7.87 -4.97 39.53
CA THR C 360 9.23 -4.57 39.20
C THR C 360 9.71 -5.23 37.91
N THR C 361 9.28 -6.46 37.68
CA THR C 361 9.64 -7.19 36.47
C THR C 361 8.95 -6.60 35.25
N LYS C 362 7.68 -6.25 35.41
CA LYS C 362 6.91 -5.62 34.34
C LYS C 362 7.55 -4.31 33.91
N ALA C 363 8.22 -3.64 34.85
CA ALA C 363 8.92 -2.41 34.55
C ALA C 363 10.24 -2.69 33.85
N ILE C 364 10.97 -3.69 34.35
CA ILE C 364 12.25 -4.08 33.78
C ILE C 364 12.13 -4.46 32.30
N ILE C 365 11.15 -5.31 32.00
CA ILE C 365 10.94 -5.78 30.64
C ILE C 365 10.47 -4.65 29.73
N SER C 366 9.64 -3.75 30.27
CA SER C 366 9.10 -2.64 29.50
C SER C 366 10.19 -1.68 29.03
N PHE C 367 11.25 -1.55 29.82
CA PHE C 367 12.37 -0.69 29.47
C PHE C 367 13.38 -1.41 28.59
N ALA C 368 13.59 -2.69 28.87
CA ALA C 368 14.57 -3.49 28.14
C ALA C 368 14.15 -3.72 26.68
N LEU C 369 12.84 -3.74 26.45
CA LEU C 369 12.31 -4.04 25.12
C LEU C 369 12.06 -2.77 24.30
N CYS C 370 12.24 -1.61 24.95
CA CYS C 370 11.97 -0.34 24.30
C CYS C 370 13.16 0.15 23.47
N GLY C 371 13.31 -0.42 22.27
CA GLY C 371 14.39 -0.05 21.37
C GLY C 371 14.38 -0.83 20.07
N PHE C 372 14.92 -0.23 19.02
CA PHE C 372 14.96 -0.86 17.70
C PHE C 372 16.15 -1.81 17.54
N ALA C 373 16.89 -2.01 18.62
CA ALA C 373 18.11 -2.81 18.56
C ALA C 373 17.83 -4.29 18.26
N ASN C 374 17.90 -4.64 16.98
CA ASN C 374 17.77 -6.03 16.57
C ASN C 374 18.62 -6.34 15.34
N LEU C 375 18.65 -7.61 14.94
CA LEU C 375 19.45 -8.03 13.80
C LEU C 375 18.89 -7.52 12.48
N GLY C 376 17.59 -7.23 12.46
CA GLY C 376 16.93 -6.77 11.25
C GLY C 376 17.06 -5.28 11.02
N SER C 377 17.36 -4.54 12.09
CA SER C 377 17.47 -3.09 12.00
C SER C 377 18.82 -2.67 11.41
N ILE C 378 19.74 -3.63 11.27
CA ILE C 378 21.03 -3.35 10.67
C ILE C 378 20.87 -2.91 9.22
N ALA C 379 20.08 -3.67 8.47
CA ALA C 379 19.84 -3.38 7.06
C ALA C 379 19.12 -2.06 6.87
N VAL C 380 18.25 -1.72 7.83
CA VAL C 380 17.52 -0.46 7.79
C VAL C 380 18.48 0.71 7.94
N LEU C 381 19.40 0.59 8.90
CA LEU C 381 20.45 1.59 9.09
C LEU C 381 21.29 1.70 7.83
N VAL C 382 21.78 0.57 7.33
CA VAL C 382 22.59 0.53 6.12
C VAL C 382 21.91 1.25 4.96
N GLY C 383 20.62 0.98 4.76
CA GLY C 383 19.86 1.59 3.69
C GLY C 383 19.74 3.10 3.80
N GLY C 384 19.12 3.57 4.88
CA GLY C 384 18.84 4.99 5.07
C GLY C 384 20.07 5.86 5.30
N LEU C 385 21.01 5.36 6.11
CA LEU C 385 22.20 6.13 6.45
C LEU C 385 23.13 6.25 5.24
N SER C 386 23.00 5.33 4.28
CA SER C 386 23.79 5.40 3.05
C SER C 386 23.25 6.46 2.11
N ILE C 387 21.93 6.63 2.10
CA ILE C 387 21.30 7.64 1.26
C ILE C 387 21.81 9.02 1.69
N MET C 388 22.12 9.17 2.96
CA MET C 388 22.69 10.41 3.49
C MET C 388 24.19 10.51 3.23
N ALA C 389 24.89 9.38 3.33
CA ALA C 389 26.33 9.34 3.10
C ALA C 389 26.74 8.03 2.46
N PRO C 390 26.70 7.96 1.12
CA PRO C 390 26.94 6.73 0.35
C PRO C 390 28.38 6.22 0.44
N LYS C 391 29.34 7.11 0.62
CA LYS C 391 30.73 6.71 0.72
C LYS C 391 31.01 6.02 2.04
N ARG C 392 30.12 6.19 3.01
CA ARG C 392 30.29 5.63 4.35
C ARG C 392 29.48 4.35 4.54
N ARG C 393 28.87 3.86 3.46
CA ARG C 393 28.02 2.68 3.54
C ARG C 393 28.78 1.46 4.01
N LYS C 394 30.05 1.35 3.61
CA LYS C 394 30.90 0.25 4.02
C LYS C 394 31.15 0.28 5.52
N ASP C 395 31.27 1.49 6.07
CA ASP C 395 31.52 1.65 7.50
C ASP C 395 30.27 1.33 8.33
N VAL C 396 29.10 1.67 7.79
CA VAL C 396 27.84 1.43 8.49
C VAL C 396 27.55 -0.05 8.62
N ALA C 397 27.72 -0.79 7.53
CA ALA C 397 27.47 -2.22 7.53
C ALA C 397 28.46 -2.96 8.41
N ARG C 398 29.69 -2.46 8.45
CA ARG C 398 30.75 -3.07 9.24
C ARG C 398 30.49 -2.94 10.74
N LEU C 399 29.91 -1.80 11.13
CA LEU C 399 29.65 -1.52 12.54
C LEU C 399 28.22 -1.91 12.93
N GLY C 400 27.57 -2.71 12.09
CA GLY C 400 26.19 -3.10 12.31
C GLY C 400 25.94 -3.88 13.59
N ILE C 401 26.62 -5.01 13.72
CA ILE C 401 26.43 -5.89 14.88
C ILE C 401 26.86 -5.23 16.18
N LYS C 402 27.99 -4.53 16.14
CA LYS C 402 28.52 -3.84 17.31
C LYS C 402 27.56 -2.76 17.79
N ALA C 403 26.84 -2.14 16.86
CA ALA C 403 25.87 -1.11 17.19
C ALA C 403 24.64 -1.72 17.85
N VAL C 404 24.24 -2.90 17.38
CA VAL C 404 23.12 -3.62 17.95
C VAL C 404 23.42 -3.98 19.41
N VAL C 405 24.67 -4.36 19.65
CA VAL C 405 25.12 -4.64 21.01
C VAL C 405 25.04 -3.40 21.88
N ALA C 406 25.49 -2.27 21.33
CA ALA C 406 25.47 -0.99 22.03
C ALA C 406 24.05 -0.58 22.41
N GLY C 407 23.14 -0.68 21.45
CA GLY C 407 21.75 -0.35 21.68
C GLY C 407 21.10 -1.27 22.70
N SER C 408 21.45 -2.55 22.63
CA SER C 408 20.91 -3.54 23.55
C SER C 408 21.34 -3.27 24.99
N LEU C 409 22.65 -3.02 25.17
CA LEU C 409 23.19 -2.73 26.48
C LEU C 409 22.58 -1.47 27.08
N SER C 410 22.24 -0.52 26.21
CA SER C 410 21.61 0.72 26.64
C SER C 410 20.22 0.47 27.18
N ASN C 411 19.45 -0.34 26.45
CA ASN C 411 18.11 -0.71 26.88
C ASN C 411 18.13 -1.52 28.17
N LEU C 412 19.16 -2.35 28.30
CA LEU C 412 19.34 -3.15 29.51
C LEU C 412 19.69 -2.27 30.70
N MET C 413 20.49 -1.23 30.45
CA MET C 413 20.89 -0.30 31.49
C MET C 413 19.68 0.43 32.06
N SER C 414 18.80 0.90 31.18
CA SER C 414 17.59 1.57 31.60
C SER C 414 16.63 0.61 32.29
N ALA C 415 16.78 -0.68 31.97
CA ALA C 415 15.97 -1.71 32.61
C ALA C 415 16.43 -1.96 34.04
N VAL C 416 17.75 -1.98 34.24
CA VAL C 416 18.33 -2.11 35.57
C VAL C 416 17.93 -0.93 36.44
N ILE C 417 18.06 0.27 35.87
CA ILE C 417 17.67 1.51 36.55
C ILE C 417 16.19 1.48 36.93
N ALA C 418 15.37 0.93 36.05
CA ALA C 418 13.94 0.80 36.28
C ALA C 418 13.63 -0.09 37.48
N GLY C 419 14.13 -1.33 37.43
CA GLY C 419 13.91 -2.29 38.49
C GLY C 419 14.45 -1.82 39.83
N LEU C 420 15.48 -0.98 39.77
CA LEU C 420 16.06 -0.40 40.97
C LEU C 420 15.13 0.64 41.60
N PHE C 421 14.64 1.56 40.77
CA PHE C 421 13.83 2.67 41.25
C PHE C 421 12.34 2.33 41.30
N THR C 422 12.01 1.05 41.22
CA THR C 422 10.63 0.62 41.30
C THR C 422 10.36 -0.13 42.60
N GLY C 423 9.39 0.37 43.36
CA GLY C 423 9.60 0.66 44.77
C GLY C 423 10.05 2.08 45.01
C09 6ZL D . 9.74 -26.63 4.39
C10 6ZL D . 9.89 -25.81 3.04
C11 6ZL D . 8.61 -25.57 2.16
C12 6ZL D . 8.73 -24.74 0.84
C13 6ZL D . 7.39 -24.61 0.04
C14 6ZL D . 7.54 -24.13 -1.43
C15 6ZL D . 6.22 -24.04 -2.24
C16 6ZL D . 6.36 -24.36 -3.75
C17 6ZL D . 5.13 -24.99 -4.39
C05 6ZL E . 11.95 -33.83 -12.14
C06 6ZL E . 13.38 -34.31 -12.46
C07 6ZL E . 14.13 -34.59 -11.14
C08 6ZL E . 14.74 -36.00 -11.20
C09 6ZL E . 15.38 -36.33 -9.83
C18 6ZL E . 16.88 -36.01 -9.87
O19 6ZL E . 17.63 -37.21 -10.00
C20 6ZL E . 18.55 -37.34 -11.09
O21 6ZL E . 19.04 -38.67 -11.16
C22 6ZL E . 19.94 -38.91 -12.25
C23 6ZL E . 20.37 -40.39 -12.25
O24 6ZL E . 19.22 -41.21 -12.41
C25 6ZL E . 21.19 -38.01 -12.09
O26 6ZL E . 22.05 -38.19 -13.21
C27 6ZL E . 21.64 -37.67 -14.47
O28 6ZL E . 21.98 -36.28 -14.56
C29 6ZL E . 23.37 -36.03 -14.40
C30 6ZL E . 23.62 -34.51 -14.45
O31 6ZL E . 25.01 -34.24 -14.26
C32 6ZL E . 24.17 -36.72 -15.52
O33 6ZL E . 25.57 -36.51 -15.32
C34 6ZL E . 23.86 -38.23 -15.51
O35 6ZL E . 24.52 -38.85 -16.62
C36 6ZL E . 22.34 -38.45 -15.60
O37 6ZL E . 22.05 -39.84 -15.48
C38 6ZL E . 20.75 -36.54 -12.02
O39 6ZL E . 21.89 -35.71 -11.76
C40 6ZL E . 19.72 -36.36 -10.88
O41 6ZL E . 19.24 -35.01 -10.89
C1 6ZL E . 11.31 -33.24 -13.42
C2 6ZL E . 9.98 -32.56 -13.06
C05 6ZL F . 16.76 -20.60 9.27
C06 6ZL F . 17.93 -21.14 10.11
C07 6ZL F . 19.22 -21.18 9.26
C08 6ZL F . 19.93 -22.54 9.47
C09 6ZL F . 20.96 -22.76 8.34
C18 6ZL F . 21.93 -21.57 8.31
O19 6ZL F . 21.29 -20.45 7.69
C20 6ZL F . 22.00 -19.76 6.65
O21 6ZL F . 22.74 -20.70 5.87
C22 6ZL F . 23.44 -20.12 4.78
C23 6ZL F . 24.17 -21.22 3.99
O24 6ZL F . 24.04 -22.47 4.68
C25 6ZL F . 24.48 -19.11 5.31
O26 6ZL F . 25.13 -18.47 4.21
C27 6ZL F . 26.19 -17.55 4.50
C38 6ZL F . 23.77 -18.04 6.17
O39 6ZL F . 24.75 -17.17 6.75
C40 6ZL F . 22.97 -18.74 7.29
O41 6ZL F . 22.21 -17.76 8.01
C1 6ZL F . 15.76 -19.88 10.18
C2 6ZL F . 15.01 -18.81 9.38
C3 6ZL F . 13.93 -18.15 10.27
C4 6ZL F . 13.82 -16.66 9.93
C05 6ZL G . 7.73 -34.35 -3.80
C06 6ZL G . 8.57 -35.42 -3.09
C07 6ZL G . 9.12 -34.87 -1.76
C08 6ZL G . 8.22 -35.36 -0.61
C09 6ZL G . 9.03 -35.32 0.71
C10 6ZL G . 9.51 -33.89 0.98
C11 6ZL G . 8.31 -32.92 0.87
C12 6ZL G . 8.78 -31.49 1.22
C13 6ZL G . 9.07 -30.71 -0.07
C14 6ZL G . 7.77 -30.56 -0.88
C15 6ZL G . 7.97 -29.47 -1.96
C16 6ZL G . 6.70 -29.38 -2.84
C17 6ZL G . 6.39 -27.91 -3.13
C18 6ZL G . 8.12 -35.79 1.86
O19 6ZL G . 8.69 -35.34 3.11
C20 6ZL G . 7.87 -35.44 4.28
O21 6ZL G . 7.94 -34.22 5.01
C22 6ZL G . 7.11 -34.21 6.18
C23 6ZL G . 7.23 -32.83 6.87
O24 6ZL G . 8.61 -32.54 7.13
C25 6ZL G . 7.58 -35.31 7.16
O26 6ZL G . 6.71 -35.34 8.29
C27 6ZL G . 6.92 -34.37 9.32
O28 6ZL G . 5.93 -33.33 9.20
C29 6ZL G . 6.08 -32.25 10.13
C30 6ZL G . 7.29 -31.38 9.71
O31 6ZL G . 8.50 -32.01 10.13
C32 6ZL G . 6.30 -32.74 11.58
O33 6ZL G . 5.44 -32.01 12.46
C34 6ZL G . 5.99 -34.25 11.73
O35 6ZL G . 6.31 -34.68 13.05
C36 6ZL G . 6.83 -35.06 10.70
O37 6ZL G . 6.23 -36.35 10.54
C38 6ZL G . 7.54 -36.67 6.45
O39 6ZL G . 8.08 -37.67 7.31
C40 6ZL G . 8.38 -36.60 5.15
O41 6ZL G . 8.24 -37.84 4.44
C42 6ZL G . 10.24 -36.26 0.59
O43 6ZL G . 9.85 -37.49 -0.01
C44 6ZL G . 10.70 -38.63 0.13
O45 6ZL G . 10.07 -39.77 -0.46
C46 6ZL G . 10.88 -40.96 -0.45
C47 6ZL G . 10.00 -42.16 -0.83
O48 6ZL G . 9.15 -42.50 0.26
C49 6ZL G . 11.52 -41.24 0.94
O50 6ZL G . 12.92 -40.99 0.87
C62 6ZL G . 10.90 -40.35 2.05
O63 6ZL G . 9.53 -40.71 2.23
C64 6ZL G . 10.99 -38.85 1.63
O65 6ZL G . 12.30 -38.36 1.95
C1 6ZL G . 7.27 -34.86 -5.17
C2 6ZL G . 6.38 -33.80 -5.85
C3 6ZL G . 5.73 -34.41 -7.11
C4 6ZL G . 4.30 -33.86 -7.27
N1 URI H . 2.00 -12.21 -11.46
C2 URI H . 3.37 -12.29 -11.67
N3 URI H . 4.10 -12.79 -10.61
C4 URI H . 3.61 -13.20 -9.40
C5 URI H . 2.19 -13.09 -9.24
C6 URI H . 1.46 -12.61 -10.26
O2 URI H . 3.90 -11.95 -12.71
O4 URI H . 4.39 -13.63 -8.54
C1' URI H . 1.15 -11.69 -12.55
C2' URI H . 0.95 -12.69 -13.68
C3' URI H . -0.37 -13.33 -13.27
C4' URI H . -1.14 -12.16 -12.69
O2' URI H . 0.82 -11.97 -14.90
O3' URI H . -1.06 -13.96 -14.35
O4' URI H . -0.12 -11.37 -12.01
C5' URI H . -2.24 -12.51 -11.71
O5' URI H . -1.78 -13.40 -10.71
NA NA I . 6.64 -19.52 -12.27
C18 6ZL J . -28.11 8.99 -22.59
O19 6ZL J . -28.91 7.81 -22.53
C20 6ZL J . -28.39 6.66 -21.87
O21 6ZL J . -28.50 5.53 -22.74
C22 6ZL J . -28.71 4.29 -22.05
C23 6ZL J . -28.53 3.12 -23.03
O24 6ZL J . -29.72 2.98 -23.82
C25 6ZL J . -30.13 4.27 -21.47
O26 6ZL J . -30.21 3.29 -20.42
C27 6ZL J . -31.46 2.63 -20.20
O28 6ZL J . -32.52 3.58 -20.33
C29 6ZL J . -33.83 3.06 -20.05
C30 6ZL J . -33.98 2.88 -18.53
O31 6ZL J . -32.82 3.38 -17.87
C32 6ZL J . -34.09 1.71 -20.75
O33 6ZL J . -35.38 1.74 -21.38
C34 6ZL J . -33.03 1.40 -21.82
O35 6ZL J . -33.25 0.09 -22.35
C36 6ZL J . -31.61 1.47 -21.21
O37 6ZL J . -30.65 1.63 -22.25
C38 6ZL J . -30.48 5.65 -20.90
O39 6ZL J . -31.23 6.39 -21.86
C40 6ZL J . -29.18 6.41 -20.57
O41 6ZL J . -28.38 5.63 -19.68
C05 6ZL K . -19.61 21.96 -26.58
C06 6ZL K . -19.78 20.64 -27.36
C07 6ZL K . -20.47 20.93 -28.70
C08 6ZL K . -20.05 19.86 -29.72
C09 6ZL K . -20.31 20.39 -31.15
C18 6ZL K . -20.12 19.27 -32.18
O19 6ZL K . -18.75 19.19 -32.57
C20 6ZL K . -18.40 18.28 -33.62
O21 6ZL K . -18.45 16.94 -33.11
C22 6ZL K . -18.16 15.94 -34.09
C25 6ZL K . -16.74 16.14 -34.65
O26 6ZL K . -16.49 15.18 -35.68
C38 6ZL K . -16.63 17.57 -35.23
O39 6ZL K . -15.29 17.79 -35.68
C40 6ZL K . -17.00 18.59 -34.15
O41 6ZL K . -16.97 19.90 -34.69
C42 6ZL K . -19.37 21.57 -31.44
O43 6ZL K . -19.58 22.03 -32.78
C44 6ZL K . -18.46 22.59 -33.45
O45 6ZL K . -17.31 21.76 -33.18
C46 6ZL K . -16.04 22.36 -33.46
C47 6ZL K . -14.93 21.36 -33.07
O48 6ZL K . -15.54 20.18 -32.52
C49 6ZL K . -15.82 23.68 -32.69
O50 6ZL K . -15.38 24.69 -33.61
C51 6ZL K . -14.32 24.38 -34.51
O52 6ZL K . -13.93 25.57 -35.19
C53 6ZL K . -12.91 25.36 -36.18
C54 6ZL K . -13.41 24.33 -37.21
O55 6ZL K . -14.84 24.25 -37.15
C56 6ZL K . -11.64 24.84 -35.49
O57 6ZL K . -11.13 25.86 -34.62
C58 6ZL K . -11.95 23.58 -34.68
O59 6ZL K . -12.30 22.51 -35.56
C60 6ZL K . -13.11 23.85 -33.72
O61 6ZL K . -12.71 24.83 -32.75
C62 6ZL K . -17.10 24.17 -31.99
O63 6ZL K . -17.36 23.35 -30.85
C64 6ZL K . -18.28 24.05 -32.98
O65 6ZL K . -18.02 24.88 -34.12
C05 6ZL L . -18.11 6.39 -18.79
C06 6ZL L . -19.40 5.91 -19.48
C07 6ZL L . -19.25 4.42 -19.85
C08 6ZL L . -20.65 3.82 -20.13
C09 6ZL L . -20.59 2.30 -19.92
C18 6ZL L . -21.81 1.65 -20.58
O19 6ZL L . -22.95 1.79 -19.71
C20 6ZL L . -24.02 0.84 -19.86
O21 6ZL L . -24.77 1.14 -21.03
C22 6ZL L . -25.78 0.18 -21.31
C23 6ZL L . -26.48 0.54 -22.63
O24 6ZL L . -25.50 0.89 -23.60
C25 6ZL L . -26.81 0.15 -20.16
O26 6ZL L . -27.78 -0.88 -20.45
C27 6ZL L . -28.52 -1.57 -19.42
O28 6ZL L . -27.63 -2.28 -18.53
C29 6ZL L . -28.26 -3.11 -17.55
C30 6ZL L . -28.73 -4.42 -18.19
O31 6ZL L . -28.57 -5.49 -17.26
C32 6ZL L . -29.48 -2.41 -16.86
O33 6ZL L . -29.42 -2.64 -15.45
C34 6ZL L . -29.47 -0.89 -17.13
O35 6ZL L . -30.63 -0.31 -16.54
C36 6ZL L . -29.47 -0.63 -18.66
O37 6ZL L . -29.12 0.74 -18.89
C38 6ZL L . -26.10 -0.08 -18.81
O39 6ZL L . -27.04 0.11 -17.76
C40 6ZL L . -24.95 0.92 -18.64
O41 6ZL L . -24.20 0.59 -17.47
C1 6ZL L . -18.49 7.30 -17.60
C2 6ZL L . -17.36 8.31 -17.34
C3 6ZL L . -17.43 8.79 -15.89
C4 6ZL L . -16.46 9.97 -15.67
N1 URI M . -5.95 14.73 -5.55
C2 URI M . -5.29 14.96 -6.74
N3 URI M . -5.67 14.13 -7.79
C4 URI M . -6.60 13.12 -7.74
C5 URI M . -7.22 12.93 -6.46
C6 URI M . -6.87 13.73 -5.44
O2 URI M . -4.46 15.84 -6.89
O4 URI M . -6.83 12.46 -8.75
C1' URI M . -5.58 15.58 -4.38
C2' URI M . -6.21 16.96 -4.46
C3' URI M . -7.48 16.77 -3.64
C4' URI M . -7.02 15.82 -2.55
O2' URI M . -5.34 17.89 -3.84
O3' URI M . -8.02 17.97 -3.13
O4' URI M . -6.07 14.95 -3.21
C5' URI M . -8.10 14.99 -1.91
O5' URI M . -8.85 14.27 -2.87
NA NA N . -10.01 17.66 -12.74
C05 6ZL O . 3.06 15.57 21.45
C06 6ZL O . 2.57 16.93 20.91
C07 6ZL O . 2.12 17.83 22.08
C08 6ZL O . 0.60 18.07 21.98
C09 6ZL O . 0.21 19.22 22.93
C18 6ZL O . -1.03 18.82 23.74
O19 6ZL O . -2.22 19.21 23.05
C20 6ZL O . -3.33 19.66 23.83
O21 6ZL O . -2.87 20.41 24.95
C22 6ZL O . -3.91 20.95 25.76
C23 6ZL O . -3.30 21.78 26.91
O24 6ZL O . -3.32 23.16 26.56
C25 6ZL O . -4.75 19.79 26.35
O26 6ZL O . -5.83 20.33 27.12
C27 6ZL O . -6.68 19.41 27.81
O28 6ZL O . -6.95 19.91 29.12
C29 6ZL O . -7.76 19.03 29.92
C30 6ZL O . -7.04 17.68 30.07
O31 6ZL O . -6.45 17.58 31.36
C32 6ZL O . -9.13 18.84 29.25
O33 6ZL O . -9.83 20.08 29.24
C34 6ZL O . -8.96 18.33 27.80
O35 6ZL O . -8.40 17.01 27.82
C36 6ZL O . -8.01 19.27 27.04
O37 6ZL O . -8.62 20.56 26.90
C38 6ZL O . -5.29 18.92 25.22
O39 6ZL O . -5.97 17.78 25.77
C40 6ZL O . -4.13 18.44 24.33
O41 6ZL O . -4.65 17.72 23.21
C1 6ZL O . 4.09 14.97 20.49
C2 6ZL O . 4.40 13.52 20.91
C3 6ZL O . 5.84 13.16 20.49
C4 6ZL O . 6.41 12.10 21.45
C05 6ZL P . 3.80 16.91 27.34
C06 6ZL P . 3.25 18.33 27.53
C07 6ZL P . 3.32 18.72 29.01
C08 6ZL P . 3.01 20.23 29.16
C09 6ZL P . 2.57 20.53 30.60
C10 6ZL P . 3.77 20.42 31.57
C11 6ZL P . 4.17 18.95 31.73
C12 6ZL P . 5.45 18.67 30.92
C13 6ZL P . 5.93 17.23 31.19
C14 6ZL P . 7.41 17.10 30.78
C15 6ZL P . 7.90 15.67 31.08
C16 6ZL P . 9.35 15.51 30.59
C17 6ZL P . 9.90 14.15 31.04
C18 6ZL P . 1.47 19.53 31.03
O19 6ZL P . 0.51 20.21 31.86
C20 6ZL P . -0.72 20.63 31.25
O21 6ZL P . -1.06 21.93 31.74
C22 6ZL P . -2.26 22.46 31.16
C23 6ZL P . -2.51 23.86 31.71
O24 6ZL P . -2.02 23.96 33.05
C25 6ZL P . -3.46 21.54 31.51
O26 6ZL P . -4.64 22.03 30.89
C38 6ZL P . -3.17 20.11 31.02
O39 6ZL P . -4.22 19.24 31.45
C40 6ZL P . -1.83 19.62 31.62
O41 6ZL P . -1.51 18.34 31.07
C1 6ZL P . 5.06 16.96 26.45
C2 6ZL P . 5.23 15.60 25.75
C3 6ZL P . 6.74 15.35 25.48
C4 6ZL P . 7.06 13.86 25.68
N1 URI Q . 11.84 1.22 11.89
C2 URI Q . 12.63 2.30 11.55
N3 URI Q . 12.07 3.53 11.76
C4 URI Q . 10.81 3.80 12.26
C5 URI Q . 10.04 2.64 12.59
C6 URI Q . 10.56 1.41 12.39
O2 URI Q . 13.76 2.18 11.10
O4 URI Q . 10.44 4.96 12.39
C1' URI Q . 12.39 -0.13 11.69
C2' URI Q . 13.32 -0.55 12.82
C3' URI Q . 12.39 -1.33 13.72
C4' URI Q . 11.46 -2.02 12.73
O2' URI Q . 14.32 -1.41 12.27
O3' URI Q . 13.05 -2.24 14.59
O4' URI Q . 11.32 -1.05 11.66
C5' URI Q . 10.10 -2.41 13.26
O5' URI Q . 9.44 -1.30 13.84
NA NA R . 14.93 7.05 17.65
#